data_9DUT
#
_entry.id   9DUT
#
_cell.length_a   1.00
_cell.length_b   1.00
_cell.length_c   1.00
_cell.angle_alpha   90.00
_cell.angle_beta   90.00
_cell.angle_gamma   90.00
#
_symmetry.space_group_name_H-M   'P 1'
#
loop_
_entity.id
_entity.type
_entity.pdbx_description
1 polymer 'RNA-directed RNA polymerase L'
2 polymer Phosphoprotein
3 polymer 'Protein C'
#
loop_
_entity_poly.entity_id
_entity_poly.type
_entity_poly.pdbx_seq_one_letter_code
_entity_poly.pdbx_strand_id
1 'polypeptide(L)'
;MDSLSVNQILYPEVHLDSPIVTNKIVAILEYARVPHAYSLEDPTLCQNIKHRLKNGFSNQMIINNVEVGNVIKSKLRSYP
AHSHIPYPNCNQDLFNIEDKESTRKIRELLKKGNSLYSKVSDKVFQCLRDTNSRLGLGSELREDIKEKVINLGVYMHSSQ
WFEPFLFWFTVKTEMRSVIKSQTHTCHRRRHTPVFFTGSSVELLISRDLVAIISKESQHVYYLTFELVLMYCDVIEGRLM
TETAMTIDARYTELLGRVRYMWKLIDGFFPALGNPTYQIVAMLEPLSLAYLQLRDITVELRGAFLNHCFTEIHDVLDQNG
FSDEGTYHELIEALDYIFITDDIHLTGEIFSFFRSFGHPRLEAVTAAENVRKYMNQPKVIVYETLMKGHAIFCGIIINGY
RDRHGGSWPPLTLPLHAADTIRNAQASGDGLTHEQCVDNWKSFAGVKFGCFMPLSLDSDLTMYLKDKALAALQREWDSVY
PKEFLRYDPPKGTGSRRLVDVFLNDSSFDPYDVIMYVVSGAYLHDPEFNLSYSLKEKEIKETGRLFAKMTYKMRACQVIA
ENLISNGIGKYFKDNGMAKDEHDLTKALHTLAVSGVPKDLKESHRGGPVLKTYSRSPVHTSTRNVRAAKGFIGFPQVIRQ
DQDTDHPENMEAYETVSAFITTDLKKYCLNWRYETISLFAQRLNEIYGLPSFFQWLHKRLETSVLYVSDPHCPPDLDAHI
PLYKVPNDQIFIKYPMGGIEGYCQKLWTISTIPYLYLAAYESGVRIASLVQGDNQTIAVTKRVPSTWPYNLKKREAARVT
RDYFVILRQRLHDIGHHLKANETIVSSHFFVYSKGIYYDGLLVSQSLKSIARCVFWSETIVDETRAACSNIATTMAKSIE
RGYDRYLAYSLNVLKVIQQILISLGFTINSTMTRDVVIPLLTNNDLLIRMALLPAPIGGMNYLNMSRLFVRNIGDPVTSS
IADLKRMILASLMPEETLHQVMTQQPGDSSFLDWASDPYSANLVCVQSITRLLKNITARFVLIHSPNPMLKGLFHDDSKE
EDEGLAAFLMDRHIIVPRAAHEILDHSVTGARESIAGMLDTTKGLIRASMRKGGLTSRVITRLSNYDYEQFRAGMVLLTG
RKRNVLIDKESCSVQLARALRSHMWARLARGRPIYGLEVPDVLESMRGHLIRRHETCVICECGSVNYGWFFVPSGCQLDD
IDKETSSLRVPYIGSTTDERTDMKLAFVRAPSRSLRSAVRIATVYSWAYGDDDSSWNEAWLLARQRANVSLEELRVITPI
STSTNLAHRLRDRSTQVKYSGTSLVRVARYTTISNDNLSFVISDKKVDTNFIYQQGMLLGLGVLETLFRLEKDTGSSNTV
LHLHVETDCCVIPMIDHPRIPSSRKLELRAELCTNPLIYDNAPLIDRDATRLYTQSHRRHLVEFVTWSTPQLYHILAKST
ALSMIDLVTKFEKDHMNEISALIGDDDINSFITEFLLIEPRLFTIYLGQCAAINWAFDVHYHRPSGKYQMGELLSSFLSR
MSKGVFKVLVNALSHPKIYKKFWHCGIIEPIHGPSLDAQNLHTTVCNMVYTCYMTYLDLLLNEELEEFTFLLCESDEDVV
PDRFDNIQAKHLCVLADLYCQPGTCPPIQGLRPVEKCAVLTDHIKAEAMLSPAGSSWNINPIIVDHYSCSLTYLRRGSIK
QIRLRVDPGFIFDALAEVNVSQPKIGSNNISNMSIKAFRPPHDDVAKLLKDINTSKHNLPISGGNLANYEIHAFRRIGLN
SSACYKAVEISTLIRRCLEPGEDGLFLGEGSGSMLITYKEILKLSKCFYNSGVSANSRSGQRELAPYPSEVGLVEHRMGV
GNIVKVLFNGRPEVTWVGSVDCFNFIVSNIPTSSVGFIHSDIETLPDKDTIEKLEELAAILSMALLLGKIGSILVIKLMP
FSGDFVQGFISYVGSHYREVNLVYPRYSNFISTESYLVMTDLKANRLMNPEKIKQQIIESSVRTSPGLIGHILSIKQLSC
IQAIVGDAVSRGDINPTLKKLTPIEQVLINCGLAINGPKLCKELIHHDVASGQDGLLNSILILYRELARFKDNQRSQQGM
FHAYPVLVSSRQRELISRITRKFWGHILLYSGNRKLINKFIQNLKSGYLILDLHQNIFVKNLSKSEKQIIMTGGLKREWV
FKVTVKETKEWYKLVGYSALIKD
;
A
2 'polypeptide(L)'
;MAEEQARHVKNGLECIRALKAEPIGSLAIEEAMAAWSEISDNPGQERATCREEKAGSSGLSKPCLSAIGSTEGGAPRIRG
QGPGESDDDAETLGIPPRNLQASSTGLQCHYVYDHSGEAVKGIQDADSIMVQSGLDGDSTLSGGDNESENSDVDIGEPDT
EGYAITDRGSAPISMGFRASDVETAEGGEIHELLRLQSRGNNFPKLGKTLNVPPPPDPGRASTSGTPIKKGTDARLASFG
TEIASSLTGGATQCARKSPSEPSGPGAPAGNVPECVSNAALIQEWTPESGTTISPRSQNNEEGGDHYDDELFSDVQDIKT
ALAKIHEDNQKIISKLESLLLLKGEVESIKKQINRQNISISTLEGHLSSIMIAIPGLGKDPNDPTADVEINPDLKPIIGR
DSGRALAEVLKKPVASRQLQGMTNGRTSSRGQLLKEFQLKPIGKKMSSAVGFVPDTGPASRSVIRSIIKSSRLEEDRKRY
LMTLLDDIKGANDLAKFHQMLMKIIMKSG
;
B,C,D,E
3 'polypeptide(L)'
;MSKTDWNASGLSRPSPSAHWPSRKLWQHGQKYQTTQDRSEPPAGKRRQAVRVSANHASQQLDQLKAVHLASAVRDLERAM
TTLKLWESPQEISRHQALGYSVIMFMITAVKRLRESKMLTLSWFNQALMVIAPSQEETMNLKTAMWILANLIPRDMLSLT
GDLLPSLWGSGLLMLKLQKEGRSTSS
;
F,G
#
# COMPACT_ATOMS: atom_id res chain seq x y z
N ASN A 7 -37.36 -21.95 16.52
CA ASN A 7 -36.48 -22.32 17.61
C ASN A 7 -36.34 -21.19 18.62
N GLN A 8 -37.21 -20.19 18.47
CA GLN A 8 -37.43 -19.03 19.34
C GLN A 8 -36.29 -18.01 19.30
N ILE A 9 -35.20 -18.33 18.60
CA ILE A 9 -34.10 -17.40 18.44
C ILE A 9 -33.73 -17.18 16.98
N LEU A 10 -33.99 -18.12 16.07
CA LEU A 10 -33.80 -17.87 14.66
C LEU A 10 -34.96 -17.06 14.10
N TYR A 11 -34.66 -16.30 13.06
CA TYR A 11 -35.65 -15.49 12.36
C TYR A 11 -35.61 -15.85 10.89
N PRO A 12 -36.73 -15.68 10.17
CA PRO A 12 -36.73 -15.92 8.73
C PRO A 12 -35.81 -14.95 8.01
N GLU A 13 -35.28 -15.40 6.87
CA GLU A 13 -34.20 -14.69 6.19
C GLU A 13 -34.64 -13.34 5.64
N VAL A 14 -33.74 -12.37 5.74
CA VAL A 14 -34.06 -10.99 5.39
C VAL A 14 -33.78 -10.73 3.91
N HIS A 15 -32.68 -11.26 3.38
CA HIS A 15 -32.28 -11.04 2.01
C HIS A 15 -32.28 -12.36 1.26
N LEU A 16 -32.10 -12.27 -0.06
CA LEU A 16 -32.19 -13.45 -0.91
C LEU A 16 -30.88 -14.24 -0.85
N ASP A 17 -31.00 -15.56 -0.67
CA ASP A 17 -29.84 -16.44 -0.62
C ASP A 17 -30.05 -17.75 -1.37
N SER A 18 -31.04 -17.82 -2.25
CA SER A 18 -31.41 -19.05 -2.93
C SER A 18 -31.83 -18.71 -4.35
N PRO A 19 -31.73 -19.67 -5.28
CA PRO A 19 -32.18 -19.43 -6.66
C PRO A 19 -33.70 -19.37 -6.77
N ILE A 20 -34.15 -18.91 -7.92
CA ILE A 20 -35.57 -18.84 -8.26
C ILE A 20 -35.90 -20.02 -9.15
N VAL A 21 -36.81 -20.88 -8.69
CA VAL A 21 -37.19 -22.09 -9.40
C VAL A 21 -38.66 -21.97 -9.80
N THR A 22 -38.95 -22.28 -11.07
CA THR A 22 -40.31 -22.28 -11.57
C THR A 22 -41.15 -23.36 -10.90
N ASN A 23 -40.53 -24.52 -10.67
CA ASN A 23 -41.24 -25.72 -10.21
C ASN A 23 -41.81 -25.55 -8.81
N LYS A 24 -41.18 -24.73 -7.96
CA LYS A 24 -41.72 -24.45 -6.64
C LYS A 24 -43.04 -23.69 -6.73
N ILE A 25 -43.09 -22.67 -7.59
CA ILE A 25 -44.31 -21.88 -7.78
C ILE A 25 -45.41 -22.74 -8.39
N VAL A 26 -45.03 -23.58 -9.37
CA VAL A 26 -46.00 -24.47 -10.01
C VAL A 26 -46.53 -25.51 -9.01
N ALA A 27 -45.67 -25.99 -8.11
CA ALA A 27 -46.10 -26.97 -7.11
C ALA A 27 -47.07 -26.36 -6.10
N ILE A 28 -46.78 -25.13 -5.65
CA ILE A 28 -47.70 -24.44 -4.73
C ILE A 28 -49.04 -24.15 -5.41
N LEU A 29 -49.01 -23.70 -6.68
CA LEU A 29 -50.26 -23.39 -7.35
C LEU A 29 -51.03 -24.64 -7.78
N GLU A 30 -50.38 -25.79 -7.90
CA GLU A 30 -51.09 -27.02 -8.22
C GLU A 30 -51.65 -27.71 -6.99
N TYR A 31 -50.99 -27.59 -5.83
CA TYR A 31 -51.63 -27.97 -4.58
C TYR A 31 -52.80 -27.04 -4.24
N ALA A 32 -52.66 -25.74 -4.52
CA ALA A 32 -53.73 -24.81 -4.23
C ALA A 32 -54.89 -24.88 -5.23
N ARG A 33 -54.71 -25.64 -6.32
CA ARG A 33 -55.70 -25.82 -7.40
C ARG A 33 -56.08 -24.51 -8.10
N VAL A 34 -55.20 -23.52 -8.05
CA VAL A 34 -55.41 -22.24 -8.72
C VAL A 34 -54.82 -22.32 -10.11
N PRO A 35 -55.54 -21.92 -11.15
CA PRO A 35 -54.99 -21.95 -12.51
C PRO A 35 -53.85 -20.94 -12.68
N HIS A 36 -52.92 -21.30 -13.58
CA HIS A 36 -51.71 -20.52 -13.76
C HIS A 36 -51.28 -20.59 -15.22
N ALA A 37 -50.41 -19.66 -15.61
CA ALA A 37 -49.95 -19.54 -16.98
C ALA A 37 -48.54 -20.07 -17.19
N TYR A 38 -47.94 -20.69 -16.18
CA TYR A 38 -46.60 -21.23 -16.32
C TYR A 38 -46.61 -22.48 -17.19
N SER A 39 -45.57 -22.62 -18.01
CA SER A 39 -45.36 -23.80 -18.82
C SER A 39 -43.96 -24.34 -18.52
N LEU A 40 -43.91 -25.62 -18.16
CA LEU A 40 -42.65 -26.27 -17.77
C LEU A 40 -42.01 -26.94 -18.97
N GLU A 41 -40.67 -26.87 -19.02
CA GLU A 41 -39.94 -27.63 -20.03
C GLU A 41 -40.02 -29.12 -19.77
N ASP A 42 -39.96 -29.53 -18.50
CA ASP A 42 -40.20 -30.91 -18.11
C ASP A 42 -41.58 -31.04 -17.46
N PRO A 43 -42.54 -31.72 -18.10
CA PRO A 43 -43.91 -31.76 -17.57
C PRO A 43 -44.12 -32.76 -16.43
N THR A 44 -43.07 -33.35 -15.86
CA THR A 44 -43.25 -34.45 -14.92
C THR A 44 -43.87 -34.00 -13.60
N LEU A 45 -43.59 -32.77 -13.15
CA LEU A 45 -44.26 -32.26 -11.96
C LEU A 45 -45.71 -31.90 -12.27
N CYS A 46 -46.04 -31.69 -13.54
CA CYS A 46 -47.43 -31.55 -13.96
C CYS A 46 -48.11 -32.89 -14.17
N GLN A 47 -47.44 -33.99 -13.84
CA GLN A 47 -48.06 -35.30 -13.89
C GLN A 47 -48.12 -35.96 -12.52
N ASN A 48 -46.99 -35.99 -11.80
CA ASN A 48 -46.86 -36.73 -10.54
C ASN A 48 -47.84 -36.21 -9.49
N ILE A 49 -47.94 -34.89 -9.37
CA ILE A 49 -48.90 -34.24 -8.47
C ILE A 49 -50.32 -34.68 -8.79
N LYS A 50 -50.67 -34.70 -10.09
CA LYS A 50 -51.98 -35.17 -10.52
C LYS A 50 -52.18 -36.63 -10.16
N HIS A 51 -51.13 -37.44 -10.32
CA HIS A 51 -51.16 -38.83 -9.91
C HIS A 51 -51.41 -38.94 -8.41
N ARG A 52 -50.75 -38.07 -7.62
CA ARG A 52 -50.98 -38.06 -6.18
C ARG A 52 -52.40 -37.62 -5.89
N LEU A 53 -52.91 -36.65 -6.67
CA LEU A 53 -54.28 -36.21 -6.48
C LEU A 53 -55.27 -37.23 -7.00
N LYS A 54 -54.82 -38.19 -7.81
CA LYS A 54 -55.69 -39.29 -8.16
C LYS A 54 -55.76 -40.31 -7.03
N ASN A 55 -54.71 -40.40 -6.22
CA ASN A 55 -54.63 -41.42 -5.19
C ASN A 55 -55.24 -40.99 -3.87
N GLY A 56 -55.65 -39.74 -3.73
CA GLY A 56 -56.13 -39.25 -2.46
C GLY A 56 -55.05 -38.90 -1.47
N PHE A 57 -53.84 -38.61 -1.95
CA PHE A 57 -52.74 -38.30 -1.06
C PHE A 57 -52.91 -36.90 -0.48
N SER A 58 -52.76 -36.80 0.85
CA SER A 58 -52.86 -35.52 1.53
C SER A 58 -52.00 -35.57 2.78
N ASN A 59 -51.53 -34.40 3.19
CA ASN A 59 -50.75 -34.26 4.41
C ASN A 59 -51.04 -32.88 5.00
N GLN A 60 -50.22 -32.46 5.96
CA GLN A 60 -50.44 -31.19 6.64
C GLN A 60 -50.22 -30.00 5.70
N MET A 61 -49.36 -30.15 4.69
CA MET A 61 -48.98 -29.03 3.84
C MET A 61 -49.84 -28.90 2.60
N ILE A 62 -50.45 -29.99 2.12
CA ILE A 62 -51.42 -29.88 1.03
C ILE A 62 -52.66 -29.12 1.50
N ILE A 63 -53.15 -29.44 2.70
CA ILE A 63 -54.10 -28.57 3.38
C ILE A 63 -53.38 -27.28 3.76
N ASN A 64 -54.15 -26.19 3.87
CA ASN A 64 -53.79 -24.78 4.02
C ASN A 64 -53.21 -24.17 2.74
N ASN A 65 -53.12 -24.93 1.65
CA ASN A 65 -53.12 -24.34 0.31
C ASN A 65 -54.48 -24.46 -0.37
N VAL A 66 -55.30 -25.43 0.04
CA VAL A 66 -56.65 -25.55 -0.48
C VAL A 66 -57.51 -24.38 -0.01
N GLU A 67 -57.39 -24.01 1.27
CA GLU A 67 -58.14 -22.88 1.81
C GLU A 67 -57.71 -21.57 1.18
N VAL A 68 -56.40 -21.38 0.99
CA VAL A 68 -55.88 -20.18 0.33
C VAL A 68 -56.37 -20.12 -1.11
N GLY A 69 -56.41 -21.28 -1.78
CA GLY A 69 -56.96 -21.33 -3.14
C GLY A 69 -58.44 -21.00 -3.19
N ASN A 70 -59.19 -21.40 -2.17
CA ASN A 70 -60.61 -21.04 -2.09
C ASN A 70 -60.79 -19.54 -1.89
N VAL A 71 -59.94 -18.92 -1.06
CA VAL A 71 -60.02 -17.45 -0.89
C VAL A 71 -59.66 -16.73 -2.19
N ILE A 72 -58.65 -17.24 -2.92
CA ILE A 72 -58.26 -16.64 -4.20
C ILE A 72 -59.38 -16.77 -5.23
N LYS A 73 -60.03 -17.93 -5.31
CA LYS A 73 -61.14 -18.09 -6.24
C LYS A 73 -62.35 -17.26 -5.84
N SER A 74 -62.60 -17.09 -4.53
CA SER A 74 -63.69 -16.25 -4.06
C SER A 74 -63.45 -14.79 -4.42
N LYS A 75 -62.19 -14.34 -4.37
CA LYS A 75 -61.90 -12.97 -4.80
C LYS A 75 -61.93 -12.83 -6.31
N LEU A 76 -61.52 -13.87 -7.05
CA LEU A 76 -61.49 -13.80 -8.50
C LEU A 76 -62.86 -13.98 -9.13
N ARG A 77 -63.87 -14.43 -8.38
CA ARG A 77 -65.24 -14.32 -8.88
C ARG A 77 -65.71 -12.88 -8.98
N SER A 78 -65.12 -11.96 -8.22
CA SER A 78 -65.52 -10.55 -8.29
C SER A 78 -64.99 -9.89 -9.55
N TYR A 79 -63.76 -10.22 -9.96
CA TYR A 79 -63.16 -9.63 -11.16
C TYR A 79 -63.34 -10.59 -12.32
N PRO A 80 -64.16 -10.25 -13.33
CA PRO A 80 -64.48 -11.24 -14.37
C PRO A 80 -63.34 -11.53 -15.33
N ALA A 81 -62.67 -10.50 -15.85
CA ALA A 81 -61.62 -10.70 -16.84
C ALA A 81 -60.24 -10.66 -16.16
N HIS A 82 -59.95 -11.74 -15.45
CA HIS A 82 -58.70 -11.85 -14.72
C HIS A 82 -57.71 -12.71 -15.50
N SER A 83 -56.45 -12.28 -15.51
CA SER A 83 -55.39 -13.00 -16.20
C SER A 83 -54.15 -13.04 -15.34
N HIS A 84 -53.63 -14.23 -15.10
CA HIS A 84 -52.38 -14.39 -14.36
C HIS A 84 -51.19 -14.08 -15.26
N ILE A 85 -50.26 -13.30 -14.74
CA ILE A 85 -49.04 -12.93 -15.46
C ILE A 85 -47.87 -13.65 -14.80
N PRO A 86 -46.98 -14.27 -15.56
CA PRO A 86 -45.81 -14.94 -14.97
C PRO A 86 -44.83 -13.95 -14.36
N TYR A 87 -43.83 -14.49 -13.67
CA TYR A 87 -42.89 -13.67 -12.92
C TYR A 87 -42.05 -12.71 -13.77
N PRO A 88 -41.41 -13.10 -14.89
CA PRO A 88 -40.65 -12.06 -15.62
C PRO A 88 -41.54 -11.07 -16.34
N ASN A 89 -42.63 -11.55 -16.95
CA ASN A 89 -43.51 -10.71 -17.77
C ASN A 89 -44.23 -9.64 -16.98
N CYS A 90 -44.24 -9.73 -15.65
CA CYS A 90 -44.90 -8.75 -14.81
C CYS A 90 -43.93 -7.79 -14.12
N ASN A 91 -42.63 -7.87 -14.42
CA ASN A 91 -41.60 -7.23 -13.59
C ASN A 91 -41.79 -5.73 -13.45
N GLN A 92 -42.04 -5.01 -14.56
CA GLN A 92 -42.19 -3.55 -14.48
C GLN A 92 -43.42 -3.17 -13.66
N ASP A 93 -44.49 -3.97 -13.72
CA ASP A 93 -45.64 -3.72 -12.87
C ASP A 93 -45.27 -3.91 -11.41
N LEU A 94 -44.53 -4.98 -11.11
CA LEU A 94 -44.05 -5.15 -9.76
C LEU A 94 -42.84 -4.28 -9.47
N PHE A 95 -42.29 -3.60 -10.49
CA PHE A 95 -41.34 -2.54 -10.25
C PHE A 95 -42.02 -1.20 -10.04
N ASN A 96 -43.27 -1.05 -10.50
CA ASN A 96 -44.03 0.18 -10.31
C ASN A 96 -45.41 -0.19 -9.75
N ILE A 97 -45.47 -0.38 -8.44
CA ILE A 97 -46.72 -0.72 -7.75
C ILE A 97 -46.77 0.07 -6.45
N GLU A 98 -47.94 0.59 -6.13
CA GLU A 98 -48.11 1.41 -4.94
C GLU A 98 -49.52 1.23 -4.40
N ASP A 99 -49.67 1.53 -3.10
CA ASP A 99 -50.98 1.51 -2.45
C ASP A 99 -50.89 2.41 -1.24
N LYS A 100 -51.78 3.40 -1.16
CA LYS A 100 -51.71 4.37 -0.06
C LYS A 100 -52.20 3.76 1.26
N GLU A 101 -53.29 2.98 1.21
CA GLU A 101 -53.86 2.44 2.43
C GLU A 101 -53.03 1.29 3.01
N SER A 102 -52.35 0.53 2.16
CA SER A 102 -51.59 -0.61 2.64
C SER A 102 -50.30 -0.20 3.34
N THR A 103 -49.74 0.95 2.95
CA THR A 103 -48.41 1.36 3.38
C THR A 103 -48.43 2.56 4.32
N ARG A 104 -49.39 2.60 5.25
CA ARG A 104 -49.54 3.77 6.11
C ARG A 104 -48.45 3.85 7.19
N LYS A 105 -48.15 2.72 7.84
CA LYS A 105 -47.34 2.74 9.07
C LYS A 105 -45.89 3.07 8.78
N ILE A 106 -45.33 2.45 7.73
CA ILE A 106 -43.95 2.74 7.34
C ILE A 106 -43.84 4.15 6.78
N ARG A 107 -44.92 4.68 6.20
CA ARG A 107 -44.94 6.06 5.74
C ARG A 107 -44.87 7.04 6.91
N GLU A 108 -45.62 6.77 7.99
CA GLU A 108 -45.52 7.61 9.19
C GLU A 108 -44.14 7.52 9.82
N LEU A 109 -43.55 6.33 9.85
CA LEU A 109 -42.20 6.18 10.41
C LEU A 109 -41.16 6.96 9.60
N LEU A 110 -41.23 6.89 8.27
CA LEU A 110 -40.22 7.58 7.47
C LEU A 110 -40.48 9.09 7.41
N LYS A 111 -41.73 9.52 7.55
CA LYS A 111 -42.00 10.95 7.70
C LYS A 111 -41.45 11.48 9.02
N LYS A 112 -41.54 10.68 10.09
CA LYS A 112 -40.90 11.05 11.36
C LYS A 112 -39.39 11.11 11.21
N GLY A 113 -38.81 10.20 10.43
CA GLY A 113 -37.38 10.25 10.16
C GLY A 113 -36.95 11.50 9.41
N ASN A 114 -37.76 11.92 8.42
CA ASN A 114 -37.49 13.18 7.75
C ASN A 114 -37.62 14.37 8.69
N SER A 115 -38.57 14.32 9.62
CA SER A 115 -38.70 15.41 10.60
C SER A 115 -37.45 15.53 11.48
N LEU A 116 -36.94 14.39 11.94
CA LEU A 116 -35.75 14.41 12.80
C LEU A 116 -34.50 14.87 12.03
N TYR A 117 -34.33 14.35 10.81
CA TYR A 117 -33.19 14.77 10.00
C TYR A 117 -33.30 16.22 9.57
N SER A 118 -34.52 16.73 9.37
CA SER A 118 -34.71 18.14 9.08
C SER A 118 -34.40 19.00 10.30
N LYS A 119 -34.58 18.46 11.50
CA LYS A 119 -34.15 19.19 12.68
C LYS A 119 -32.63 19.29 12.79
N VAL A 120 -31.89 18.25 12.37
CA VAL A 120 -30.45 18.27 12.62
C VAL A 120 -29.59 18.52 11.38
N SER A 121 -30.19 18.71 10.20
CA SER A 121 -29.43 18.77 8.94
C SER A 121 -28.51 19.98 8.85
N ASP A 122 -28.99 21.15 9.28
CA ASP A 122 -28.19 22.37 9.15
C ASP A 122 -26.96 22.34 10.07
N LYS A 123 -27.10 21.77 11.27
CA LYS A 123 -25.96 21.65 12.15
C LYS A 123 -24.98 20.59 11.67
N VAL A 124 -25.47 19.54 11.00
CA VAL A 124 -24.59 18.60 10.32
C VAL A 124 -23.78 19.30 9.23
N PHE A 125 -24.45 20.16 8.45
CA PHE A 125 -23.75 20.93 7.42
C PHE A 125 -22.71 21.88 8.00
N GLN A 126 -23.02 22.53 9.13
CA GLN A 126 -22.04 23.42 9.75
C GLN A 126 -20.84 22.67 10.29
N CYS A 127 -21.05 21.46 10.83
CA CYS A 127 -19.93 20.64 11.28
C CYS A 127 -19.03 20.23 10.11
N LEU A 128 -19.64 19.81 8.99
CA LEU A 128 -18.84 19.44 7.83
C LEU A 128 -18.17 20.65 7.17
N ARG A 129 -18.80 21.83 7.24
CA ARG A 129 -18.18 23.03 6.71
C ARG A 129 -16.98 23.45 7.56
N ASP A 130 -17.08 23.28 8.88
CA ASP A 130 -15.94 23.58 9.75
C ASP A 130 -14.78 22.62 9.52
N THR A 131 -15.07 21.32 9.37
CA THR A 131 -13.96 20.39 9.15
C THR A 131 -13.40 20.48 7.72
N ASN A 132 -14.15 21.06 6.78
CA ASN A 132 -13.54 21.39 5.50
C ASN A 132 -12.75 22.69 5.57
N SER A 133 -13.16 23.63 6.43
CA SER A 133 -12.45 24.89 6.55
C SER A 133 -11.11 24.73 7.27
N ARG A 134 -11.00 23.76 8.18
CA ARG A 134 -9.73 23.56 8.87
C ARG A 134 -8.67 23.00 7.93
N LEU A 135 -9.07 22.18 6.94
CA LEU A 135 -8.12 21.68 5.95
C LEU A 135 -7.73 22.75 4.93
N GLY A 136 -8.60 23.72 4.68
CA GLY A 136 -8.25 24.81 3.79
C GLY A 136 -8.92 24.79 2.44
N LEU A 137 -10.17 24.31 2.39
CA LEU A 137 -10.92 24.21 1.14
C LEU A 137 -12.21 25.00 1.21
N GLY A 138 -12.20 26.13 1.91
CA GLY A 138 -13.42 26.89 2.13
C GLY A 138 -13.98 27.54 0.88
N SER A 139 -13.11 28.04 0.00
CA SER A 139 -13.57 28.66 -1.22
C SER A 139 -14.02 27.65 -2.27
N GLU A 140 -13.57 26.40 -2.18
CA GLU A 140 -13.89 25.38 -3.16
C GLU A 140 -15.13 24.56 -2.82
N LEU A 141 -15.74 24.79 -1.66
CA LEU A 141 -16.97 24.09 -1.33
C LEU A 141 -18.12 24.69 -2.13
N ARG A 142 -18.89 23.84 -2.80
CA ARG A 142 -19.95 24.29 -3.67
C ARG A 142 -21.17 24.75 -2.87
N GLU A 143 -21.97 25.61 -3.50
CA GLU A 143 -23.19 26.09 -2.87
C GLU A 143 -24.27 25.00 -2.85
N ASP A 144 -24.29 24.13 -3.86
CA ASP A 144 -25.32 23.11 -3.97
C ASP A 144 -25.20 22.03 -2.91
N ILE A 145 -23.99 21.83 -2.36
CA ILE A 145 -23.76 20.81 -1.34
C ILE A 145 -24.56 21.11 -0.08
N LYS A 146 -24.72 22.40 0.25
CA LYS A 146 -25.52 22.79 1.42
C LYS A 146 -26.98 22.40 1.26
N GLU A 147 -27.56 22.68 0.10
CA GLU A 147 -28.96 22.33 -0.14
C GLU A 147 -29.14 20.82 -0.25
N LYS A 148 -28.14 20.10 -0.74
CA LYS A 148 -28.24 18.64 -0.76
C LYS A 148 -28.10 18.03 0.63
N VAL A 149 -27.34 18.66 1.53
CA VAL A 149 -27.25 18.16 2.91
C VAL A 149 -28.54 18.45 3.67
N ILE A 150 -29.07 19.67 3.56
CA ILE A 150 -30.25 20.06 4.34
C ILE A 150 -31.50 19.33 3.84
N ASN A 151 -31.70 19.28 2.52
CA ASN A 151 -32.94 18.78 1.95
C ASN A 151 -32.80 17.36 1.41
N LEU A 152 -32.03 16.50 2.09
CA LEU A 152 -31.71 15.18 1.56
C LEU A 152 -32.91 14.23 1.66
N GLY A 153 -33.70 14.34 2.72
CA GLY A 153 -34.89 13.51 2.86
C GLY A 153 -35.95 13.82 1.82
N VAL A 154 -36.05 15.09 1.40
CA VAL A 154 -36.96 15.45 0.33
C VAL A 154 -36.50 14.85 -1.00
N TYR A 155 -35.18 14.80 -1.22
CA TYR A 155 -34.66 14.13 -2.41
C TYR A 155 -34.88 12.62 -2.36
N MET A 156 -34.88 12.03 -1.17
CA MET A 156 -35.14 10.59 -1.09
C MET A 156 -36.62 10.28 -1.29
N HIS A 157 -37.50 11.11 -0.75
CA HIS A 157 -38.94 10.99 -0.97
C HIS A 157 -39.41 11.44 -2.35
N SER A 158 -38.58 12.15 -3.10
CA SER A 158 -38.94 12.55 -4.46
C SER A 158 -38.64 11.47 -5.49
N SER A 159 -38.00 10.38 -5.10
CA SER A 159 -37.61 9.35 -6.04
C SER A 159 -38.82 8.53 -6.49
N GLN A 160 -38.68 7.94 -7.68
CA GLN A 160 -39.75 7.12 -8.22
C GLN A 160 -39.87 5.78 -7.51
N TRP A 161 -38.78 5.30 -6.92
CA TRP A 161 -38.75 3.98 -6.31
C TRP A 161 -39.13 3.98 -4.84
N PHE A 162 -39.52 5.14 -4.29
CA PHE A 162 -39.88 5.19 -2.87
C PHE A 162 -41.20 4.50 -2.60
N GLU A 163 -42.22 4.79 -3.40
CA GLU A 163 -43.54 4.19 -3.21
C GLU A 163 -43.57 2.69 -3.55
N PRO A 164 -42.80 2.18 -4.52
CA PRO A 164 -42.59 0.72 -4.53
C PRO A 164 -41.89 0.16 -3.30
N PHE A 165 -40.95 0.90 -2.71
CA PHE A 165 -40.12 0.33 -1.64
C PHE A 165 -40.94 0.14 -0.37
N LEU A 166 -41.82 1.09 -0.05
CA LEU A 166 -42.71 0.95 1.11
C LEU A 166 -43.63 -0.24 0.97
N PHE A 167 -44.10 -0.51 -0.24
CA PHE A 167 -44.97 -1.66 -0.47
C PHE A 167 -44.23 -2.97 -0.26
N TRP A 168 -43.04 -3.11 -0.83
CA TRP A 168 -42.32 -4.38 -0.75
C TRP A 168 -41.72 -4.61 0.63
N PHE A 169 -41.35 -3.54 1.34
CA PHE A 169 -40.91 -3.70 2.72
C PHE A 169 -42.05 -4.10 3.63
N THR A 170 -43.26 -3.61 3.35
CA THR A 170 -44.44 -4.04 4.09
C THR A 170 -44.72 -5.52 3.88
N VAL A 171 -44.72 -5.97 2.62
CA VAL A 171 -45.08 -7.34 2.29
C VAL A 171 -44.04 -8.32 2.83
N LYS A 172 -42.76 -7.92 2.79
CA LYS A 172 -41.70 -8.76 3.34
C LYS A 172 -41.81 -8.92 4.85
N THR A 173 -42.09 -7.83 5.56
CA THR A 173 -42.16 -7.88 7.02
C THR A 173 -43.39 -8.64 7.50
N GLU A 174 -44.53 -8.45 6.83
CA GLU A 174 -45.74 -9.22 7.17
C GLU A 174 -45.58 -10.71 6.85
N MET A 175 -44.86 -11.05 5.78
CA MET A 175 -44.62 -12.45 5.46
C MET A 175 -43.63 -13.09 6.45
N ARG A 176 -42.64 -12.33 6.90
CA ARG A 176 -41.69 -12.84 7.90
C ARG A 176 -42.36 -13.08 9.25
N SER A 177 -43.37 -12.27 9.59
CA SER A 177 -44.11 -12.50 10.82
C SER A 177 -44.95 -13.77 10.73
N VAL A 178 -45.46 -14.10 9.55
CA VAL A 178 -46.26 -15.30 9.37
C VAL A 178 -45.39 -16.56 9.49
N ILE A 179 -44.18 -16.51 8.92
CA ILE A 179 -43.27 -17.66 8.97
C ILE A 179 -42.82 -17.94 10.40
N LYS A 180 -42.63 -16.91 11.21
CA LYS A 180 -42.27 -17.13 12.61
C LYS A 180 -43.45 -17.60 13.45
N SER A 181 -44.67 -17.17 13.13
CA SER A 181 -45.83 -17.48 13.95
C SER A 181 -46.39 -18.87 13.69
N GLN A 182 -46.42 -19.30 12.42
CA GLN A 182 -46.98 -20.59 12.06
C GLN A 182 -46.10 -21.75 12.55
N ARG A 190 -56.72 -22.01 13.50
CA ARG A 190 -56.60 -22.24 12.06
C ARG A 190 -57.23 -21.10 11.24
N HIS A 191 -56.64 -19.91 11.40
CA HIS A 191 -57.11 -18.74 10.66
C HIS A 191 -56.79 -18.87 9.17
N THR A 192 -57.74 -18.44 8.35
CA THR A 192 -57.58 -18.40 6.91
C THR A 192 -57.21 -17.00 6.48
N PRO A 193 -56.20 -16.82 5.62
CA PRO A 193 -55.82 -15.47 5.20
C PRO A 193 -56.89 -14.83 4.34
N VAL A 194 -57.33 -13.65 4.75
CA VAL A 194 -58.39 -12.90 4.08
C VAL A 194 -57.73 -11.76 3.30
N PHE A 195 -58.27 -11.46 2.13
CA PHE A 195 -57.76 -10.37 1.30
C PHE A 195 -57.90 -9.03 2.00
N PHE A 196 -56.89 -8.18 1.84
CA PHE A 196 -56.92 -6.81 2.35
C PHE A 196 -57.20 -5.87 1.18
N THR A 197 -58.36 -5.21 1.23
CA THR A 197 -58.73 -4.29 0.17
C THR A 197 -57.96 -2.98 0.31
N GLY A 198 -57.32 -2.54 -0.77
CA GLY A 198 -56.57 -1.29 -0.75
C GLY A 198 -57.09 -0.29 -1.75
N SER A 199 -56.31 0.76 -2.00
CA SER A 199 -56.73 1.79 -2.94
C SER A 199 -56.65 1.29 -4.39
N SER A 200 -55.56 0.61 -4.73
CA SER A 200 -55.37 0.12 -6.09
C SER A 200 -55.14 -1.38 -6.18
N VAL A 201 -54.73 -2.04 -5.10
CA VAL A 201 -54.41 -3.47 -5.13
C VAL A 201 -55.15 -4.17 -4.00
N GLU A 202 -55.29 -5.49 -4.17
CA GLU A 202 -55.81 -6.38 -3.15
C GLU A 202 -54.72 -7.41 -2.84
N LEU A 203 -54.44 -7.60 -1.55
CA LEU A 203 -53.26 -8.31 -1.09
C LEU A 203 -53.64 -9.45 -0.16
N LEU A 204 -53.12 -10.65 -0.45
CA LEU A 204 -53.17 -11.79 0.45
C LEU A 204 -51.75 -12.23 0.73
N ILE A 205 -51.42 -12.38 2.02
CA ILE A 205 -50.09 -12.80 2.46
C ILE A 205 -50.26 -14.07 3.29
N SER A 206 -49.62 -15.14 2.84
CA SER A 206 -49.60 -16.42 3.53
C SER A 206 -48.15 -16.82 3.80
N ARG A 207 -47.96 -18.05 4.28
CA ARG A 207 -46.62 -18.53 4.59
C ARG A 207 -45.84 -18.82 3.32
N ASP A 208 -46.50 -19.36 2.29
CA ASP A 208 -45.84 -19.75 1.05
C ASP A 208 -46.30 -18.99 -0.18
N LEU A 209 -47.44 -18.30 -0.13
CA LEU A 209 -48.01 -17.67 -1.31
C LEU A 209 -48.46 -16.26 -1.00
N VAL A 210 -48.25 -15.36 -1.94
CA VAL A 210 -48.74 -13.99 -1.88
C VAL A 210 -49.52 -13.72 -3.15
N ALA A 211 -50.78 -13.28 -3.01
CA ALA A 211 -51.66 -13.01 -4.14
C ALA A 211 -51.94 -11.52 -4.22
N ILE A 212 -51.66 -10.93 -5.38
CA ILE A 212 -51.86 -9.50 -5.62
C ILE A 212 -52.78 -9.35 -6.82
N ILE A 213 -53.92 -8.69 -6.62
CA ILE A 213 -54.87 -8.41 -7.69
C ILE A 213 -54.98 -6.90 -7.85
N SER A 214 -54.53 -6.39 -8.98
CA SER A 214 -54.72 -4.97 -9.30
C SER A 214 -56.17 -4.77 -9.73
N LYS A 215 -56.80 -3.71 -9.19
CA LYS A 215 -58.22 -3.52 -9.44
C LYS A 215 -58.50 -2.97 -10.84
N GLU A 216 -57.68 -2.03 -11.31
CA GLU A 216 -57.95 -1.39 -12.59
C GLU A 216 -57.63 -2.28 -13.78
N SER A 217 -56.50 -2.98 -13.74
CA SER A 217 -56.06 -3.79 -14.87
C SER A 217 -56.50 -5.24 -14.79
N GLN A 218 -56.89 -5.70 -13.59
CA GLN A 218 -57.27 -7.09 -13.31
C GLN A 218 -56.16 -8.08 -13.68
N HIS A 219 -54.92 -7.69 -13.37
CA HIS A 219 -53.76 -8.55 -13.55
C HIS A 219 -53.41 -9.17 -12.21
N VAL A 220 -53.27 -10.50 -12.19
CA VAL A 220 -53.16 -11.26 -10.95
C VAL A 220 -51.76 -11.85 -10.86
N TYR A 221 -51.09 -11.59 -9.74
CA TYR A 221 -49.73 -12.05 -9.51
C TYR A 221 -49.68 -12.98 -8.31
N TYR A 222 -49.07 -14.14 -8.48
CA TYR A 222 -48.80 -15.05 -7.38
C TYR A 222 -47.29 -15.14 -7.19
N LEU A 223 -46.84 -14.89 -5.96
CA LEU A 223 -45.42 -14.83 -5.65
C LEU A 223 -45.11 -15.73 -4.46
N THR A 224 -43.87 -16.20 -4.39
CA THR A 224 -43.38 -16.92 -3.24
C THR A 224 -42.50 -15.98 -2.41
N PHE A 225 -41.85 -16.54 -1.38
CA PHE A 225 -41.09 -15.73 -0.45
C PHE A 225 -39.81 -15.18 -1.09
N GLU A 226 -39.17 -15.99 -1.94
CA GLU A 226 -37.91 -15.60 -2.57
C GLU A 226 -38.11 -14.44 -3.54
N LEU A 227 -39.24 -14.42 -4.24
CA LEU A 227 -39.53 -13.32 -5.15
C LEU A 227 -39.76 -12.02 -4.40
N VAL A 228 -40.40 -12.10 -3.22
CA VAL A 228 -40.62 -10.91 -2.40
C VAL A 228 -39.29 -10.36 -1.89
N LEU A 229 -38.39 -11.27 -1.46
CA LEU A 229 -37.05 -10.85 -1.04
C LEU A 229 -36.28 -10.20 -2.19
N MET A 230 -36.37 -10.79 -3.39
CA MET A 230 -35.70 -10.26 -4.56
C MET A 230 -36.20 -8.87 -4.93
N TYR A 231 -37.53 -8.68 -4.95
CA TYR A 231 -38.10 -7.39 -5.30
C TYR A 231 -37.75 -6.33 -4.27
N CYS A 232 -37.76 -6.68 -2.98
CA CYS A 232 -37.40 -5.73 -1.94
C CYS A 232 -35.94 -5.28 -2.07
N ASP A 233 -35.03 -6.24 -2.31
CA ASP A 233 -33.62 -5.89 -2.47
C ASP A 233 -33.37 -5.03 -3.71
N VAL A 234 -34.00 -5.38 -4.84
CA VAL A 234 -33.79 -4.63 -6.08
C VAL A 234 -34.35 -3.21 -5.97
N ILE A 235 -35.55 -3.06 -5.41
CA ILE A 235 -36.15 -1.73 -5.33
C ILE A 235 -35.43 -0.85 -4.31
N GLU A 236 -34.97 -1.43 -3.19
CA GLU A 236 -34.23 -0.64 -2.22
C GLU A 236 -32.86 -0.22 -2.76
N GLY A 237 -32.20 -1.12 -3.52
CA GLY A 237 -30.95 -0.76 -4.17
C GLY A 237 -31.13 0.33 -5.21
N ARG A 238 -32.21 0.26 -5.99
CA ARG A 238 -32.50 1.30 -6.97
C ARG A 238 -32.78 2.64 -6.30
N LEU A 239 -33.51 2.63 -5.17
CA LEU A 239 -33.79 3.87 -4.44
C LEU A 239 -32.50 4.50 -3.92
N MET A 240 -31.62 3.69 -3.33
CA MET A 240 -30.37 4.22 -2.80
C MET A 240 -29.44 4.72 -3.91
N THR A 241 -29.36 4.00 -5.02
CA THR A 241 -28.44 4.45 -6.07
C THR A 241 -28.99 5.65 -6.85
N GLU A 242 -30.32 5.77 -7.00
CA GLU A 242 -30.88 6.96 -7.64
C GLU A 242 -30.74 8.17 -6.73
N THR A 243 -30.89 7.97 -5.41
CA THR A 243 -30.64 9.05 -4.45
C THR A 243 -29.19 9.50 -4.49
N ALA A 244 -28.26 8.54 -4.54
CA ALA A 244 -26.83 8.87 -4.56
C ALA A 244 -26.42 9.57 -5.87
N MET A 245 -27.02 9.17 -6.99
CA MET A 245 -26.73 9.86 -8.24
C MET A 245 -27.37 11.24 -8.30
N THR A 246 -28.55 11.41 -7.71
CA THR A 246 -29.24 12.70 -7.77
C THR A 246 -28.56 13.72 -6.86
N ILE A 247 -28.10 13.31 -5.68
CA ILE A 247 -27.47 14.22 -4.75
C ILE A 247 -26.12 14.72 -5.28
N ASP A 248 -25.27 13.80 -5.73
CA ASP A 248 -23.93 14.18 -6.15
C ASP A 248 -23.95 14.69 -7.59
N ALA A 249 -23.23 15.79 -7.82
CA ALA A 249 -23.28 16.48 -9.10
C ALA A 249 -22.39 15.88 -10.17
N ARG A 250 -21.49 14.96 -9.80
CA ARG A 250 -20.62 14.34 -10.80
C ARG A 250 -21.38 13.30 -11.64
N TYR A 251 -22.39 12.66 -11.06
CA TYR A 251 -23.08 11.54 -11.68
C TYR A 251 -24.35 11.95 -12.44
N THR A 252 -24.38 13.14 -13.04
CA THR A 252 -25.64 13.64 -13.62
C THR A 252 -25.98 12.97 -14.94
N GLU A 253 -25.02 12.99 -15.89
CA GLU A 253 -25.22 12.29 -17.16
C GLU A 253 -25.32 10.78 -16.95
N LEU A 254 -24.62 10.27 -15.95
CA LEU A 254 -24.77 8.88 -15.55
C LEU A 254 -26.18 8.60 -15.04
N LEU A 255 -26.75 9.55 -14.28
CA LEU A 255 -28.12 9.41 -13.80
C LEU A 255 -29.11 9.34 -14.94
N GLY A 256 -28.94 10.20 -15.96
CA GLY A 256 -29.82 10.15 -17.11
C GLY A 256 -29.72 8.86 -17.90
N ARG A 257 -28.49 8.37 -18.11
CA ARG A 257 -28.31 7.15 -18.89
C ARG A 257 -28.80 5.91 -18.14
N VAL A 258 -28.62 5.86 -16.81
CA VAL A 258 -29.14 4.74 -16.02
C VAL A 258 -30.66 4.77 -15.97
N ARG A 259 -31.27 5.96 -15.88
CA ARG A 259 -32.74 6.05 -15.93
C ARG A 259 -33.29 5.56 -17.27
N TYR A 260 -32.65 5.94 -18.37
CA TYR A 260 -33.10 5.47 -19.68
C TYR A 260 -32.88 3.97 -19.83
N MET A 261 -31.78 3.43 -19.28
CA MET A 261 -31.52 2.01 -19.31
C MET A 261 -32.58 1.22 -18.54
N TRP A 262 -32.96 1.71 -17.36
CA TRP A 262 -33.99 1.07 -16.56
C TRP A 262 -35.33 1.07 -17.29
N LYS A 263 -35.69 2.22 -17.89
CA LYS A 263 -36.96 2.31 -18.61
C LYS A 263 -37.00 1.39 -19.82
N LEU A 264 -35.88 1.31 -20.56
CA LEU A 264 -35.84 0.50 -21.78
C LEU A 264 -35.90 -1.00 -21.47
N ILE A 265 -35.11 -1.47 -20.51
CA ILE A 265 -35.11 -2.90 -20.21
C ILE A 265 -36.40 -3.33 -19.49
N ASP A 266 -36.96 -2.46 -18.64
CA ASP A 266 -38.24 -2.77 -18.02
C ASP A 266 -39.37 -2.77 -19.05
N GLY A 267 -39.26 -1.96 -20.10
CA GLY A 267 -40.19 -2.08 -21.21
C GLY A 267 -40.01 -3.39 -21.97
N PHE A 268 -38.76 -3.86 -22.10
CA PHE A 268 -38.52 -5.14 -22.77
C PHE A 268 -38.98 -6.35 -21.95
N PHE A 269 -39.17 -6.22 -20.63
CA PHE A 269 -39.58 -7.37 -19.83
C PHE A 269 -40.92 -8.01 -20.20
N PRO A 270 -42.04 -7.28 -20.43
CA PRO A 270 -43.31 -7.99 -20.70
C PRO A 270 -43.35 -8.77 -22.01
N ALA A 271 -42.70 -8.28 -23.07
CA ALA A 271 -42.81 -8.93 -24.37
C ALA A 271 -42.01 -10.21 -24.43
N LEU A 272 -40.82 -10.23 -23.85
CA LEU A 272 -39.94 -11.39 -23.92
C LEU A 272 -40.02 -12.24 -22.66
N GLY A 273 -39.77 -11.65 -21.48
CA GLY A 273 -39.78 -12.44 -20.27
C GLY A 273 -38.40 -12.88 -19.82
N ASN A 274 -38.22 -14.18 -19.69
CA ASN A 274 -36.94 -14.77 -19.27
C ASN A 274 -35.80 -14.64 -20.28
N PRO A 275 -36.02 -14.62 -21.61
CA PRO A 275 -34.91 -14.26 -22.52
C PRO A 275 -34.37 -12.84 -22.38
N THR A 276 -35.03 -11.94 -21.65
CA THR A 276 -34.51 -10.58 -21.47
C THR A 276 -33.22 -10.58 -20.65
N TYR A 277 -33.06 -11.57 -19.76
CA TYR A 277 -31.88 -11.66 -18.91
C TYR A 277 -30.61 -11.97 -19.69
N GLN A 278 -30.71 -12.50 -20.91
CA GLN A 278 -29.55 -12.61 -21.77
C GLN A 278 -29.07 -11.23 -22.23
N ILE A 279 -30.01 -10.36 -22.60
CA ILE A 279 -29.66 -8.98 -22.95
C ILE A 279 -29.13 -8.24 -21.73
N VAL A 280 -29.67 -8.53 -20.56
CA VAL A 280 -29.17 -7.97 -19.30
C VAL A 280 -27.74 -8.44 -19.03
N ALA A 281 -27.46 -9.71 -19.32
CA ALA A 281 -26.11 -10.25 -19.18
C ALA A 281 -25.13 -9.67 -20.20
N MET A 282 -25.64 -9.18 -21.34
CA MET A 282 -24.76 -8.53 -22.31
C MET A 282 -24.24 -7.17 -21.88
N LEU A 283 -24.75 -6.57 -20.79
CA LEU A 283 -24.21 -5.28 -20.35
C LEU A 283 -22.79 -5.38 -19.82
N GLU A 284 -22.38 -6.54 -19.34
CA GLU A 284 -21.01 -6.74 -18.89
C GLU A 284 -20.02 -6.85 -20.07
N PRO A 285 -20.35 -7.47 -21.22
CA PRO A 285 -19.45 -7.28 -22.38
C PRO A 285 -19.51 -5.89 -23.01
N LEU A 286 -20.69 -5.26 -23.03
CA LEU A 286 -20.88 -4.07 -23.87
C LEU A 286 -20.13 -2.86 -23.35
N SER A 287 -19.96 -2.75 -22.03
CA SER A 287 -19.18 -1.64 -21.48
C SER A 287 -17.72 -1.74 -21.90
N LEU A 288 -17.17 -2.96 -21.90
CA LEU A 288 -15.80 -3.15 -22.37
C LEU A 288 -15.68 -2.95 -23.88
N ALA A 289 -16.74 -3.26 -24.64
CA ALA A 289 -16.71 -3.02 -26.09
C ALA A 289 -16.72 -1.51 -26.40
N TYR A 290 -17.61 -0.76 -25.73
CA TYR A 290 -17.63 0.69 -25.91
C TYR A 290 -16.41 1.37 -25.29
N LEU A 291 -15.71 0.72 -24.36
CA LEU A 291 -14.41 1.21 -23.93
C LEU A 291 -13.32 0.90 -24.95
N GLN A 292 -13.42 -0.24 -25.65
CA GLN A 292 -12.48 -0.58 -26.71
C GLN A 292 -12.65 0.30 -27.95
N LEU A 293 -13.82 0.91 -28.12
CA LEU A 293 -13.99 1.88 -29.21
C LEU A 293 -13.10 3.12 -29.06
N ARG A 294 -12.64 3.42 -27.85
CA ARG A 294 -11.77 4.57 -27.62
C ARG A 294 -10.29 4.24 -27.78
N ASP A 295 -9.96 3.05 -28.29
CA ASP A 295 -8.55 2.70 -28.48
C ASP A 295 -7.96 3.49 -29.64
N ILE A 296 -6.74 4.00 -29.42
CA ILE A 296 -6.07 4.85 -30.40
C ILE A 296 -5.35 4.06 -31.48
N THR A 297 -5.30 2.73 -31.35
CA THR A 297 -4.27 1.97 -32.05
C THR A 297 -4.61 1.63 -33.49
N VAL A 298 -5.56 0.73 -33.70
CA VAL A 298 -5.66 0.02 -34.96
C VAL A 298 -7.14 -0.35 -35.13
N GLU A 299 -7.48 -1.15 -36.15
CA GLU A 299 -8.87 -1.55 -36.41
C GLU A 299 -9.54 -2.44 -35.34
N LEU A 300 -8.89 -2.68 -34.20
CA LEU A 300 -9.54 -3.44 -33.13
C LEU A 300 -10.49 -2.59 -32.28
N ARG A 301 -10.86 -1.39 -32.73
CA ARG A 301 -11.82 -0.56 -32.00
C ARG A 301 -13.20 -1.22 -31.95
N GLY A 302 -13.67 -1.73 -33.09
CA GLY A 302 -14.97 -2.36 -33.13
C GLY A 302 -14.93 -3.87 -33.26
N ALA A 303 -14.02 -4.50 -32.52
CA ALA A 303 -13.87 -5.96 -32.61
C ALA A 303 -14.90 -6.69 -31.77
N PHE A 304 -14.94 -6.39 -30.47
CA PHE A 304 -15.83 -7.09 -29.55
C PHE A 304 -17.28 -6.61 -29.69
N LEU A 305 -17.47 -5.37 -30.15
CA LEU A 305 -18.80 -4.82 -30.36
C LEU A 305 -19.55 -5.55 -31.46
N ASN A 306 -18.83 -6.06 -32.46
CA ASN A 306 -19.45 -6.86 -33.52
C ASN A 306 -20.03 -8.16 -32.97
N HIS A 307 -19.28 -8.83 -32.09
CA HIS A 307 -19.77 -10.04 -31.44
C HIS A 307 -20.97 -9.74 -30.54
N CYS A 308 -20.91 -8.62 -29.80
CA CYS A 308 -22.03 -8.24 -28.94
C CYS A 308 -23.29 -7.93 -29.73
N PHE A 309 -23.14 -7.20 -30.85
CA PHE A 309 -24.30 -6.83 -31.65
C PHE A 309 -24.90 -8.04 -32.36
N THR A 310 -24.04 -8.97 -32.83
CA THR A 310 -24.53 -10.20 -33.42
C THR A 310 -25.23 -11.08 -32.38
N GLU A 311 -24.74 -11.09 -31.14
CA GLU A 311 -25.41 -11.84 -30.08
C GLU A 311 -26.79 -11.27 -29.75
N ILE A 312 -26.89 -9.93 -29.66
CA ILE A 312 -28.19 -9.30 -29.39
C ILE A 312 -29.16 -9.51 -30.56
N HIS A 313 -28.64 -9.49 -31.80
CA HIS A 313 -29.46 -9.80 -32.96
C HIS A 313 -29.94 -11.24 -32.93
N ASP A 314 -29.11 -12.18 -32.46
CA ASP A 314 -29.53 -13.57 -32.34
C ASP A 314 -30.60 -13.74 -31.27
N VAL A 315 -30.47 -13.00 -30.16
CA VAL A 315 -31.48 -13.04 -29.10
C VAL A 315 -32.82 -12.52 -29.62
N LEU A 316 -32.81 -11.43 -30.38
CA LEU A 316 -34.06 -10.94 -30.96
C LEU A 316 -34.59 -11.84 -32.06
N ASP A 317 -33.71 -12.52 -32.80
CA ASP A 317 -34.13 -13.33 -33.93
C ASP A 317 -34.74 -14.66 -33.51
N GLN A 318 -34.16 -15.32 -32.50
CA GLN A 318 -34.65 -16.65 -32.12
C GLN A 318 -35.99 -16.58 -31.41
N ASN A 319 -36.29 -15.47 -30.74
CA ASN A 319 -37.52 -15.34 -29.97
C ASN A 319 -38.73 -14.98 -30.82
N GLY A 320 -38.54 -14.70 -32.11
CA GLY A 320 -39.62 -14.30 -32.98
C GLY A 320 -39.91 -12.81 -32.97
N PHE A 321 -39.27 -12.04 -32.10
CA PHE A 321 -39.45 -10.59 -32.06
C PHE A 321 -38.38 -9.91 -32.90
N SER A 322 -38.38 -10.24 -34.19
CA SER A 322 -37.32 -9.85 -35.12
C SER A 322 -37.89 -9.01 -36.24
N ASP A 323 -37.41 -7.78 -36.36
CA ASP A 323 -37.69 -6.93 -37.50
C ASP A 323 -36.52 -5.96 -37.64
N GLU A 324 -36.45 -5.30 -38.80
CA GLU A 324 -35.35 -4.38 -39.07
C GLU A 324 -35.45 -3.12 -38.21
N GLY A 325 -36.67 -2.65 -37.95
CA GLY A 325 -36.84 -1.43 -37.20
C GLY A 325 -36.46 -1.54 -35.72
N THR A 326 -36.77 -2.68 -35.10
CA THR A 326 -36.57 -2.84 -33.66
C THR A 326 -35.08 -2.91 -33.31
N TYR A 327 -34.31 -3.66 -34.10
CA TYR A 327 -32.88 -3.86 -33.84
C TYR A 327 -32.10 -2.56 -33.95
N HIS A 328 -32.43 -1.74 -34.96
CA HIS A 328 -31.75 -0.45 -35.12
C HIS A 328 -32.05 0.51 -33.97
N GLU A 329 -33.31 0.52 -33.50
CA GLU A 329 -33.66 1.36 -32.36
C GLU A 329 -32.98 0.89 -31.08
N LEU A 330 -32.82 -0.43 -30.93
CA LEU A 330 -32.11 -0.95 -29.76
C LEU A 330 -30.63 -0.59 -29.80
N ILE A 331 -30.02 -0.61 -30.99
CA ILE A 331 -28.62 -0.20 -31.12
C ILE A 331 -28.46 1.30 -30.87
N GLU A 332 -29.40 2.12 -31.33
CA GLU A 332 -29.35 3.56 -31.02
C GLU A 332 -29.51 3.82 -29.53
N ALA A 333 -30.39 3.05 -28.87
CA ALA A 333 -30.54 3.18 -27.42
C ALA A 333 -29.26 2.79 -26.68
N LEU A 334 -28.63 1.69 -27.09
CA LEU A 334 -27.37 1.26 -26.47
C LEU A 334 -26.25 2.26 -26.73
N ASP A 335 -26.24 2.88 -27.92
CA ASP A 335 -25.28 3.94 -28.20
C ASP A 335 -25.52 5.16 -27.31
N TYR A 336 -26.77 5.45 -26.96
CA TYR A 336 -27.00 6.58 -26.07
C TYR A 336 -26.56 6.25 -24.64
N ILE A 337 -26.78 5.00 -24.20
CA ILE A 337 -26.40 4.63 -22.83
C ILE A 337 -24.88 4.53 -22.67
N PHE A 338 -24.18 3.91 -23.61
CA PHE A 338 -22.81 3.53 -23.32
C PHE A 338 -21.72 4.46 -23.85
N ILE A 339 -22.04 5.42 -24.72
CA ILE A 339 -21.04 6.34 -25.24
C ILE A 339 -20.92 7.54 -24.32
N THR A 340 -19.71 7.76 -23.79
CA THR A 340 -19.42 8.90 -22.94
C THR A 340 -17.96 9.28 -23.10
N ASP A 341 -17.64 10.50 -22.70
CA ASP A 341 -16.28 11.01 -22.84
C ASP A 341 -15.41 10.79 -21.61
N ASP A 342 -16.00 10.81 -20.41
CA ASP A 342 -15.22 10.63 -19.19
C ASP A 342 -14.88 9.16 -18.99
N ILE A 343 -13.62 8.91 -18.62
CA ILE A 343 -13.14 7.55 -18.47
C ILE A 343 -13.71 6.90 -17.21
N HIS A 344 -13.75 7.64 -16.10
CA HIS A 344 -14.08 7.08 -14.80
C HIS A 344 -15.56 6.72 -14.65
N LEU A 345 -16.43 7.26 -15.51
CA LEU A 345 -17.84 6.93 -15.45
C LEU A 345 -18.22 5.74 -16.33
N THR A 346 -17.26 5.16 -17.05
CA THR A 346 -17.56 3.96 -17.84
C THR A 346 -17.68 2.72 -16.97
N GLY A 347 -16.95 2.66 -15.85
CA GLY A 347 -17.03 1.52 -14.96
C GLY A 347 -18.19 1.53 -13.99
N GLU A 348 -18.95 2.62 -13.93
CA GLU A 348 -20.11 2.68 -13.06
C GLU A 348 -21.29 1.87 -13.57
N ILE A 349 -21.33 1.57 -14.87
CA ILE A 349 -22.38 0.72 -15.42
C ILE A 349 -22.22 -0.73 -14.95
N PHE A 350 -21.00 -1.11 -14.56
CA PHE A 350 -20.74 -2.44 -13.99
C PHE A 350 -21.50 -2.66 -12.69
N SER A 351 -21.77 -1.59 -11.94
CA SER A 351 -22.49 -1.71 -10.68
C SER A 351 -23.98 -2.01 -10.87
N PHE A 352 -24.55 -1.66 -12.02
CA PHE A 352 -25.97 -1.85 -12.29
C PHE A 352 -26.24 -3.16 -13.03
N PHE A 353 -25.39 -4.16 -12.85
CA PHE A 353 -25.58 -5.44 -13.51
C PHE A 353 -26.71 -6.23 -12.84
N ARG A 354 -26.83 -6.13 -11.52
CA ARG A 354 -27.77 -6.90 -10.74
C ARG A 354 -29.06 -6.16 -10.45
N SER A 355 -29.26 -4.99 -11.04
CA SER A 355 -30.36 -4.09 -10.69
C SER A 355 -31.66 -4.43 -11.41
N PHE A 356 -31.68 -5.46 -12.25
CA PHE A 356 -32.90 -5.81 -12.97
C PHE A 356 -33.60 -7.04 -12.42
N GLY A 357 -32.94 -7.80 -11.56
CA GLY A 357 -33.51 -8.98 -10.95
C GLY A 357 -32.68 -10.20 -11.26
N HIS A 358 -33.24 -11.37 -10.97
CA HIS A 358 -32.59 -12.63 -11.27
C HIS A 358 -33.56 -13.53 -12.03
N PRO A 359 -33.06 -14.31 -12.98
CA PRO A 359 -33.95 -15.15 -13.78
C PRO A 359 -34.44 -16.36 -12.99
N ARG A 360 -35.45 -17.02 -13.55
CA ARG A 360 -35.97 -18.27 -13.03
C ARG A 360 -35.27 -19.43 -13.72
N LEU A 361 -35.12 -20.54 -12.99
CA LEU A 361 -34.25 -21.63 -13.42
C LEU A 361 -34.99 -22.95 -13.42
N GLU A 362 -34.56 -23.84 -14.32
CA GLU A 362 -34.98 -25.24 -14.34
C GLU A 362 -33.74 -26.12 -14.44
N ALA A 363 -33.85 -27.33 -13.90
CA ALA A 363 -32.70 -28.22 -13.84
C ALA A 363 -32.37 -28.86 -15.19
N VAL A 364 -33.38 -29.04 -16.04
CA VAL A 364 -33.18 -29.77 -17.30
C VAL A 364 -32.33 -28.95 -18.28
N THR A 365 -32.44 -27.61 -18.23
CA THR A 365 -31.67 -26.76 -19.15
C THR A 365 -30.18 -26.80 -18.79
N ALA A 366 -29.86 -26.68 -17.49
CA ALA A 366 -28.47 -26.77 -17.05
C ALA A 366 -27.91 -28.17 -17.26
N ALA A 367 -28.76 -29.20 -17.09
CA ALA A 367 -28.33 -30.57 -17.35
C ALA A 367 -27.98 -30.79 -18.82
N GLU A 368 -28.80 -30.25 -19.74
CA GLU A 368 -28.47 -30.34 -21.16
C GLU A 368 -27.23 -29.53 -21.51
N ASN A 369 -27.04 -28.38 -20.85
CA ASN A 369 -25.87 -27.54 -21.11
C ASN A 369 -24.58 -28.24 -20.70
N VAL A 370 -24.58 -28.93 -19.55
CA VAL A 370 -23.39 -29.70 -19.17
C VAL A 370 -23.25 -30.95 -20.04
N ARG A 371 -24.37 -31.56 -20.42
CA ARG A 371 -24.36 -32.80 -21.20
C ARG A 371 -23.78 -32.59 -22.59
N LYS A 372 -24.01 -31.43 -23.19
CA LYS A 372 -23.44 -31.15 -24.52
C LYS A 372 -21.92 -31.08 -24.47
N TYR A 373 -21.36 -30.43 -23.44
CA TYR A 373 -19.91 -30.27 -23.37
C TYR A 373 -19.20 -31.54 -22.89
N MET A 374 -19.75 -32.23 -21.89
CA MET A 374 -19.02 -33.35 -21.30
C MET A 374 -19.07 -34.63 -22.13
N ASN A 375 -19.80 -34.65 -23.24
CA ASN A 375 -19.89 -35.83 -24.10
C ASN A 375 -19.31 -35.59 -25.49
N GLN A 376 -18.40 -34.61 -25.64
CA GLN A 376 -17.91 -34.23 -26.96
C GLN A 376 -16.58 -34.93 -27.27
N PRO A 377 -16.46 -35.62 -28.40
CA PRO A 377 -15.19 -36.25 -28.77
C PRO A 377 -14.13 -35.22 -29.14
N LYS A 378 -12.87 -35.62 -28.99
CA LYS A 378 -11.74 -34.74 -29.22
C LYS A 378 -10.62 -35.49 -29.93
N VAL A 379 -9.78 -34.74 -30.64
CA VAL A 379 -8.55 -35.24 -31.25
C VAL A 379 -7.42 -34.30 -30.84
N ILE A 380 -6.41 -34.85 -30.16
CA ILE A 380 -5.33 -34.07 -29.57
C ILE A 380 -4.00 -34.56 -30.12
N VAL A 381 -3.15 -33.62 -30.54
CA VAL A 381 -1.82 -33.91 -31.05
C VAL A 381 -0.91 -34.38 -29.91
N TYR A 382 0.24 -34.95 -30.28
CA TYR A 382 1.25 -35.43 -29.34
C TYR A 382 2.38 -34.44 -29.11
N GLU A 383 2.77 -33.70 -30.16
CA GLU A 383 3.95 -32.84 -30.10
C GLU A 383 3.72 -31.64 -29.19
N THR A 384 2.56 -30.98 -29.30
CA THR A 384 2.28 -29.82 -28.46
C THR A 384 2.13 -30.22 -27.00
N LEU A 385 1.54 -31.39 -26.76
CA LEU A 385 1.42 -31.94 -25.40
C LEU A 385 2.79 -32.22 -24.79
N MET A 386 3.70 -32.81 -25.57
CA MET A 386 5.03 -33.09 -25.05
C MET A 386 5.87 -31.84 -24.89
N LYS A 387 5.70 -30.84 -25.75
CA LYS A 387 6.39 -29.57 -25.57
C LYS A 387 5.91 -28.84 -24.31
N GLY A 388 4.60 -28.88 -24.05
CA GLY A 388 4.08 -28.31 -22.81
C GLY A 388 4.57 -29.05 -21.58
N HIS A 389 4.69 -30.38 -21.68
CA HIS A 389 5.25 -31.16 -20.59
C HIS A 389 6.73 -30.84 -20.37
N ALA A 390 7.47 -30.58 -21.46
CA ALA A 390 8.87 -30.19 -21.34
C ALA A 390 9.03 -28.84 -20.65
N ILE A 391 8.18 -27.87 -21.00
CA ILE A 391 8.21 -26.57 -20.33
C ILE A 391 7.80 -26.71 -18.85
N PHE A 392 6.83 -27.59 -18.58
CA PHE A 392 6.39 -27.89 -17.21
C PHE A 392 7.54 -28.45 -16.36
N CYS A 393 8.28 -29.41 -16.92
CA CYS A 393 9.45 -29.94 -16.25
C CYS A 393 10.52 -28.88 -16.05
N GLY A 394 10.70 -27.99 -17.03
CA GLY A 394 11.66 -26.91 -16.91
C GLY A 394 11.33 -25.93 -15.79
N ILE A 395 10.04 -25.62 -15.62
CA ILE A 395 9.63 -24.72 -14.54
C ILE A 395 9.86 -25.36 -13.18
N ILE A 396 9.54 -26.65 -13.03
CA ILE A 396 9.79 -27.33 -11.75
C ILE A 396 11.29 -27.39 -11.44
N ILE A 397 12.10 -27.69 -12.46
CA ILE A 397 13.56 -27.74 -12.30
C ILE A 397 14.13 -26.39 -11.89
N ASN A 398 13.69 -25.32 -12.56
CA ASN A 398 14.20 -23.99 -12.25
C ASN A 398 13.76 -23.51 -10.86
N GLY A 399 12.54 -23.87 -10.45
CA GLY A 399 12.12 -23.53 -9.09
C GLY A 399 12.94 -24.23 -8.02
N TYR A 400 13.16 -25.54 -8.20
CA TYR A 400 13.97 -26.28 -7.22
C TYR A 400 15.42 -25.82 -7.24
N ARG A 401 15.94 -25.44 -8.42
CA ARG A 401 17.31 -24.97 -8.51
C ARG A 401 17.48 -23.61 -7.86
N ASP A 402 16.47 -22.74 -7.99
CA ASP A 402 16.54 -21.42 -7.36
C ASP A 402 16.42 -21.52 -5.84
N ARG A 403 15.53 -22.38 -5.33
CA ARG A 403 15.37 -22.44 -3.88
C ARG A 403 16.49 -23.20 -3.17
N HIS A 404 17.07 -24.21 -3.81
CA HIS A 404 18.14 -25.00 -3.19
C HIS A 404 19.53 -24.61 -3.64
N GLY A 405 19.66 -23.49 -4.36
CA GLY A 405 20.97 -22.93 -4.65
C GLY A 405 21.81 -23.68 -5.66
N GLY A 406 21.31 -23.80 -6.89
CA GLY A 406 22.12 -24.36 -7.97
C GLY A 406 22.13 -25.86 -8.06
N SER A 407 21.15 -26.56 -7.50
CA SER A 407 21.09 -28.01 -7.53
C SER A 407 19.89 -28.50 -8.31
N TRP A 408 20.13 -29.41 -9.24
CA TRP A 408 19.08 -30.15 -9.93
C TRP A 408 18.28 -31.03 -8.98
N PRO A 409 16.96 -31.11 -9.15
CA PRO A 409 16.15 -32.05 -8.39
C PRO A 409 16.44 -33.48 -8.82
N PRO A 410 16.17 -34.48 -7.96
CA PRO A 410 16.46 -35.88 -8.32
C PRO A 410 15.65 -36.39 -9.50
N LEU A 411 16.34 -36.69 -10.59
CA LEU A 411 15.72 -37.29 -11.77
C LEU A 411 16.77 -38.08 -12.51
N THR A 412 16.30 -38.94 -13.41
CA THR A 412 17.19 -39.65 -14.33
C THR A 412 16.79 -39.30 -15.77
N LEU A 413 17.78 -38.88 -16.53
CA LEU A 413 17.50 -38.65 -17.93
C LEU A 413 17.63 -39.95 -18.71
N PRO A 414 16.86 -40.11 -19.79
CA PRO A 414 17.02 -41.31 -20.63
C PRO A 414 18.30 -41.27 -21.45
N LEU A 415 18.59 -42.36 -22.15
CA LEU A 415 19.84 -42.46 -22.91
C LEU A 415 19.85 -41.52 -24.12
N HIS A 416 18.68 -41.19 -24.66
CA HIS A 416 18.58 -40.34 -25.83
C HIS A 416 18.56 -38.85 -25.50
N ALA A 417 18.90 -38.48 -24.26
CA ALA A 417 18.95 -37.07 -23.89
C ALA A 417 20.11 -36.37 -24.58
N ALA A 418 19.91 -35.11 -24.92
CA ALA A 418 20.94 -34.33 -25.57
C ALA A 418 22.07 -34.00 -24.60
N ASP A 419 23.24 -33.70 -25.17
CA ASP A 419 24.41 -33.43 -24.34
C ASP A 419 24.31 -32.11 -23.61
N THR A 420 23.50 -31.16 -24.11
CA THR A 420 23.28 -29.91 -23.41
C THR A 420 22.57 -30.14 -22.08
N ILE A 421 21.53 -30.97 -22.07
CA ILE A 421 20.77 -31.23 -20.86
C ILE A 421 21.60 -32.05 -19.87
N ARG A 422 22.38 -33.01 -20.37
CA ARG A 422 23.24 -33.82 -19.51
C ARG A 422 24.35 -32.99 -18.88
N ASN A 423 25.00 -32.13 -19.67
CA ASN A 423 26.05 -31.29 -19.12
C ASN A 423 25.50 -30.20 -18.22
N ALA A 424 24.26 -29.75 -18.45
CA ALA A 424 23.62 -28.85 -17.52
C ALA A 424 23.27 -29.56 -16.21
N GLN A 425 22.90 -30.84 -16.30
CA GLN A 425 22.65 -31.63 -15.09
C GLN A 425 23.94 -31.84 -14.29
N ALA A 426 25.06 -32.07 -14.99
CA ALA A 426 26.32 -32.25 -14.29
C ALA A 426 26.84 -30.94 -13.70
N SER A 427 26.74 -29.85 -14.46
CA SER A 427 27.33 -28.57 -14.07
C SER A 427 26.40 -27.68 -13.26
N GLY A 428 25.14 -28.07 -13.09
CA GLY A 428 24.19 -27.25 -12.33
C GLY A 428 23.81 -25.94 -12.99
N ASP A 429 23.58 -25.94 -14.30
CA ASP A 429 23.21 -24.74 -15.03
C ASP A 429 21.76 -24.83 -15.47
N GLY A 430 21.02 -23.75 -15.29
CA GLY A 430 19.59 -23.76 -15.54
C GLY A 430 19.25 -23.79 -17.01
N LEU A 431 18.01 -24.21 -17.28
CA LEU A 431 17.49 -24.33 -18.64
C LEU A 431 16.58 -23.16 -18.96
N THR A 432 16.80 -22.54 -20.12
CA THR A 432 15.85 -21.57 -20.64
C THR A 432 14.71 -22.30 -21.34
N HIS A 433 13.70 -21.53 -21.76
CA HIS A 433 12.53 -22.13 -22.39
C HIS A 433 12.84 -22.65 -23.79
N GLU A 434 13.78 -22.01 -24.49
CA GLU A 434 14.15 -22.44 -25.84
C GLU A 434 14.81 -23.82 -25.82
N GLN A 435 15.61 -24.10 -24.80
CA GLN A 435 16.22 -25.41 -24.64
C GLN A 435 15.16 -26.48 -24.36
N CYS A 436 14.11 -26.13 -23.61
CA CYS A 436 13.06 -27.09 -23.30
C CYS A 436 12.20 -27.39 -24.52
N VAL A 437 11.88 -26.37 -25.32
CA VAL A 437 11.08 -26.61 -26.52
C VAL A 437 11.89 -27.35 -27.59
N ASP A 438 13.15 -26.96 -27.78
CA ASP A 438 13.96 -27.58 -28.83
C ASP A 438 14.40 -29.00 -28.47
N ASN A 439 14.37 -29.36 -27.19
CA ASN A 439 14.73 -30.71 -26.78
C ASN A 439 13.57 -31.40 -26.07
N TRP A 440 12.37 -31.31 -26.65
CA TRP A 440 11.21 -31.96 -26.06
C TRP A 440 11.28 -33.48 -26.15
N LYS A 441 12.05 -34.02 -27.11
CA LYS A 441 12.23 -35.47 -27.18
C LYS A 441 13.11 -35.97 -26.05
N SER A 442 13.96 -35.11 -25.49
CA SER A 442 14.85 -35.52 -24.40
C SER A 442 14.09 -35.75 -23.11
N PHE A 443 12.89 -35.19 -22.96
CA PHE A 443 12.08 -35.35 -21.76
C PHE A 443 11.00 -36.41 -21.93
N ALA A 444 11.14 -37.31 -22.92
CA ALA A 444 10.07 -38.25 -23.23
C ALA A 444 9.92 -39.31 -22.15
N GLY A 445 11.03 -39.77 -21.57
CA GLY A 445 10.95 -40.80 -20.56
C GLY A 445 11.65 -40.45 -19.26
N VAL A 446 11.58 -39.19 -18.85
CA VAL A 446 12.19 -38.78 -17.59
C VAL A 446 11.36 -39.31 -16.43
N LYS A 447 12.04 -39.59 -15.32
CA LYS A 447 11.40 -40.04 -14.09
C LYS A 447 11.94 -39.22 -12.95
N PHE A 448 11.05 -38.46 -12.31
CA PHE A 448 11.44 -37.64 -11.17
C PHE A 448 11.63 -38.49 -9.93
N GLY A 449 12.29 -37.92 -8.93
CA GLY A 449 12.44 -38.52 -7.63
C GLY A 449 11.55 -37.82 -6.60
N CYS A 450 11.40 -38.49 -5.47
CA CYS A 450 10.58 -37.95 -4.38
C CYS A 450 11.37 -36.90 -3.62
N PHE A 451 10.87 -35.66 -3.60
CA PHE A 451 11.51 -34.62 -2.80
C PHE A 451 10.51 -33.70 -2.10
N MET A 452 9.22 -34.00 -2.15
CA MET A 452 8.22 -33.18 -1.47
C MET A 452 7.60 -33.94 -0.31
N PRO A 453 7.77 -33.47 0.92
CA PRO A 453 7.18 -34.18 2.07
C PRO A 453 5.68 -33.96 2.16
N LEU A 454 5.03 -34.86 2.89
CA LEU A 454 3.58 -34.86 3.05
C LEU A 454 3.29 -34.58 4.53
N SER A 455 2.94 -33.35 4.86
CA SER A 455 2.66 -32.96 6.24
C SER A 455 1.17 -32.67 6.35
N LEU A 456 0.39 -33.72 6.59
CA LEU A 456 -1.04 -33.58 6.82
C LEU A 456 -1.39 -33.43 8.30
N ASP A 457 -0.45 -33.75 9.19
CA ASP A 457 -0.65 -33.53 10.61
C ASP A 457 -0.37 -32.09 11.03
N SER A 458 0.26 -31.30 10.15
CA SER A 458 0.50 -29.89 10.46
C SER A 458 -0.75 -29.04 10.28
N ASP A 459 -1.63 -29.40 9.36
CA ASP A 459 -2.78 -28.58 9.00
C ASP A 459 -4.07 -29.31 9.31
N LEU A 460 -4.99 -28.62 9.98
CA LEU A 460 -6.33 -29.11 10.24
C LEU A 460 -7.40 -28.18 9.72
N THR A 461 -7.01 -26.98 9.25
CA THR A 461 -7.96 -25.94 8.84
C THR A 461 -8.75 -26.34 7.60
N MET A 462 -8.21 -27.20 6.77
CA MET A 462 -8.80 -27.49 5.47
C MET A 462 -10.03 -28.38 5.58
N TYR A 463 -10.16 -29.18 6.64
CA TYR A 463 -11.37 -29.95 6.83
C TYR A 463 -12.47 -29.15 7.52
N LEU A 464 -12.11 -28.14 8.30
CA LEU A 464 -13.07 -27.42 9.13
C LEU A 464 -13.96 -26.48 8.33
N LYS A 465 -13.63 -26.21 7.07
CA LYS A 465 -14.51 -25.42 6.23
C LYS A 465 -15.73 -26.25 5.85
N ASP A 466 -16.91 -25.73 6.17
CA ASP A 466 -18.15 -26.51 6.03
C ASP A 466 -18.58 -26.57 4.57
N LYS A 467 -18.75 -27.79 4.07
CA LYS A 467 -19.21 -28.02 2.71
C LYS A 467 -20.26 -29.11 2.70
N ALA A 468 -21.19 -29.02 1.75
CA ALA A 468 -22.32 -29.95 1.69
C ALA A 468 -21.90 -31.30 1.13
N LEU A 469 -22.65 -32.33 1.50
CA LEU A 469 -22.37 -33.70 1.11
C LEU A 469 -23.57 -34.29 0.38
N ALA A 470 -23.29 -35.06 -0.67
CA ALA A 470 -24.34 -35.76 -1.37
C ALA A 470 -24.76 -37.02 -0.61
N ALA A 471 -25.91 -37.56 -0.98
CA ALA A 471 -26.40 -38.78 -0.36
C ALA A 471 -25.67 -39.99 -0.93
N LEU A 472 -25.91 -41.15 -0.32
CA LEU A 472 -25.36 -42.39 -0.82
C LEU A 472 -26.07 -42.80 -2.12
N GLN A 473 -25.41 -43.68 -2.87
CA GLN A 473 -25.92 -44.05 -4.20
C GLN A 473 -27.17 -44.92 -4.10
N ARG A 474 -27.28 -45.72 -3.03
CA ARG A 474 -28.46 -46.54 -2.84
C ARG A 474 -29.68 -45.72 -2.44
N GLU A 475 -29.49 -44.51 -1.93
CA GLU A 475 -30.57 -43.65 -1.48
C GLU A 475 -30.42 -42.25 -2.07
N TRP A 476 -30.19 -42.21 -3.39
CA TRP A 476 -30.12 -40.93 -4.10
C TRP A 476 -31.47 -40.24 -4.22
N ASP A 477 -32.57 -40.98 -4.07
CA ASP A 477 -33.90 -40.39 -4.17
C ASP A 477 -34.38 -39.79 -2.86
N SER A 478 -33.57 -39.85 -1.79
CA SER A 478 -34.00 -39.35 -0.50
C SER A 478 -34.05 -37.82 -0.43
N VAL A 479 -33.37 -37.13 -1.36
CA VAL A 479 -33.44 -35.67 -1.38
C VAL A 479 -34.80 -35.20 -1.85
N TYR A 480 -35.43 -35.93 -2.78
CA TYR A 480 -36.75 -35.56 -3.27
C TYR A 480 -37.81 -35.93 -2.25
N PRO A 481 -38.80 -35.06 -2.04
CA PRO A 481 -39.88 -35.40 -1.11
C PRO A 481 -40.80 -36.48 -1.67
N LYS A 482 -41.55 -37.11 -0.77
CA LYS A 482 -42.59 -38.06 -1.15
C LYS A 482 -43.72 -37.38 -1.90
N GLU A 483 -43.92 -36.08 -1.68
CA GLU A 483 -45.05 -35.33 -2.23
C GLU A 483 -44.97 -35.23 -3.75
N PHE A 484 -43.77 -34.99 -4.29
CA PHE A 484 -43.60 -34.72 -5.71
C PHE A 484 -43.24 -35.96 -6.52
N LEU A 485 -43.11 -37.12 -5.89
CA LEU A 485 -42.79 -38.36 -6.57
C LEU A 485 -44.00 -39.29 -6.62
N ARG A 486 -44.08 -40.07 -7.71
CA ARG A 486 -45.13 -41.09 -7.80
C ARG A 486 -44.85 -42.24 -6.84
N TYR A 487 -43.62 -42.74 -6.83
CA TYR A 487 -43.23 -43.80 -5.92
C TYR A 487 -42.69 -43.21 -4.62
N ASP A 488 -42.77 -44.00 -3.56
CA ASP A 488 -42.23 -43.57 -2.29
C ASP A 488 -40.71 -43.64 -2.30
N PRO A 489 -40.00 -42.55 -2.02
CA PRO A 489 -38.54 -42.60 -2.05
C PRO A 489 -37.99 -43.36 -0.86
N PRO A 490 -36.80 -43.95 -0.98
CA PRO A 490 -36.15 -44.55 0.19
C PRO A 490 -35.70 -43.51 1.19
N LYS A 491 -35.66 -43.91 2.45
CA LYS A 491 -35.27 -43.01 3.53
C LYS A 491 -33.77 -42.75 3.49
N GLY A 492 -33.37 -41.60 4.03
CA GLY A 492 -31.98 -41.18 4.00
C GLY A 492 -31.26 -41.29 5.32
N THR A 493 -30.20 -42.08 5.36
CA THR A 493 -29.38 -42.24 6.56
C THR A 493 -28.05 -41.52 6.46
N GLY A 494 -27.79 -40.79 5.38
CA GLY A 494 -26.56 -40.06 5.23
C GLY A 494 -26.52 -38.78 6.04
N SER A 495 -25.34 -38.19 6.12
CA SER A 495 -25.12 -36.96 6.86
C SER A 495 -24.85 -35.82 5.88
N ARG A 496 -25.46 -34.66 6.16
CA ARG A 496 -25.49 -33.58 5.20
C ARG A 496 -24.20 -32.77 5.14
N ARG A 497 -23.52 -32.60 6.27
CA ARG A 497 -22.39 -31.67 6.36
C ARG A 497 -21.08 -32.42 6.54
N LEU A 498 -20.01 -31.80 6.01
CA LEU A 498 -18.67 -32.39 6.10
C LEU A 498 -18.13 -32.37 7.52
N VAL A 499 -18.33 -31.26 8.24
CA VAL A 499 -17.70 -31.08 9.54
C VAL A 499 -18.36 -31.97 10.60
N ASP A 500 -19.64 -32.33 10.41
CA ASP A 500 -20.30 -33.21 11.36
C ASP A 500 -19.75 -34.63 11.27
N VAL A 501 -19.43 -35.09 10.07
CA VAL A 501 -18.79 -36.39 9.90
C VAL A 501 -17.35 -36.33 10.39
N PHE A 502 -16.67 -35.20 10.12
CA PHE A 502 -15.25 -35.08 10.46
C PHE A 502 -15.03 -35.04 11.96
N LEU A 503 -15.85 -34.27 12.69
CA LEU A 503 -15.63 -34.12 14.12
C LEU A 503 -16.10 -35.33 14.93
N ASN A 504 -17.11 -36.05 14.46
CA ASN A 504 -17.64 -37.20 15.17
C ASN A 504 -16.99 -38.51 14.75
N ASP A 505 -15.98 -38.47 13.88
CA ASP A 505 -15.29 -39.68 13.47
C ASP A 505 -14.40 -40.16 14.61
N SER A 506 -14.58 -41.42 15.02
CA SER A 506 -13.86 -41.94 16.18
C SER A 506 -12.40 -42.22 15.84
N SER A 507 -12.12 -42.70 14.63
CA SER A 507 -10.77 -43.00 14.19
C SER A 507 -10.55 -42.35 12.83
N PHE A 508 -9.68 -41.35 12.78
CA PHE A 508 -9.40 -40.61 11.55
C PHE A 508 -7.89 -40.45 11.41
N ASP A 509 -7.31 -41.18 10.46
CA ASP A 509 -5.91 -40.99 10.08
C ASP A 509 -5.91 -40.34 8.70
N PRO A 510 -5.26 -39.18 8.53
CA PRO A 510 -5.26 -38.52 7.21
C PRO A 510 -4.56 -39.32 6.11
N TYR A 511 -3.63 -40.21 6.47
CA TYR A 511 -2.97 -41.03 5.46
C TYR A 511 -3.84 -42.16 4.96
N ASP A 512 -4.83 -42.59 5.74
CA ASP A 512 -5.80 -43.57 5.27
C ASP A 512 -6.69 -42.99 4.17
N VAL A 513 -6.91 -41.67 4.21
CA VAL A 513 -7.65 -41.00 3.15
C VAL A 513 -6.89 -41.07 1.83
N ILE A 514 -5.56 -40.88 1.88
CA ILE A 514 -4.72 -41.03 0.70
C ILE A 514 -4.69 -42.48 0.24
N MET A 515 -4.62 -43.43 1.19
CA MET A 515 -4.65 -44.84 0.88
C MET A 515 -5.98 -45.29 0.28
N TYR A 516 -7.06 -44.54 0.51
CA TYR A 516 -8.35 -44.85 -0.11
C TYR A 516 -8.30 -44.62 -1.64
N VAL A 517 -7.41 -43.76 -2.12
CA VAL A 517 -7.18 -43.60 -3.55
C VAL A 517 -6.05 -44.51 -4.04
N VAL A 518 -4.96 -44.61 -3.26
CA VAL A 518 -3.78 -45.37 -3.67
C VAL A 518 -4.10 -46.87 -3.77
N SER A 519 -4.86 -47.39 -2.81
CA SER A 519 -5.20 -48.81 -2.81
C SER A 519 -6.18 -49.17 -3.94
N GLY A 520 -7.01 -48.22 -4.35
CA GLY A 520 -7.95 -48.44 -5.43
C GLY A 520 -9.36 -48.83 -5.01
N ALA A 521 -9.70 -48.68 -3.73
CA ALA A 521 -11.05 -48.98 -3.27
C ALA A 521 -12.05 -47.89 -3.61
N TYR A 522 -11.60 -46.74 -4.10
CA TYR A 522 -12.51 -45.66 -4.43
C TYR A 522 -13.31 -45.96 -5.70
N LEU A 523 -12.77 -46.80 -6.58
CA LEU A 523 -13.48 -47.14 -7.81
C LEU A 523 -14.64 -48.09 -7.57
N HIS A 524 -14.52 -48.99 -6.58
CA HIS A 524 -15.47 -50.06 -6.39
C HIS A 524 -16.41 -49.84 -5.20
N ASP A 525 -16.43 -48.64 -4.64
CA ASP A 525 -17.29 -48.44 -3.47
C ASP A 525 -18.76 -48.26 -3.88
N PRO A 526 -19.69 -48.78 -3.09
CA PRO A 526 -21.12 -48.65 -3.45
C PRO A 526 -21.74 -47.30 -3.06
N GLU A 527 -21.14 -46.57 -2.14
CA GLU A 527 -21.77 -45.39 -1.57
C GLU A 527 -21.47 -44.09 -2.30
N PHE A 528 -20.60 -44.12 -3.31
CA PHE A 528 -20.17 -42.87 -3.95
C PHE A 528 -21.27 -42.31 -4.84
N ASN A 529 -21.45 -41.00 -4.78
CA ASN A 529 -22.44 -40.30 -5.60
C ASN A 529 -22.01 -38.86 -5.78
N LEU A 530 -22.28 -38.30 -6.95
CA LEU A 530 -22.01 -36.89 -7.24
C LEU A 530 -23.28 -36.25 -7.76
N SER A 531 -23.61 -35.07 -7.22
CA SER A 531 -24.85 -34.38 -7.54
C SER A 531 -24.56 -32.93 -7.86
N TYR A 532 -25.50 -32.28 -8.54
CA TYR A 532 -25.40 -30.88 -8.89
C TYR A 532 -26.50 -30.09 -8.18
N SER A 533 -26.23 -28.81 -7.95
CA SER A 533 -27.22 -27.91 -7.38
C SER A 533 -27.10 -26.55 -8.03
N LEU A 534 -28.22 -25.84 -8.09
CA LEU A 534 -28.31 -24.59 -8.85
C LEU A 534 -27.66 -23.44 -8.09
N LYS A 535 -27.04 -22.53 -8.84
CA LYS A 535 -26.37 -21.37 -8.26
C LYS A 535 -27.40 -20.32 -7.85
N GLU A 536 -27.01 -19.49 -6.87
CA GLU A 536 -27.97 -18.64 -6.18
C GLU A 536 -28.28 -17.37 -6.99
N LYS A 537 -27.28 -16.53 -7.21
CA LYS A 537 -27.48 -15.20 -7.82
C LYS A 537 -26.65 -15.12 -9.09
N GLU A 538 -27.25 -15.49 -10.21
CA GLU A 538 -26.58 -15.42 -11.50
C GLU A 538 -27.55 -14.86 -12.54
N ILE A 539 -27.07 -13.91 -13.35
CA ILE A 539 -27.89 -13.28 -14.37
C ILE A 539 -28.15 -14.24 -15.53
N LYS A 540 -27.19 -15.12 -15.81
CA LYS A 540 -27.30 -16.10 -16.90
C LYS A 540 -28.43 -17.10 -16.69
N ARG A 544 -25.33 -21.40 -13.27
CA ARG A 544 -24.30 -22.42 -13.13
C ARG A 544 -24.69 -23.46 -12.07
N LEU A 545 -23.87 -24.49 -11.94
CA LEU A 545 -24.10 -25.59 -11.02
C LEU A 545 -22.89 -25.81 -10.13
N PHE A 546 -23.12 -26.07 -8.85
CA PHE A 546 -22.06 -26.48 -7.94
C PHE A 546 -22.31 -27.91 -7.47
N ALA A 547 -21.23 -28.67 -7.33
CA ALA A 547 -21.29 -30.12 -7.14
C ALA A 547 -21.17 -30.51 -5.67
N LYS A 548 -21.71 -31.69 -5.36
CA LYS A 548 -21.74 -32.25 -4.01
C LYS A 548 -21.41 -33.73 -4.10
N MET A 549 -20.50 -34.21 -3.26
CA MET A 549 -20.15 -35.62 -3.25
C MET A 549 -19.94 -36.09 -1.81
N THR A 550 -19.63 -37.38 -1.65
CA THR A 550 -19.58 -38.03 -0.36
C THR A 550 -18.33 -37.62 0.43
N TYR A 551 -18.23 -38.16 1.65
CA TYR A 551 -17.25 -37.68 2.64
C TYR A 551 -15.81 -37.99 2.22
N LYS A 552 -15.53 -39.25 1.88
CA LYS A 552 -14.15 -39.68 1.66
C LYS A 552 -13.56 -39.04 0.42
N MET A 553 -14.36 -38.93 -0.64
CA MET A 553 -13.84 -38.36 -1.88
C MET A 553 -13.68 -36.85 -1.75
N ARG A 554 -14.53 -36.22 -0.93
CA ARG A 554 -14.36 -34.81 -0.56
C ARG A 554 -13.03 -34.59 0.15
N ALA A 555 -12.72 -35.45 1.12
CA ALA A 555 -11.47 -35.33 1.86
C ALA A 555 -10.26 -35.57 0.96
N CYS A 556 -10.38 -36.51 0.01
CA CYS A 556 -9.32 -36.74 -0.96
C CYS A 556 -9.10 -35.52 -1.85
N GLN A 557 -10.18 -34.87 -2.27
CA GLN A 557 -10.07 -33.65 -3.08
C GLN A 557 -9.39 -32.52 -2.30
N VAL A 558 -9.77 -32.34 -1.03
CA VAL A 558 -9.21 -31.27 -0.21
C VAL A 558 -7.73 -31.52 0.06
N ILE A 559 -7.36 -32.76 0.36
CA ILE A 559 -5.95 -33.12 0.58
C ILE A 559 -5.15 -32.92 -0.71
N ALA A 560 -5.71 -33.31 -1.86
CA ALA A 560 -5.01 -33.17 -3.14
C ALA A 560 -4.74 -31.71 -3.49
N GLU A 561 -5.74 -30.85 -3.32
CA GLU A 561 -5.54 -29.44 -3.62
C GLU A 561 -4.60 -28.77 -2.63
N ASN A 562 -4.62 -29.18 -1.36
CA ASN A 562 -3.68 -28.61 -0.40
C ASN A 562 -2.24 -29.05 -0.69
N LEU A 563 -2.06 -30.32 -1.12
CA LEU A 563 -0.72 -30.81 -1.44
C LEU A 563 -0.16 -30.14 -2.69
N ILE A 564 -1.02 -29.86 -3.68
CA ILE A 564 -0.55 -29.11 -4.84
C ILE A 564 -0.24 -27.66 -4.46
N SER A 565 -1.05 -27.07 -3.57
CA SER A 565 -0.86 -25.67 -3.23
C SER A 565 0.37 -25.42 -2.35
N ASN A 566 0.76 -26.41 -1.53
CA ASN A 566 1.86 -26.17 -0.61
C ASN A 566 3.22 -26.22 -1.30
N GLY A 567 3.52 -27.34 -1.97
CA GLY A 567 4.87 -27.56 -2.45
C GLY A 567 5.22 -27.10 -3.86
N ILE A 568 4.46 -27.56 -4.85
CA ILE A 568 4.84 -27.36 -6.24
C ILE A 568 4.28 -26.07 -6.82
N GLY A 569 3.06 -25.68 -6.42
CA GLY A 569 2.45 -24.47 -6.95
C GLY A 569 3.18 -23.19 -6.57
N LYS A 570 3.88 -23.20 -5.44
CA LYS A 570 4.73 -22.08 -5.07
C LYS A 570 5.90 -21.90 -6.04
N TYR A 571 6.31 -22.98 -6.71
CA TYR A 571 7.27 -22.89 -7.79
C TYR A 571 6.69 -22.09 -8.96
N PHE A 572 5.39 -22.26 -9.23
CA PHE A 572 4.78 -21.63 -10.39
C PHE A 572 4.38 -20.18 -10.14
N LYS A 573 4.39 -19.74 -8.89
CA LYS A 573 4.07 -18.35 -8.59
C LYS A 573 5.23 -17.44 -8.96
N ASP A 574 4.91 -16.26 -9.49
CA ASP A 574 5.92 -15.31 -9.91
C ASP A 574 6.56 -14.61 -8.71
N GLU A 648 25.56 -0.91 -31.31
CA GLU A 648 24.58 -1.93 -30.94
C GLU A 648 23.64 -1.42 -29.86
N ASN A 649 22.39 -1.18 -30.26
CA ASN A 649 21.31 -0.65 -29.40
C ASN A 649 21.71 0.65 -28.73
N MET A 650 22.30 1.55 -29.51
CA MET A 650 22.78 2.82 -28.98
C MET A 650 21.62 3.74 -28.63
N GLU A 651 20.51 3.66 -29.37
CA GLU A 651 19.36 4.54 -29.18
C GLU A 651 18.50 4.17 -27.98
N ALA A 652 18.81 3.07 -27.28
CA ALA A 652 18.17 2.58 -26.05
C ALA A 652 16.74 2.12 -26.26
N TYR A 653 16.20 1.36 -25.31
CA TYR A 653 14.91 0.72 -25.51
C TYR A 653 14.03 0.87 -24.28
N GLU A 654 12.72 0.89 -24.53
CA GLU A 654 11.69 0.89 -23.49
C GLU A 654 10.71 -0.22 -23.80
N THR A 655 9.94 -0.62 -22.80
CA THR A 655 9.02 -1.75 -22.91
C THR A 655 7.58 -1.23 -23.02
N VAL A 656 6.87 -1.68 -24.04
CA VAL A 656 5.46 -1.36 -24.24
C VAL A 656 4.67 -2.67 -24.24
N SER A 657 3.51 -2.67 -23.60
CA SER A 657 2.76 -3.89 -23.36
C SER A 657 1.31 -3.72 -23.78
N ALA A 658 0.70 -4.84 -24.16
CA ALA A 658 -0.74 -4.89 -24.46
C ALA A 658 -1.33 -6.09 -23.72
N PHE A 659 -2.66 -6.13 -23.63
CA PHE A 659 -3.34 -7.09 -22.76
C PHE A 659 -4.34 -7.94 -23.54
N ILE A 660 -4.42 -9.21 -23.15
CA ILE A 660 -5.40 -10.16 -23.67
C ILE A 660 -6.17 -10.72 -22.48
N THR A 661 -7.49 -10.53 -22.48
CA THR A 661 -8.33 -11.03 -21.40
C THR A 661 -9.22 -12.14 -21.94
N THR A 662 -9.15 -13.31 -21.29
CA THR A 662 -9.85 -14.52 -21.70
C THR A 662 -10.69 -15.03 -20.55
N ASP A 663 -11.74 -15.77 -20.90
CA ASP A 663 -12.62 -16.41 -19.93
C ASP A 663 -12.25 -17.88 -19.79
N LEU A 664 -12.22 -18.38 -18.55
CA LEU A 664 -11.74 -19.72 -18.25
C LEU A 664 -12.82 -20.65 -17.71
N LYS A 665 -14.10 -20.31 -17.90
CA LYS A 665 -15.15 -21.07 -17.22
C LYS A 665 -15.39 -22.42 -17.88
N LYS A 666 -15.37 -22.47 -19.22
CA LYS A 666 -15.62 -23.71 -19.94
C LYS A 666 -14.39 -24.60 -20.08
N TYR A 667 -13.25 -24.19 -19.51
CA TYR A 667 -12.03 -24.99 -19.60
C TYR A 667 -12.14 -26.29 -18.82
N CYS A 668 -12.83 -26.26 -17.67
CA CYS A 668 -12.88 -27.41 -16.78
C CYS A 668 -13.62 -28.58 -17.42
N LEU A 669 -14.65 -28.29 -18.21
CA LEU A 669 -15.33 -29.34 -18.96
C LEU A 669 -14.44 -29.90 -20.07
N ASN A 670 -13.50 -29.09 -20.57
CA ASN A 670 -12.65 -29.48 -21.69
C ASN A 670 -11.45 -30.33 -21.29
N TRP A 671 -11.08 -30.37 -20.02
CA TRP A 671 -9.99 -31.24 -19.58
C TRP A 671 -10.39 -32.70 -19.70
N ARG A 672 -9.48 -33.52 -20.21
CA ARG A 672 -9.68 -34.95 -20.35
C ARG A 672 -8.51 -35.66 -19.68
N TYR A 673 -8.64 -36.99 -19.55
CA TYR A 673 -7.64 -37.78 -18.85
C TYR A 673 -6.32 -37.81 -19.61
N GLU A 674 -6.38 -37.86 -20.94
CA GLU A 674 -5.17 -37.93 -21.76
C GLU A 674 -4.35 -36.65 -21.68
N THR A 675 -5.02 -35.50 -21.55
CA THR A 675 -4.30 -34.23 -21.45
C THR A 675 -3.62 -34.08 -20.09
N ILE A 676 -4.34 -34.40 -19.01
CA ILE A 676 -3.86 -34.14 -17.66
C ILE A 676 -2.97 -35.27 -17.16
N SER A 677 -2.90 -36.39 -17.88
CA SER A 677 -2.28 -37.61 -17.38
C SER A 677 -0.79 -37.46 -17.15
N LEU A 678 -0.06 -36.87 -18.10
CA LEU A 678 1.41 -36.78 -17.98
C LEU A 678 1.82 -35.83 -16.85
N PHE A 679 1.13 -34.71 -16.73
CA PHE A 679 1.38 -33.78 -15.63
C PHE A 679 1.06 -34.43 -14.30
N ALA A 680 -0.01 -35.24 -14.25
CA ALA A 680 -0.35 -35.95 -13.04
C ALA A 680 0.68 -37.03 -12.70
N GLN A 681 1.25 -37.69 -13.71
CA GLN A 681 2.34 -38.65 -13.47
C GLN A 681 3.57 -37.97 -12.91
N ARG A 682 3.91 -36.79 -13.43
CA ARG A 682 5.07 -36.08 -12.92
C ARG A 682 4.84 -35.60 -11.48
N LEU A 683 3.63 -35.16 -11.16
CA LEU A 683 3.32 -34.79 -9.78
C LEU A 683 3.27 -36.01 -8.86
N ASN A 684 2.84 -37.16 -9.38
CA ASN A 684 2.90 -38.41 -8.62
C ASN A 684 4.35 -38.79 -8.29
N GLU A 685 5.24 -38.62 -9.28
CA GLU A 685 6.65 -38.94 -9.05
C GLU A 685 7.30 -37.96 -8.08
N ILE A 686 6.88 -36.69 -8.12
CA ILE A 686 7.42 -35.72 -7.17
C ILE A 686 6.93 -36.00 -5.76
N TYR A 687 5.63 -36.22 -5.59
CA TYR A 687 5.08 -36.39 -4.25
C TYR A 687 5.15 -37.83 -3.73
N GLY A 688 5.54 -38.79 -4.56
CA GLY A 688 5.71 -40.15 -4.09
C GLY A 688 4.43 -40.91 -3.83
N LEU A 689 3.32 -40.54 -4.48
CA LEU A 689 2.05 -41.21 -4.32
C LEU A 689 1.64 -41.86 -5.63
N PRO A 690 1.33 -43.16 -5.64
CA PRO A 690 0.98 -43.85 -6.88
C PRO A 690 -0.45 -43.57 -7.30
N SER A 691 -0.63 -43.08 -8.53
CA SER A 691 -1.92 -42.87 -9.21
C SER A 691 -2.85 -41.91 -8.45
N PHE A 692 -2.29 -40.96 -7.71
CA PHE A 692 -3.12 -40.12 -6.85
C PHE A 692 -3.79 -38.99 -7.63
N PHE A 693 -3.02 -38.23 -8.39
CA PHE A 693 -3.51 -36.96 -8.91
C PHE A 693 -4.36 -37.07 -10.17
N GLN A 694 -4.59 -38.27 -10.71
CA GLN A 694 -5.53 -38.44 -11.80
C GLN A 694 -6.83 -39.09 -11.32
N TRP A 695 -7.18 -38.88 -10.04
CA TRP A 695 -8.33 -39.56 -9.44
C TRP A 695 -9.66 -39.10 -10.02
N LEU A 696 -9.75 -37.82 -10.41
CA LEU A 696 -11.03 -37.21 -10.74
C LEU A 696 -11.64 -37.81 -12.00
N HIS A 697 -10.85 -37.89 -13.07
CA HIS A 697 -11.35 -38.43 -14.33
C HIS A 697 -11.64 -39.93 -14.20
N LYS A 698 -10.79 -40.66 -13.47
CA LYS A 698 -10.99 -42.09 -13.28
C LYS A 698 -12.25 -42.40 -12.50
N ARG A 699 -12.62 -41.53 -11.54
CA ARG A 699 -13.88 -41.78 -10.87
C ARG A 699 -15.08 -41.28 -11.67
N LEU A 700 -14.95 -40.17 -12.38
CA LEU A 700 -16.10 -39.61 -13.09
C LEU A 700 -16.45 -40.40 -14.34
N GLU A 701 -15.50 -41.13 -14.93
CA GLU A 701 -15.81 -41.88 -16.14
C GLU A 701 -16.74 -43.06 -15.88
N THR A 702 -16.75 -43.59 -14.65
CA THR A 702 -17.56 -44.74 -14.31
C THR A 702 -18.77 -44.39 -13.43
N SER A 703 -19.06 -43.10 -13.23
CA SER A 703 -20.15 -42.68 -12.36
C SER A 703 -21.23 -41.97 -13.17
N VAL A 704 -22.42 -41.89 -12.59
CA VAL A 704 -23.57 -41.24 -13.20
C VAL A 704 -23.91 -40.00 -12.38
N LEU A 705 -24.09 -38.87 -13.06
CA LEU A 705 -24.30 -37.58 -12.42
C LEU A 705 -25.72 -37.10 -12.67
N TYR A 706 -26.28 -36.39 -11.69
CA TYR A 706 -27.63 -35.85 -11.79
C TYR A 706 -27.69 -34.49 -11.11
N VAL A 707 -28.61 -33.65 -11.59
CA VAL A 707 -28.81 -32.32 -11.03
C VAL A 707 -29.99 -32.39 -10.06
N SER A 708 -29.74 -32.08 -8.80
CA SER A 708 -30.69 -32.31 -7.72
C SER A 708 -31.36 -31.00 -7.34
N ASP A 709 -32.65 -30.89 -7.66
CA ASP A 709 -33.53 -29.87 -7.13
C ASP A 709 -34.71 -30.57 -6.45
N PRO A 710 -35.08 -30.16 -5.22
CA PRO A 710 -36.16 -30.87 -4.51
C PRO A 710 -37.51 -30.82 -5.21
N HIS A 711 -37.82 -29.72 -5.87
CA HIS A 711 -39.13 -29.59 -6.52
C HIS A 711 -39.16 -30.27 -7.88
N CYS A 712 -38.02 -30.43 -8.52
CA CYS A 712 -37.96 -31.16 -9.79
C CYS A 712 -37.86 -32.66 -9.51
N PRO A 713 -38.84 -33.46 -9.94
CA PRO A 713 -38.76 -34.90 -9.69
C PRO A 713 -38.15 -35.65 -10.86
N PRO A 714 -37.47 -36.77 -10.60
CA PRO A 714 -37.09 -37.67 -11.69
C PRO A 714 -38.31 -38.33 -12.32
N ASP A 715 -38.23 -38.57 -13.62
CA ASP A 715 -39.35 -39.16 -14.36
C ASP A 715 -39.24 -40.69 -14.33
N LEU A 716 -39.49 -41.24 -13.14
CA LEU A 716 -39.45 -42.68 -12.94
C LEU A 716 -40.73 -43.15 -12.29
N ASP A 717 -41.27 -44.27 -12.76
CA ASP A 717 -42.44 -44.86 -12.14
C ASP A 717 -42.09 -45.64 -10.87
N ALA A 718 -40.93 -46.27 -10.83
CA ALA A 718 -40.50 -47.05 -9.68
C ALA A 718 -39.02 -46.79 -9.40
N HIS A 719 -38.58 -47.20 -8.22
CA HIS A 719 -37.21 -46.94 -7.80
C HIS A 719 -36.25 -47.85 -8.54
N ILE A 720 -35.21 -47.26 -9.13
CA ILE A 720 -34.15 -48.01 -9.80
C ILE A 720 -32.80 -47.44 -9.39
N PRO A 721 -31.76 -48.27 -9.45
CA PRO A 721 -30.40 -47.74 -9.26
C PRO A 721 -29.98 -46.81 -10.39
N LEU A 722 -28.91 -46.06 -10.13
CA LEU A 722 -28.55 -44.92 -10.98
C LEU A 722 -28.05 -45.35 -12.36
N TYR A 723 -27.44 -46.53 -12.48
CA TYR A 723 -26.87 -46.90 -13.76
C TYR A 723 -27.94 -47.32 -14.76
N LYS A 724 -29.10 -47.77 -14.28
CA LYS A 724 -30.20 -48.09 -15.19
C LYS A 724 -30.91 -46.86 -15.72
N VAL A 725 -30.71 -45.71 -15.07
CA VAL A 725 -31.45 -44.48 -15.41
C VAL A 725 -30.96 -43.95 -16.77
N PRO A 726 -31.86 -43.61 -17.68
CA PRO A 726 -31.44 -43.14 -19.01
C PRO A 726 -30.73 -41.79 -18.98
N ASN A 727 -30.09 -41.48 -20.11
CA ASN A 727 -29.27 -40.26 -20.24
C ASN A 727 -30.12 -39.11 -20.79
N ASP A 728 -31.20 -38.81 -20.08
CA ASP A 728 -32.10 -37.73 -20.41
C ASP A 728 -32.41 -36.96 -19.14
N GLN A 729 -33.17 -35.87 -19.30
CA GLN A 729 -33.74 -35.06 -18.22
C GLN A 729 -32.60 -34.48 -17.37
N ILE A 730 -32.52 -34.79 -16.08
CA ILE A 730 -31.50 -34.21 -15.21
C ILE A 730 -30.24 -35.05 -15.14
N PHE A 731 -30.18 -36.18 -15.84
CA PHE A 731 -29.11 -37.16 -15.68
C PHE A 731 -28.08 -37.06 -16.80
N ILE A 732 -26.80 -37.05 -16.41
CA ILE A 732 -25.67 -37.12 -17.32
C ILE A 732 -24.99 -38.45 -17.02
N LYS A 733 -24.97 -39.36 -18.00
CA LYS A 733 -24.74 -40.77 -17.69
C LYS A 733 -23.28 -41.10 -17.41
N TYR A 734 -22.36 -40.71 -18.29
CA TYR A 734 -20.96 -41.12 -18.17
C TYR A 734 -20.05 -39.99 -18.60
N PRO A 735 -19.76 -39.07 -17.68
CA PRO A 735 -19.00 -37.87 -18.06
C PRO A 735 -17.51 -38.15 -18.19
N MET A 736 -16.92 -37.57 -19.22
CA MET A 736 -15.46 -37.47 -19.36
C MET A 736 -15.10 -36.00 -19.32
N GLY A 737 -14.63 -35.54 -18.18
CA GLY A 737 -14.34 -34.14 -17.99
C GLY A 737 -14.14 -33.84 -16.52
N GLY A 738 -14.11 -32.55 -16.21
CA GLY A 738 -13.90 -32.11 -14.85
C GLY A 738 -15.00 -31.21 -14.36
N ILE A 739 -15.56 -31.55 -13.20
CA ILE A 739 -16.54 -30.67 -12.56
C ILE A 739 -15.84 -29.41 -12.07
N GLU A 740 -16.59 -28.30 -12.07
CA GLU A 740 -15.99 -26.99 -11.87
C GLU A 740 -15.47 -26.82 -10.45
N GLY A 741 -14.28 -26.24 -10.33
CA GLY A 741 -13.53 -26.32 -9.11
C GLY A 741 -12.81 -27.67 -9.04
N TYR A 742 -12.45 -28.05 -7.81
CA TYR A 742 -12.04 -29.38 -7.35
C TYR A 742 -10.64 -29.82 -7.81
N CYS A 743 -10.12 -29.21 -8.88
CA CYS A 743 -8.77 -29.47 -9.37
C CYS A 743 -8.19 -28.23 -10.03
N GLN A 744 -8.59 -27.05 -9.57
CA GLN A 744 -8.30 -25.81 -10.29
C GLN A 744 -6.82 -25.47 -10.30
N LYS A 745 -6.12 -25.77 -9.19
CA LYS A 745 -4.69 -25.52 -9.11
C LYS A 745 -3.91 -26.38 -10.10
N LEU A 746 -4.29 -27.66 -10.20
CA LEU A 746 -3.64 -28.58 -11.14
C LEU A 746 -3.87 -28.16 -12.58
N TRP A 747 -5.09 -27.71 -12.90
CA TRP A 747 -5.39 -27.29 -14.27
C TRP A 747 -4.69 -25.98 -14.62
N THR A 748 -4.58 -25.05 -13.67
CA THR A 748 -3.84 -23.82 -13.93
C THR A 748 -2.35 -24.09 -14.15
N ILE A 749 -1.78 -24.96 -13.31
CA ILE A 749 -0.38 -25.36 -13.43
C ILE A 749 -0.13 -26.05 -14.78
N SER A 750 -1.10 -26.84 -15.23
CA SER A 750 -0.98 -27.43 -16.57
C SER A 750 -1.16 -26.41 -17.68
N THR A 751 -1.94 -25.35 -17.45
CA THR A 751 -2.27 -24.41 -18.52
C THR A 751 -1.13 -23.43 -18.83
N ILE A 752 -0.38 -23.00 -17.80
CA ILE A 752 0.68 -21.97 -18.04
C ILE A 752 1.78 -22.38 -19.03
N PRO A 753 2.27 -23.64 -19.07
CA PRO A 753 3.25 -24.00 -20.13
C PRO A 753 2.83 -23.77 -21.57
N TYR A 754 1.53 -23.86 -21.90
CA TYR A 754 1.12 -23.63 -23.27
C TYR A 754 1.19 -22.15 -23.62
N LEU A 755 0.91 -21.29 -22.64
CA LEU A 755 1.11 -19.85 -22.81
C LEU A 755 2.58 -19.52 -23.03
N TYR A 756 3.47 -20.16 -22.26
CA TYR A 756 4.89 -19.94 -22.48
C TYR A 756 5.39 -20.51 -23.80
N LEU A 757 4.79 -21.60 -24.28
CA LEU A 757 5.14 -22.14 -25.59
C LEU A 757 4.75 -21.19 -26.72
N ALA A 758 3.55 -20.62 -26.63
CA ALA A 758 3.15 -19.60 -27.59
C ALA A 758 4.01 -18.35 -27.49
N ALA A 759 4.47 -18.02 -26.28
CA ALA A 759 5.42 -16.92 -26.10
C ALA A 759 6.74 -17.18 -26.81
N TYR A 760 7.25 -18.43 -26.73
CA TYR A 760 8.49 -18.76 -27.40
C TYR A 760 8.32 -18.74 -28.93
N GLU A 761 7.19 -19.25 -29.42
CA GLU A 761 7.00 -19.27 -30.88
C GLU A 761 6.74 -17.88 -31.46
N SER A 762 6.10 -16.99 -30.71
CA SER A 762 5.83 -15.65 -31.21
C SER A 762 6.92 -14.64 -30.87
N GLY A 763 7.92 -15.02 -30.07
CA GLY A 763 9.00 -14.12 -29.71
C GLY A 763 8.61 -12.92 -28.87
N VAL A 764 7.80 -13.15 -27.83
CA VAL A 764 7.27 -12.09 -26.98
C VAL A 764 7.66 -12.38 -25.53
N ARG A 765 7.42 -11.41 -24.66
CA ARG A 765 7.49 -11.63 -23.22
C ARG A 765 6.07 -11.65 -22.65
N ILE A 766 5.74 -12.68 -21.88
CA ILE A 766 4.38 -12.89 -21.41
C ILE A 766 4.36 -12.91 -19.89
N ALA A 767 3.48 -12.10 -19.31
CA ALA A 767 3.18 -12.17 -17.88
C ALA A 767 1.71 -12.48 -17.71
N SER A 768 1.40 -13.51 -16.92
CA SER A 768 0.03 -13.98 -16.77
C SER A 768 -0.48 -13.67 -15.36
N LEU A 769 -1.64 -13.03 -15.30
CA LEU A 769 -2.35 -12.79 -14.05
C LEU A 769 -3.66 -13.57 -14.09
N VAL A 770 -3.91 -14.36 -13.05
CA VAL A 770 -5.07 -15.25 -13.02
C VAL A 770 -6.08 -14.71 -12.02
N GLN A 771 -7.35 -14.72 -12.42
CA GLN A 771 -8.48 -14.35 -11.58
C GLN A 771 -9.54 -15.44 -11.67
N GLY A 772 -10.63 -15.25 -10.93
CA GLY A 772 -11.77 -16.12 -11.07
C GLY A 772 -12.45 -15.95 -12.43
N ASP A 773 -12.31 -16.96 -13.29
CA ASP A 773 -12.85 -17.03 -14.65
C ASP A 773 -12.33 -15.93 -15.57
N ASN A 774 -11.23 -15.27 -15.22
CA ASN A 774 -10.59 -14.27 -16.05
C ASN A 774 -9.09 -14.49 -16.03
N GLN A 775 -8.47 -14.53 -17.20
CA GLN A 775 -7.02 -14.57 -17.31
C GLN A 775 -6.55 -13.39 -18.14
N THR A 776 -5.60 -12.63 -17.59
CA THR A 776 -5.01 -11.48 -18.27
C THR A 776 -3.59 -11.83 -18.66
N ILE A 777 -3.29 -11.75 -19.95
CA ILE A 777 -1.98 -12.05 -20.49
C ILE A 777 -1.39 -10.74 -21.01
N ALA A 778 -0.26 -10.34 -20.44
CA ALA A 778 0.42 -9.11 -20.81
C ALA A 778 1.55 -9.46 -21.77
N VAL A 779 1.48 -8.91 -22.97
CA VAL A 779 2.46 -9.11 -24.03
C VAL A 779 3.39 -7.91 -24.04
N THR A 780 4.69 -8.18 -24.00
CA THR A 780 5.72 -7.15 -23.86
C THR A 780 6.76 -7.32 -24.94
N LYS A 781 7.02 -6.23 -25.67
CA LYS A 781 8.05 -6.12 -26.69
C LYS A 781 8.80 -4.80 -26.49
N ARG A 782 10.12 -4.83 -26.66
CA ARG A 782 10.92 -3.62 -26.52
C ARG A 782 10.84 -2.75 -27.77
N VAL A 783 10.89 -1.45 -27.55
CA VAL A 783 10.69 -0.46 -28.63
C VAL A 783 11.67 0.68 -28.42
N PRO A 784 12.15 1.30 -29.51
CA PRO A 784 12.98 2.50 -29.39
C PRO A 784 12.29 3.64 -28.65
N SER A 785 13.04 4.29 -27.77
CA SER A 785 12.49 5.33 -26.90
C SER A 785 12.27 6.64 -27.65
N THR A 786 13.00 6.86 -28.75
CA THR A 786 12.83 8.07 -29.54
C THR A 786 11.53 8.06 -30.36
N TRP A 787 10.89 6.90 -30.48
CA TRP A 787 9.63 6.79 -31.20
C TRP A 787 8.52 7.54 -30.47
N PRO A 788 7.56 8.09 -31.21
CA PRO A 788 6.38 8.68 -30.57
C PRO A 788 5.51 7.61 -29.91
N TYR A 789 4.64 8.08 -29.00
CA TYR A 789 3.85 7.17 -28.17
C TYR A 789 2.85 6.36 -28.98
N ASN A 790 2.36 6.91 -30.09
CA ASN A 790 1.35 6.20 -30.88
C ASN A 790 1.95 5.03 -31.66
N LEU A 791 3.21 5.13 -32.09
CA LEU A 791 3.82 4.05 -32.87
C LEU A 791 4.20 2.86 -31.98
N LYS A 792 4.62 3.14 -30.75
CA LYS A 792 4.99 2.11 -29.79
C LYS A 792 3.80 1.20 -29.47
N LYS A 793 2.64 1.82 -29.27
CA LYS A 793 1.43 1.07 -28.94
C LYS A 793 0.97 0.23 -30.12
N ARG A 794 1.15 0.75 -31.34
CA ARG A 794 0.81 0.01 -32.54
C ARG A 794 1.70 -1.22 -32.73
N GLU A 795 3.00 -1.07 -32.45
CA GLU A 795 3.92 -2.21 -32.51
C GLU A 795 3.56 -3.27 -31.49
N ALA A 796 3.23 -2.84 -30.25
CA ALA A 796 2.82 -3.77 -29.21
C ALA A 796 1.53 -4.51 -29.57
N ALA A 797 0.57 -3.80 -30.15
CA ALA A 797 -0.69 -4.44 -30.52
C ALA A 797 -0.52 -5.40 -31.70
N ARG A 798 0.37 -5.08 -32.65
CA ARG A 798 0.64 -6.00 -33.75
C ARG A 798 1.26 -7.30 -33.26
N VAL A 799 2.24 -7.20 -32.37
CA VAL A 799 2.89 -8.43 -31.93
C VAL A 799 1.98 -9.20 -30.96
N THR A 800 1.09 -8.48 -30.26
CA THR A 800 0.05 -9.12 -29.45
C THR A 800 -0.95 -9.89 -30.32
N ARG A 801 -1.32 -9.32 -31.47
CA ARG A 801 -2.15 -10.00 -32.46
C ARG A 801 -1.54 -11.32 -32.92
N ASP A 802 -0.24 -11.27 -33.25
CA ASP A 802 0.46 -12.49 -33.69
C ASP A 802 0.51 -13.55 -32.59
N TYR A 803 0.78 -13.10 -31.35
CA TYR A 803 0.78 -14.01 -30.21
C TYR A 803 -0.60 -14.63 -29.97
N PHE A 804 -1.66 -13.85 -30.20
CA PHE A 804 -3.01 -14.38 -30.03
C PHE A 804 -3.32 -15.47 -31.05
N VAL A 805 -2.89 -15.28 -32.30
CA VAL A 805 -3.13 -16.31 -33.32
C VAL A 805 -2.40 -17.60 -32.97
N ILE A 806 -1.13 -17.49 -32.54
CA ILE A 806 -0.36 -18.68 -32.15
C ILE A 806 -0.98 -19.38 -30.94
N LEU A 807 -1.43 -18.59 -29.95
CA LEU A 807 -2.02 -19.16 -28.74
C LEU A 807 -3.34 -19.86 -29.04
N ARG A 808 -4.15 -19.30 -29.94
CA ARG A 808 -5.39 -19.95 -30.34
C ARG A 808 -5.12 -21.30 -31.00
N GLN A 809 -4.11 -21.37 -31.88
CA GLN A 809 -3.79 -22.63 -32.53
C GLN A 809 -3.28 -23.68 -31.52
N ARG A 810 -2.42 -23.26 -30.59
CA ARG A 810 -1.87 -24.20 -29.61
C ARG A 810 -2.91 -24.67 -28.60
N LEU A 811 -3.85 -23.80 -28.21
CA LEU A 811 -4.92 -24.26 -27.33
C LEU A 811 -5.94 -25.11 -28.06
N HIS A 812 -6.15 -24.89 -29.37
CA HIS A 812 -7.06 -25.76 -30.09
C HIS A 812 -6.46 -27.15 -30.29
N ASP A 813 -5.13 -27.23 -30.47
CA ASP A 813 -4.49 -28.52 -30.70
C ASP A 813 -4.57 -29.43 -29.48
N ILE A 814 -4.52 -28.86 -28.26
CA ILE A 814 -4.81 -29.66 -27.07
C ILE A 814 -6.30 -29.73 -26.76
N GLY A 815 -7.11 -28.89 -27.40
CA GLY A 815 -8.54 -29.05 -27.38
C GLY A 815 -9.36 -28.11 -26.48
N HIS A 816 -8.86 -26.92 -26.18
CA HIS A 816 -9.55 -26.06 -25.22
C HIS A 816 -10.43 -24.98 -25.85
N HIS A 817 -10.38 -24.79 -27.18
CA HIS A 817 -11.35 -23.99 -27.93
C HIS A 817 -11.45 -22.53 -27.46
N LEU A 818 -10.42 -21.73 -27.74
CA LEU A 818 -10.30 -20.38 -27.18
C LEU A 818 -11.44 -19.45 -27.59
N LYS A 819 -11.99 -19.63 -28.81
CA LYS A 819 -13.15 -18.91 -29.34
C LYS A 819 -12.85 -17.40 -29.39
N ALA A 820 -12.15 -16.99 -30.45
CA ALA A 820 -11.55 -15.66 -30.58
C ALA A 820 -12.53 -14.50 -30.38
N ASN A 821 -13.82 -14.70 -30.69
CA ASN A 821 -14.79 -13.61 -30.56
C ASN A 821 -15.02 -13.20 -29.11
N GLU A 822 -15.03 -14.17 -28.18
CA GLU A 822 -15.27 -13.84 -26.77
C GLU A 822 -14.08 -13.13 -26.13
N THR A 823 -12.87 -13.48 -26.53
CA THR A 823 -11.65 -12.96 -25.91
C THR A 823 -11.41 -11.51 -26.33
N ILE A 824 -11.06 -10.65 -25.38
CA ILE A 824 -10.84 -9.23 -25.64
C ILE A 824 -9.34 -8.97 -25.76
N VAL A 825 -8.93 -8.37 -26.88
CA VAL A 825 -7.56 -7.93 -27.09
C VAL A 825 -7.55 -6.40 -27.01
N SER A 826 -6.76 -5.84 -26.09
CA SER A 826 -6.76 -4.42 -25.84
C SER A 826 -5.34 -3.89 -25.73
N SER A 827 -5.19 -2.59 -25.95
CA SER A 827 -3.92 -1.91 -25.78
C SER A 827 -3.77 -1.28 -24.41
N HIS A 828 -4.85 -0.71 -23.86
CA HIS A 828 -4.78 0.03 -22.62
C HIS A 828 -5.34 -0.70 -21.41
N PHE A 829 -6.55 -1.25 -21.49
CA PHE A 829 -7.28 -1.67 -20.30
C PHE A 829 -7.22 -3.17 -20.08
N PHE A 830 -7.21 -3.55 -18.80
CA PHE A 830 -7.49 -4.92 -18.40
C PHE A 830 -8.35 -4.90 -17.13
N VAL A 831 -8.99 -6.03 -16.86
CA VAL A 831 -9.98 -6.13 -15.78
C VAL A 831 -9.37 -6.90 -14.62
N TYR A 832 -9.40 -6.31 -13.43
CA TYR A 832 -8.96 -6.98 -12.22
C TYR A 832 -9.92 -6.62 -11.08
N SER A 833 -9.50 -6.93 -9.85
CA SER A 833 -10.43 -6.96 -8.71
C SER A 833 -10.89 -5.57 -8.29
N LYS A 834 -9.99 -4.59 -8.27
CA LYS A 834 -10.37 -3.25 -7.82
C LYS A 834 -11.25 -2.54 -8.84
N GLY A 835 -11.02 -2.78 -10.13
CA GLY A 835 -11.75 -2.09 -11.17
C GLY A 835 -11.08 -2.32 -12.51
N ILE A 836 -11.38 -1.44 -13.44
CA ILE A 836 -10.74 -1.51 -14.76
C ILE A 836 -9.45 -0.71 -14.71
N TYR A 837 -8.38 -1.27 -15.27
CA TYR A 837 -7.10 -0.59 -15.32
C TYR A 837 -6.92 -0.06 -16.73
N TYR A 838 -6.85 1.27 -16.86
CA TYR A 838 -6.71 1.98 -18.12
C TYR A 838 -5.44 2.83 -18.07
N ASP A 839 -4.32 2.22 -18.49
CA ASP A 839 -3.04 2.89 -18.73
C ASP A 839 -2.54 3.66 -17.49
N GLY A 840 -2.58 2.99 -16.34
CA GLY A 840 -2.23 3.61 -15.09
C GLY A 840 -3.37 4.25 -14.33
N LEU A 841 -4.58 4.21 -14.88
CA LEU A 841 -5.76 4.74 -14.22
C LEU A 841 -6.60 3.60 -13.67
N LEU A 842 -7.21 3.82 -12.51
CA LEU A 842 -8.11 2.85 -11.91
C LEU A 842 -9.54 3.39 -12.04
N VAL A 843 -10.30 2.81 -12.95
CA VAL A 843 -11.73 3.09 -13.06
C VAL A 843 -12.44 2.24 -12.03
N SER A 844 -13.12 2.90 -11.09
CA SER A 844 -13.69 2.27 -9.91
C SER A 844 -15.21 2.31 -9.95
N GLN A 845 -15.83 1.34 -9.27
CA GLN A 845 -17.28 1.19 -9.24
C GLN A 845 -17.77 1.72 -7.88
N SER A 846 -18.15 3.00 -7.86
CA SER A 846 -18.49 3.66 -6.60
C SER A 846 -19.88 3.29 -6.09
N LEU A 847 -20.81 2.99 -6.99
CA LEU A 847 -22.22 2.88 -6.63
C LEU A 847 -22.65 1.46 -6.29
N LYS A 848 -21.72 0.50 -6.23
CA LYS A 848 -22.08 -0.85 -5.83
C LYS A 848 -22.36 -0.94 -4.34
N SER A 849 -21.50 -0.32 -3.51
CA SER A 849 -21.66 -0.41 -2.07
C SER A 849 -22.80 0.45 -1.56
N ILE A 850 -23.16 1.51 -2.29
CA ILE A 850 -24.35 2.27 -1.95
C ILE A 850 -25.61 1.45 -2.21
N ALA A 851 -25.61 0.68 -3.31
CA ALA A 851 -26.70 -0.23 -3.58
C ALA A 851 -26.75 -1.37 -2.58
N ARG A 852 -25.61 -1.73 -1.99
CA ARG A 852 -25.58 -2.74 -0.94
C ARG A 852 -25.90 -2.17 0.44
N CYS A 853 -26.16 -0.88 0.56
CA CYS A 853 -26.56 -0.27 1.83
C CYS A 853 -28.07 -0.46 1.99
N VAL A 854 -28.44 -1.53 2.69
CA VAL A 854 -29.82 -1.98 2.83
C VAL A 854 -30.10 -2.07 4.33
N PHE A 855 -31.37 -1.86 4.72
CA PHE A 855 -31.81 -2.14 6.08
C PHE A 855 -31.54 -3.60 6.44
N TRP A 856 -31.13 -3.81 7.69
CA TRP A 856 -30.76 -5.09 8.31
C TRP A 856 -29.50 -5.70 7.69
N SER A 857 -29.01 -6.77 8.30
CA SER A 857 -27.85 -7.50 7.82
C SER A 857 -28.13 -8.99 7.97
N GLU A 858 -27.31 -9.80 7.30
CA GLU A 858 -27.50 -11.25 7.30
C GLU A 858 -27.05 -11.81 8.65
N THR A 859 -27.99 -11.80 9.60
CA THR A 859 -27.76 -12.34 10.93
C THR A 859 -28.96 -13.21 11.30
N ILE A 860 -28.73 -14.18 12.18
CA ILE A 860 -29.82 -15.06 12.60
C ILE A 860 -30.77 -14.36 13.57
N VAL A 861 -30.33 -13.29 14.22
CA VAL A 861 -31.17 -12.45 15.06
C VAL A 861 -31.07 -11.03 14.52
N ASP A 862 -32.21 -10.38 14.35
CA ASP A 862 -32.25 -9.02 13.83
C ASP A 862 -31.63 -8.05 14.84
N GLU A 863 -30.45 -7.54 14.50
CA GLU A 863 -29.70 -6.64 15.36
C GLU A 863 -29.60 -5.26 14.72
N THR A 864 -29.81 -4.22 15.53
CA THR A 864 -29.69 -2.87 15.02
C THR A 864 -28.22 -2.47 14.83
N ARG A 865 -27.35 -2.94 15.73
CA ARG A 865 -25.96 -2.49 15.75
C ARG A 865 -25.17 -3.06 14.57
N ALA A 866 -25.43 -4.32 14.21
CA ALA A 866 -24.80 -4.90 13.03
C ALA A 866 -25.27 -4.21 11.75
N ALA A 867 -26.54 -3.81 11.71
CA ALA A 867 -27.06 -3.07 10.57
C ALA A 867 -26.40 -1.71 10.45
N CYS A 868 -26.23 -0.99 11.56
CA CYS A 868 -25.57 0.32 11.53
C CYS A 868 -24.10 0.19 11.16
N SER A 869 -23.43 -0.86 11.63
CA SER A 869 -22.05 -1.13 11.22
C SER A 869 -21.95 -1.44 9.73
N ASN A 870 -22.92 -2.17 9.19
CA ASN A 870 -22.94 -2.45 7.75
C ASN A 870 -23.14 -1.19 6.93
N ILE A 871 -24.03 -0.28 7.39
CA ILE A 871 -24.25 1.00 6.72
C ILE A 871 -22.98 1.83 6.70
N ALA A 872 -22.29 1.90 7.86
CA ALA A 872 -21.06 2.67 7.95
C ALA A 872 -19.96 2.09 7.08
N THR A 873 -19.84 0.75 7.04
CA THR A 873 -18.83 0.10 6.22
C THR A 873 -19.08 0.32 4.73
N THR A 874 -20.35 0.20 4.29
CA THR A 874 -20.67 0.40 2.88
C THR A 874 -20.45 1.84 2.44
N MET A 875 -20.84 2.81 3.28
CA MET A 875 -20.64 4.21 2.91
C MET A 875 -19.16 4.58 2.92
N ALA A 876 -18.39 4.02 3.86
CA ALA A 876 -16.95 4.24 3.87
C ALA A 876 -16.28 3.66 2.62
N LYS A 877 -16.70 2.46 2.21
CA LYS A 877 -16.15 1.82 1.01
C LYS A 877 -16.49 2.64 -0.24
N SER A 878 -17.68 3.23 -0.27
CA SER A 878 -18.01 4.14 -1.36
C SER A 878 -17.14 5.40 -1.32
N ILE A 879 -16.73 5.84 -0.12
CA ILE A 879 -15.81 6.96 -0.03
C ILE A 879 -14.44 6.60 -0.61
N GLU A 880 -13.91 5.40 -0.31
CA GLU A 880 -12.62 5.08 -0.95
C GLU A 880 -12.77 4.79 -2.44
N ARG A 881 -13.95 4.39 -2.92
CA ARG A 881 -14.11 4.23 -4.36
C ARG A 881 -14.51 5.52 -5.08
N GLY A 882 -14.70 6.63 -4.37
CA GLY A 882 -14.80 7.91 -5.03
C GLY A 882 -16.01 8.78 -4.77
N TYR A 883 -16.90 8.36 -3.88
CA TYR A 883 -18.05 9.17 -3.58
C TYR A 883 -17.67 10.32 -2.65
N ASP A 884 -18.50 11.36 -2.63
CA ASP A 884 -18.23 12.53 -1.80
C ASP A 884 -18.39 12.18 -0.32
N ARG A 885 -17.50 12.72 0.50
CA ARG A 885 -17.41 12.31 1.90
C ARG A 885 -18.56 12.84 2.72
N TYR A 886 -18.90 14.12 2.53
CA TYR A 886 -19.91 14.78 3.35
C TYR A 886 -21.30 14.24 3.06
N LEU A 887 -21.59 13.98 1.78
CA LEU A 887 -22.88 13.44 1.39
C LEU A 887 -23.03 11.99 1.86
N ALA A 888 -21.93 11.23 1.87
CA ALA A 888 -21.96 9.88 2.41
C ALA A 888 -22.21 9.89 3.92
N TYR A 889 -21.61 10.84 4.63
CA TYR A 889 -21.84 10.96 6.06
C TYR A 889 -23.30 11.33 6.36
N SER A 890 -23.87 12.22 5.56
CA SER A 890 -25.28 12.60 5.75
C SER A 890 -26.23 11.45 5.41
N LEU A 891 -25.90 10.68 4.37
CA LEU A 891 -26.68 9.48 4.05
C LEU A 891 -26.60 8.45 5.17
N ASN A 892 -25.43 8.33 5.80
CA ASN A 892 -25.29 7.44 6.95
C ASN A 892 -26.16 7.89 8.12
N VAL A 893 -26.21 9.21 8.38
CA VAL A 893 -27.02 9.73 9.48
C VAL A 893 -28.51 9.46 9.24
N LEU A 894 -28.98 9.73 8.01
CA LEU A 894 -30.38 9.47 7.70
C LEU A 894 -30.71 7.97 7.75
N LYS A 895 -29.80 7.12 7.26
CA LYS A 895 -30.06 5.69 7.26
C LYS A 895 -30.03 5.10 8.67
N VAL A 896 -29.20 5.65 9.57
CA VAL A 896 -29.20 5.22 10.97
C VAL A 896 -30.49 5.62 11.67
N ILE A 897 -30.99 6.84 11.41
CA ILE A 897 -32.26 7.28 11.99
C ILE A 897 -33.41 6.40 11.50
N GLN A 898 -33.43 6.11 10.19
CA GLN A 898 -34.47 5.25 9.62
C GLN A 898 -34.38 3.82 10.16
N GLN A 899 -33.16 3.31 10.35
CA GLN A 899 -32.99 1.95 10.86
C GLN A 899 -33.42 1.84 12.32
N ILE A 900 -33.14 2.86 13.13
CA ILE A 900 -33.59 2.87 14.52
C ILE A 900 -35.12 2.94 14.59
N LEU A 901 -35.74 3.78 13.75
CA LEU A 901 -37.19 3.87 13.75
C LEU A 901 -37.86 2.59 13.25
N ILE A 902 -37.24 1.91 12.28
CA ILE A 902 -37.76 0.63 11.83
C ILE A 902 -37.61 -0.43 12.91
N SER A 903 -36.46 -0.45 13.60
CA SER A 903 -36.22 -1.44 14.64
C SER A 903 -37.12 -1.26 15.85
N LEU A 904 -37.55 -0.02 16.13
CA LEU A 904 -38.50 0.20 17.22
C LEU A 904 -39.95 0.09 16.79
N GLY A 905 -40.27 0.34 15.53
CA GLY A 905 -41.66 0.44 15.13
C GLY A 905 -42.17 -0.56 14.12
N PHE A 906 -41.28 -1.09 13.28
CA PHE A 906 -41.67 -2.02 12.21
C PHE A 906 -40.75 -3.24 12.32
N THR A 907 -41.12 -4.17 13.19
CA THR A 907 -40.28 -5.31 13.48
C THR A 907 -41.14 -6.52 13.79
N ILE A 908 -40.54 -7.70 13.66
CA ILE A 908 -41.19 -8.95 14.02
C ILE A 908 -40.81 -9.43 15.41
N ASN A 909 -39.89 -8.75 16.08
CA ASN A 909 -39.46 -9.15 17.42
C ASN A 909 -40.56 -8.89 18.43
N SER A 910 -40.90 -9.91 19.21
CA SER A 910 -41.97 -9.82 20.20
C SER A 910 -41.46 -9.41 21.57
N THR A 911 -40.16 -9.19 21.74
CA THR A 911 -39.60 -8.75 23.01
C THR A 911 -39.58 -7.24 23.14
N MET A 912 -40.00 -6.51 22.11
CA MET A 912 -40.12 -5.05 22.18
C MET A 912 -41.38 -4.71 22.98
N THR A 913 -41.23 -4.65 24.29
CA THR A 913 -42.34 -4.27 25.16
C THR A 913 -42.53 -2.75 25.13
N ARG A 914 -43.57 -2.29 25.83
CA ARG A 914 -43.91 -0.88 25.85
C ARG A 914 -43.06 -0.06 26.82
N ASP A 915 -42.16 -0.72 27.56
CA ASP A 915 -41.34 0.01 28.52
C ASP A 915 -40.25 0.85 27.85
N VAL A 916 -39.85 0.47 26.64
CA VAL A 916 -38.79 1.20 25.94
C VAL A 916 -39.25 1.77 24.60
N VAL A 917 -40.29 1.23 23.97
CA VAL A 917 -40.67 1.69 22.64
C VAL A 917 -41.34 3.05 22.71
N ILE A 918 -42.34 3.20 23.57
CA ILE A 918 -43.06 4.47 23.75
C ILE A 918 -42.14 5.56 24.32
N PRO A 919 -41.28 5.34 25.34
CA PRO A 919 -40.34 6.41 25.71
C PRO A 919 -39.36 6.83 24.61
N LEU A 920 -38.93 5.92 23.75
CA LEU A 920 -38.01 6.31 22.69
C LEU A 920 -38.73 7.02 21.54
N LEU A 921 -39.95 6.59 21.22
CA LEU A 921 -40.66 7.20 20.11
C LEU A 921 -41.30 8.55 20.49
N THR A 922 -41.72 8.71 21.75
CA THR A 922 -42.28 9.99 22.15
C THR A 922 -41.20 11.05 22.39
N ASN A 923 -40.03 10.65 22.84
CA ASN A 923 -38.91 11.58 23.08
C ASN A 923 -38.02 11.56 21.84
N ASN A 924 -38.17 12.59 21.00
CA ASN A 924 -37.47 12.63 19.72
C ASN A 924 -35.98 12.95 19.88
N ASP A 925 -35.66 13.91 20.74
CA ASP A 925 -34.28 14.35 20.93
C ASP A 925 -33.41 13.24 21.52
N LEU A 926 -34.02 12.38 22.35
CA LEU A 926 -33.35 11.19 22.85
C LEU A 926 -32.93 10.27 21.71
N LEU A 927 -33.81 10.08 20.73
CA LEU A 927 -33.52 9.19 19.61
C LEU A 927 -32.45 9.79 18.70
N ILE A 928 -32.48 11.10 18.48
CA ILE A 928 -31.44 11.71 17.63
C ILE A 928 -30.09 11.70 18.34
N ARG A 929 -30.06 11.96 19.65
CA ARG A 929 -28.81 11.92 20.39
C ARG A 929 -28.26 10.50 20.49
N MET A 930 -29.14 9.49 20.46
CA MET A 930 -28.65 8.12 20.37
C MET A 930 -28.13 7.79 18.97
N ALA A 931 -28.74 8.35 17.93
CA ALA A 931 -28.31 8.06 16.57
C ALA A 931 -27.00 8.74 16.21
N LEU A 932 -26.76 9.95 16.73
CA LEU A 932 -25.57 10.71 16.34
C LEU A 932 -24.34 10.38 17.16
N LEU A 933 -24.50 9.86 18.37
CA LEU A 933 -23.37 9.61 19.25
C LEU A 933 -22.54 8.44 18.73
N PRO A 934 -21.22 8.54 18.78
CA PRO A 934 -20.37 7.43 18.30
C PRO A 934 -20.48 6.19 19.18
N ALA A 935 -20.30 5.04 18.55
CA ALA A 935 -20.44 3.73 19.18
C ALA A 935 -19.35 3.32 20.18
N PRO A 936 -18.06 3.69 20.03
CA PRO A 936 -17.11 3.38 21.12
C PRO A 936 -17.39 4.04 22.46
N ILE A 937 -18.15 5.14 22.50
CA ILE A 937 -18.46 5.78 23.77
C ILE A 937 -19.90 5.52 24.22
N GLY A 938 -20.69 4.82 23.42
CA GLY A 938 -22.02 4.41 23.88
C GLY A 938 -23.18 4.65 22.94
N GLY A 939 -22.90 5.14 21.74
CA GLY A 939 -23.94 5.48 20.79
C GLY A 939 -24.17 4.39 19.77
N MET A 940 -24.82 4.77 18.66
CA MET A 940 -25.13 3.84 17.58
C MET A 940 -24.68 4.38 16.22
N ASN A 941 -23.62 5.17 16.19
CA ASN A 941 -23.03 5.64 14.95
C ASN A 941 -21.62 5.08 14.84
N TYR A 942 -21.33 4.40 13.74
CA TYR A 942 -20.11 3.63 13.59
C TYR A 942 -19.15 4.22 12.56
N LEU A 943 -19.36 5.46 12.14
CA LEU A 943 -18.47 6.13 11.19
C LEU A 943 -17.97 7.41 11.84
N ASN A 944 -16.66 7.51 12.02
CA ASN A 944 -16.06 8.72 12.58
C ASN A 944 -15.71 9.68 11.45
N MET A 945 -15.61 10.96 11.80
CA MET A 945 -15.30 11.98 10.80
C MET A 945 -13.85 11.90 10.36
N SER A 946 -12.97 11.35 11.22
CA SER A 946 -11.61 11.07 10.80
C SER A 946 -11.56 9.92 9.80
N ARG A 947 -12.52 8.99 9.90
CA ARG A 947 -12.53 7.80 9.04
C ARG A 947 -12.91 8.14 7.60
N LEU A 948 -13.57 9.28 7.38
CA LEU A 948 -13.92 9.71 6.04
C LEU A 948 -12.68 10.05 5.21
N PHE A 949 -11.59 10.43 5.85
CA PHE A 949 -10.35 10.77 5.16
C PHE A 949 -9.31 9.66 5.20
N VAL A 950 -9.09 9.05 6.38
CA VAL A 950 -8.06 8.04 6.52
C VAL A 950 -8.69 6.70 6.90
N ARG A 951 -8.06 5.61 6.47
CA ARG A 951 -8.59 4.29 6.75
C ARG A 951 -8.35 3.86 8.19
N ASN A 952 -7.14 4.12 8.71
CA ASN A 952 -6.76 3.71 10.05
C ASN A 952 -6.73 4.92 10.97
N ILE A 953 -7.44 4.83 12.08
CA ILE A 953 -7.40 5.86 13.11
C ILE A 953 -6.71 5.27 14.32
N GLY A 954 -6.23 6.15 15.20
CA GLY A 954 -5.43 5.73 16.32
C GLY A 954 -6.17 4.98 17.41
N ASP A 955 -7.05 5.68 18.13
CA ASP A 955 -7.82 5.08 19.20
C ASP A 955 -9.28 5.43 18.95
N PRO A 956 -10.18 4.44 18.89
CA PRO A 956 -11.60 4.75 18.69
C PRO A 956 -12.23 5.60 19.79
N VAL A 957 -11.76 5.45 21.04
CA VAL A 957 -12.30 6.24 22.14
C VAL A 957 -11.91 7.71 22.01
N THR A 958 -10.62 7.97 21.72
CA THR A 958 -10.13 9.34 21.58
C THR A 958 -10.75 10.03 20.37
N SER A 959 -10.86 9.30 19.24
CA SER A 959 -11.49 9.84 18.04
C SER A 959 -12.98 10.09 18.26
N SER A 960 -13.64 9.21 19.02
CA SER A 960 -15.06 9.40 19.34
C SER A 960 -15.28 10.61 20.24
N ILE A 961 -14.40 10.83 21.21
CA ILE A 961 -14.51 11.99 22.07
C ILE A 961 -14.23 13.28 21.29
N ALA A 962 -13.27 13.24 20.35
CA ALA A 962 -13.01 14.40 19.51
C ALA A 962 -14.18 14.70 18.57
N ASP A 963 -14.81 13.66 18.03
CA ASP A 963 -16.03 13.83 17.22
C ASP A 963 -17.17 14.41 18.05
N LEU A 964 -17.31 13.96 19.29
CA LEU A 964 -18.35 14.49 20.17
C LEU A 964 -18.08 15.95 20.51
N LYS A 965 -16.81 16.32 20.69
CA LYS A 965 -16.48 17.72 20.93
C LYS A 965 -16.75 18.59 19.71
N ARG A 966 -16.52 18.06 18.51
CA ARG A 966 -16.87 18.79 17.30
C ARG A 966 -18.38 18.99 17.18
N MET A 967 -19.16 17.96 17.53
CA MET A 967 -20.62 18.11 17.49
C MET A 967 -21.14 19.04 18.57
N ILE A 968 -20.48 19.10 19.74
CA ILE A 968 -20.87 20.04 20.78
C ILE A 968 -20.53 21.48 20.34
N LEU A 969 -19.36 21.67 19.73
CA LEU A 969 -18.96 23.00 19.27
C LEU A 969 -19.81 23.46 18.09
N ALA A 970 -20.33 22.53 17.28
CA ALA A 970 -21.24 22.88 16.20
C ALA A 970 -22.70 22.90 16.62
N SER A 971 -22.96 22.74 17.93
CA SER A 971 -24.29 22.75 18.56
C SER A 971 -25.21 21.64 18.06
N LEU A 972 -24.64 20.57 17.50
CA LEU A 972 -25.44 19.42 17.08
C LEU A 972 -25.95 18.63 18.28
N MET A 973 -25.16 18.54 19.34
CA MET A 973 -25.55 17.88 20.58
C MET A 973 -25.15 18.76 21.76
N PRO A 974 -25.87 18.68 22.87
CA PRO A 974 -25.56 19.55 24.02
C PRO A 974 -24.26 19.15 24.71
N GLU A 975 -23.80 20.05 25.56
CA GLU A 975 -22.56 19.82 26.32
C GLU A 975 -22.73 18.72 27.36
N GLU A 976 -23.92 18.63 27.96
CA GLU A 976 -24.20 17.71 29.07
C GLU A 976 -24.01 16.25 28.67
N THR A 977 -24.22 15.95 27.37
CA THR A 977 -24.00 14.61 26.83
C THR A 977 -22.59 14.11 27.11
N LEU A 978 -21.60 15.01 27.02
CA LEU A 978 -20.21 14.67 27.33
C LEU A 978 -20.08 14.18 28.77
N HIS A 979 -20.74 14.89 29.70
CA HIS A 979 -20.73 14.48 31.10
C HIS A 979 -21.38 13.12 31.28
N GLN A 980 -22.44 12.86 30.51
CA GLN A 980 -23.11 11.56 30.56
C GLN A 980 -22.18 10.46 30.06
N VAL A 981 -21.38 10.76 29.04
CA VAL A 981 -20.39 9.82 28.53
C VAL A 981 -19.34 9.52 29.60
N MET A 982 -19.04 10.52 30.45
CA MET A 982 -18.08 10.28 31.50
C MET A 982 -18.71 9.68 32.75
N THR A 983 -20.04 9.64 32.84
CA THR A 983 -20.70 9.08 34.03
C THR A 983 -21.49 7.83 33.69
N GLN A 984 -21.05 7.11 32.67
CA GLN A 984 -21.75 5.92 32.20
C GLN A 984 -21.48 4.74 33.12
N GLN A 985 -22.50 3.92 33.33
CA GLN A 985 -22.39 2.76 34.20
C GLN A 985 -21.49 1.71 33.56
N PRO A 986 -20.42 1.28 34.22
CA PRO A 986 -19.50 0.32 33.60
C PRO A 986 -20.09 -1.07 33.49
N GLY A 987 -19.71 -1.77 32.43
CA GLY A 987 -20.10 -3.14 32.26
C GLY A 987 -19.23 -4.10 33.04
N ASP A 988 -19.65 -5.37 33.05
CA ASP A 988 -18.93 -6.42 33.74
C ASP A 988 -18.20 -7.26 32.70
N SER A 989 -16.88 -7.14 32.65
CA SER A 989 -16.05 -7.94 31.77
C SER A 989 -14.77 -8.31 32.49
N SER A 990 -14.24 -9.48 32.16
CA SER A 990 -13.07 -10.01 32.84
C SER A 990 -11.79 -9.48 32.20
N PHE A 991 -10.64 -9.98 32.65
CA PHE A 991 -9.37 -9.61 32.03
C PHE A 991 -9.23 -10.21 30.64
N LEU A 992 -9.86 -11.36 30.39
CA LEU A 992 -9.75 -12.03 29.09
C LEU A 992 -10.48 -11.25 28.00
N ASP A 993 -11.64 -10.67 28.32
CA ASP A 993 -12.34 -9.84 27.35
C ASP A 993 -11.59 -8.53 27.09
N TRP A 994 -10.87 -8.04 28.10
CA TRP A 994 -9.98 -6.90 27.88
C TRP A 994 -8.82 -7.26 26.98
N ALA A 995 -8.26 -8.46 27.14
CA ALA A 995 -7.13 -8.87 26.33
C ALA A 995 -7.53 -9.23 24.90
N SER A 996 -8.77 -9.71 24.72
CA SER A 996 -9.23 -10.04 23.37
C SER A 996 -9.49 -8.79 22.55
N ASP A 997 -10.15 -7.80 23.14
CA ASP A 997 -10.38 -6.51 22.49
C ASP A 997 -9.67 -5.44 23.32
N PRO A 998 -8.46 -5.03 22.93
CA PRO A 998 -7.68 -4.14 23.80
C PRO A 998 -8.22 -2.72 23.88
N TYR A 999 -8.91 -2.24 22.84
CA TYR A 999 -9.44 -0.89 22.84
C TYR A 999 -10.87 -0.82 23.39
N SER A 1000 -11.35 -1.88 24.03
CA SER A 1000 -12.69 -1.89 24.57
C SER A 1000 -12.81 -0.97 25.78
N ALA A 1001 -13.94 -0.28 25.89
CA ALA A 1001 -14.17 0.69 26.95
C ALA A 1001 -15.22 0.21 27.96
N ASN A 1002 -15.42 -1.11 28.07
CA ASN A 1002 -16.31 -1.75 29.06
C ASN A 1002 -17.76 -1.27 28.94
N LEU A 1003 -18.28 -1.25 27.72
CA LEU A 1003 -19.67 -0.88 27.52
C LEU A 1003 -20.60 -2.02 27.92
N VAL A 1004 -21.87 -1.68 28.15
CA VAL A 1004 -22.86 -2.63 28.63
C VAL A 1004 -23.59 -3.22 27.42
N CYS A 1005 -23.31 -4.49 27.13
CA CYS A 1005 -24.02 -5.32 26.13
C CYS A 1005 -23.93 -4.72 24.72
N VAL A 1006 -22.70 -4.62 24.23
CA VAL A 1006 -22.44 -4.19 22.86
C VAL A 1006 -21.99 -5.34 21.97
N GLN A 1007 -21.82 -6.53 22.53
CA GLN A 1007 -21.40 -7.68 21.74
C GLN A 1007 -22.55 -8.17 20.88
N SER A 1008 -22.23 -8.60 19.66
CA SER A 1008 -23.26 -9.13 18.76
C SER A 1008 -23.72 -10.50 19.24
N ILE A 1009 -25.00 -10.80 18.96
CA ILE A 1009 -25.60 -12.06 19.38
C ILE A 1009 -25.02 -13.23 18.59
N THR A 1010 -24.87 -13.04 17.27
CA THR A 1010 -24.48 -14.13 16.38
C THR A 1010 -23.05 -14.60 16.63
N ARG A 1011 -22.12 -13.66 16.85
CA ARG A 1011 -20.73 -14.03 17.06
C ARG A 1011 -20.54 -14.79 18.37
N LEU A 1012 -21.23 -14.36 19.43
CA LEU A 1012 -21.14 -15.04 20.71
C LEU A 1012 -21.79 -16.42 20.64
N LEU A 1013 -22.90 -16.54 19.89
CA LEU A 1013 -23.53 -17.84 19.71
C LEU A 1013 -22.65 -18.78 18.89
N LYS A 1014 -21.97 -18.25 17.86
CA LYS A 1014 -21.03 -19.05 17.08
C LYS A 1014 -19.87 -19.52 17.94
N ASN A 1015 -19.37 -18.65 18.83
CA ASN A 1015 -18.27 -19.04 19.72
C ASN A 1015 -18.67 -20.15 20.67
N ILE A 1016 -19.86 -20.04 21.28
CA ILE A 1016 -20.32 -21.07 22.21
C ILE A 1016 -20.57 -22.40 21.48
N THR A 1017 -21.23 -22.35 20.32
CA THR A 1017 -21.53 -23.56 19.57
C THR A 1017 -20.26 -24.25 19.07
N ALA A 1018 -19.31 -23.48 18.52
CA ALA A 1018 -18.06 -24.03 18.04
C ALA A 1018 -17.23 -24.62 19.17
N ARG A 1019 -17.18 -23.94 20.32
CA ARG A 1019 -16.43 -24.46 21.47
C ARG A 1019 -17.05 -25.75 22.00
N PHE A 1020 -18.39 -25.81 22.03
CA PHE A 1020 -19.08 -27.02 22.51
C PHE A 1020 -18.83 -28.21 21.60
N VAL A 1021 -18.98 -28.02 20.28
CA VAL A 1021 -18.80 -29.13 19.35
C VAL A 1021 -17.33 -29.55 19.29
N LEU A 1022 -16.39 -28.59 19.40
CA LEU A 1022 -14.98 -28.97 19.39
C LEU A 1022 -14.54 -29.63 20.69
N ILE A 1023 -15.18 -29.31 21.82
CA ILE A 1023 -14.76 -29.99 23.05
C ILE A 1023 -15.39 -31.38 23.13
N HIS A 1024 -16.58 -31.59 22.55
CA HIS A 1024 -17.14 -32.93 22.47
C HIS A 1024 -16.90 -33.60 21.12
N SER A 1025 -15.73 -33.37 20.52
CA SER A 1025 -15.36 -34.02 19.27
C SER A 1025 -14.42 -35.17 19.57
N PRO A 1026 -14.81 -36.42 19.28
CA PRO A 1026 -13.93 -37.56 19.59
C PRO A 1026 -12.88 -37.87 18.53
N ASN A 1027 -12.60 -36.90 17.65
CA ASN A 1027 -11.57 -37.09 16.63
C ASN A 1027 -10.19 -37.22 17.27
N PRO A 1028 -9.38 -38.18 16.84
CA PRO A 1028 -8.04 -38.36 17.44
C PRO A 1028 -7.07 -37.24 17.15
N MET A 1029 -7.32 -36.41 16.13
CA MET A 1029 -6.45 -35.28 15.86
C MET A 1029 -6.59 -34.21 16.94
N LEU A 1030 -7.80 -34.01 17.44
CA LEU A 1030 -8.06 -32.99 18.47
C LEU A 1030 -7.96 -33.61 19.87
N LYS A 1031 -6.79 -34.14 20.17
CA LYS A 1031 -6.60 -34.89 21.41
C LYS A 1031 -6.35 -33.98 22.61
N GLY A 1032 -5.36 -33.11 22.51
CA GLY A 1032 -5.01 -32.26 23.63
C GLY A 1032 -5.17 -30.78 23.34
N LEU A 1033 -5.70 -30.45 22.15
CA LEU A 1033 -5.89 -29.05 21.78
C LEU A 1033 -6.97 -28.40 22.62
N PHE A 1034 -8.06 -29.12 22.86
CA PHE A 1034 -9.21 -28.60 23.59
C PHE A 1034 -9.41 -29.42 24.87
N HIS A 1035 -9.41 -28.73 26.01
CA HIS A 1035 -9.66 -29.35 27.30
C HIS A 1035 -10.91 -28.73 27.92
N ASP A 1036 -11.54 -29.48 28.82
CA ASP A 1036 -12.79 -29.01 29.43
C ASP A 1036 -12.57 -27.85 30.38
N ASP A 1037 -11.38 -27.76 30.97
CA ASP A 1037 -11.01 -26.66 31.86
C ASP A 1037 -10.13 -25.63 31.15
N SER A 1038 -10.38 -25.40 29.86
CA SER A 1038 -9.54 -24.49 29.08
C SER A 1038 -9.80 -23.03 29.44
N LYS A 1039 -11.04 -22.68 29.76
CA LYS A 1039 -11.41 -21.30 30.02
C LYS A 1039 -10.76 -20.77 31.29
N GLU A 1040 -10.66 -21.61 32.31
CA GLU A 1040 -9.97 -21.22 33.55
C GLU A 1040 -8.48 -20.99 33.31
N GLU A 1041 -7.87 -21.82 32.47
CA GLU A 1041 -6.46 -21.63 32.11
C GLU A 1041 -6.25 -20.34 31.32
N ASP A 1042 -7.18 -20.04 30.40
CA ASP A 1042 -7.09 -18.80 29.62
C ASP A 1042 -7.26 -17.57 30.51
N GLU A 1043 -8.19 -17.62 31.46
CA GLU A 1043 -8.39 -16.51 32.39
C GLU A 1043 -7.19 -16.35 33.32
N GLY A 1044 -6.59 -17.46 33.74
CA GLY A 1044 -5.39 -17.38 34.57
C GLY A 1044 -4.20 -16.82 33.82
N LEU A 1045 -4.05 -17.18 32.54
CA LEU A 1045 -2.97 -16.61 31.73
C LEU A 1045 -3.18 -15.11 31.50
N ALA A 1046 -4.43 -14.71 31.22
CA ALA A 1046 -4.71 -13.28 31.00
C ALA A 1046 -4.52 -12.48 32.27
N ALA A 1047 -4.88 -13.04 33.43
CA ALA A 1047 -4.64 -12.37 34.69
C ALA A 1047 -3.15 -12.31 35.03
N PHE A 1048 -2.39 -13.35 34.69
CA PHE A 1048 -0.95 -13.32 34.92
C PHE A 1048 -0.26 -12.28 34.06
N LEU A 1049 -0.74 -12.11 32.83
CA LEU A 1049 -0.18 -11.07 31.97
C LEU A 1049 -0.61 -9.67 32.42
N MET A 1050 -1.87 -9.47 32.79
CA MET A 1050 -2.35 -8.10 32.93
C MET A 1050 -2.43 -7.58 34.36
N ASP A 1051 -2.54 -8.43 35.37
CA ASP A 1051 -2.63 -7.92 36.74
C ASP A 1051 -1.24 -7.62 37.29
N ARG A 1052 -0.54 -6.68 36.66
CA ARG A 1052 0.76 -6.20 37.06
C ARG A 1052 0.56 -4.80 37.63
N HIS A 1053 1.63 -4.11 38.06
CA HIS A 1053 1.40 -2.78 38.63
C HIS A 1053 1.13 -1.76 37.54
N ILE A 1054 1.59 -2.03 36.31
CA ILE A 1054 1.15 -1.30 35.12
C ILE A 1054 0.41 -2.27 34.22
N ILE A 1055 -0.79 -1.88 33.80
CA ILE A 1055 -1.68 -2.76 33.05
C ILE A 1055 -1.63 -2.34 31.58
N VAL A 1056 -1.03 -3.17 30.74
CA VAL A 1056 -0.97 -2.94 29.30
C VAL A 1056 -1.88 -3.96 28.60
N PRO A 1057 -2.88 -3.51 27.87
CA PRO A 1057 -3.75 -4.45 27.14
C PRO A 1057 -3.16 -4.94 25.82
N ARG A 1058 -2.43 -4.07 25.12
CA ARG A 1058 -2.06 -4.35 23.74
C ARG A 1058 -0.94 -5.38 23.64
N ALA A 1059 0.00 -5.37 24.60
CA ALA A 1059 1.06 -6.37 24.60
C ALA A 1059 0.52 -7.73 24.99
N ALA A 1060 -0.41 -7.77 25.94
CA ALA A 1060 -1.04 -9.03 26.35
C ALA A 1060 -1.85 -9.65 25.23
N HIS A 1061 -2.43 -8.80 24.36
CA HIS A 1061 -3.12 -9.32 23.18
C HIS A 1061 -2.16 -9.99 22.21
N GLU A 1062 -0.95 -9.45 22.06
CA GLU A 1062 0.04 -10.06 21.18
C GLU A 1062 0.61 -11.35 21.78
N ILE A 1063 0.77 -11.42 23.11
CA ILE A 1063 1.21 -12.67 23.71
C ILE A 1063 0.11 -13.73 23.63
N LEU A 1064 -1.12 -13.34 23.94
CA LEU A 1064 -2.22 -14.29 24.05
C LEU A 1064 -2.69 -14.75 22.67
N ASP A 1065 -2.49 -13.93 21.64
CA ASP A 1065 -2.86 -14.32 20.28
C ASP A 1065 -1.94 -15.40 19.75
N HIS A 1066 -0.66 -15.38 20.11
CA HIS A 1066 0.31 -16.35 19.64
C HIS A 1066 0.45 -17.56 20.56
N SER A 1067 -0.32 -17.62 21.64
CA SER A 1067 -0.20 -18.71 22.60
C SER A 1067 -1.16 -19.83 22.22
N VAL A 1068 -1.35 -20.79 23.13
CA VAL A 1068 -2.26 -21.91 22.91
C VAL A 1068 -3.71 -21.42 22.89
N THR A 1069 -4.02 -20.40 23.69
CA THR A 1069 -5.36 -19.81 23.69
C THR A 1069 -5.69 -19.17 22.35
N GLY A 1070 -4.73 -18.45 21.76
CA GLY A 1070 -4.95 -17.87 20.45
C GLY A 1070 -5.11 -18.91 19.36
N ALA A 1071 -4.38 -20.03 19.47
CA ALA A 1071 -4.55 -21.13 18.55
C ALA A 1071 -5.94 -21.76 18.68
N ARG A 1072 -6.42 -21.93 19.92
CA ARG A 1072 -7.77 -22.45 20.14
C ARG A 1072 -8.83 -21.52 19.56
N GLU A 1073 -8.67 -20.20 19.76
CA GLU A 1073 -9.63 -19.25 19.22
C GLU A 1073 -9.57 -19.17 17.70
N SER A 1074 -8.38 -19.37 17.11
CA SER A 1074 -8.26 -19.37 15.66
C SER A 1074 -8.93 -20.61 15.06
N ILE A 1075 -8.72 -21.79 15.66
CA ILE A 1075 -9.35 -23.01 15.18
C ILE A 1075 -10.86 -22.97 15.41
N ALA A 1076 -11.32 -22.32 16.48
CA ALA A 1076 -12.76 -22.13 16.66
C ALA A 1076 -13.32 -21.11 15.69
N GLY A 1077 -12.50 -20.15 15.24
CA GLY A 1077 -13.00 -19.11 14.37
C GLY A 1077 -13.24 -19.56 12.94
N MET A 1078 -12.44 -20.51 12.45
CA MET A 1078 -12.59 -20.98 11.07
C MET A 1078 -13.81 -21.88 10.90
N LEU A 1079 -14.35 -22.43 11.98
CA LEU A 1079 -15.51 -23.31 11.90
C LEU A 1079 -16.76 -22.45 11.79
N ASP A 1080 -17.34 -22.39 10.59
CA ASP A 1080 -18.59 -21.68 10.38
C ASP A 1080 -19.71 -22.71 10.58
N THR A 1081 -20.33 -22.66 11.76
CA THR A 1081 -21.30 -23.69 12.12
C THR A 1081 -22.63 -23.51 11.39
N THR A 1082 -22.94 -22.27 10.96
CA THR A 1082 -24.17 -21.88 10.28
C THR A 1082 -25.42 -22.24 11.07
N LYS A 1083 -26.56 -22.32 10.39
CA LYS A 1083 -27.82 -22.60 11.08
C LYS A 1083 -27.92 -24.07 11.51
N GLY A 1084 -27.36 -24.98 10.71
CA GLY A 1084 -27.56 -26.41 10.94
C GLY A 1084 -26.92 -26.91 12.22
N LEU A 1085 -25.67 -26.51 12.46
CA LEU A 1085 -25.00 -26.97 13.67
C LEU A 1085 -25.51 -26.23 14.91
N ILE A 1086 -26.04 -25.01 14.74
CA ILE A 1086 -26.72 -24.33 15.84
C ILE A 1086 -27.99 -25.09 16.25
N ARG A 1087 -28.77 -25.53 15.26
CA ARG A 1087 -29.94 -26.36 15.54
C ARG A 1087 -29.53 -27.70 16.17
N ALA A 1088 -28.44 -28.28 15.67
CA ALA A 1088 -27.95 -29.56 16.22
C ALA A 1088 -27.48 -29.41 17.66
N SER A 1089 -26.81 -28.29 17.98
CA SER A 1089 -26.39 -28.06 19.35
C SER A 1089 -27.56 -27.70 20.25
N MET A 1090 -28.63 -27.13 19.70
CA MET A 1090 -29.85 -26.93 20.46
C MET A 1090 -30.50 -28.27 20.82
N ARG A 1091 -30.51 -29.22 19.86
CA ARG A 1091 -30.96 -30.57 20.17
C ARG A 1091 -30.04 -31.27 21.18
N LYS A 1092 -28.72 -31.06 21.07
CA LYS A 1092 -27.80 -31.66 22.03
C LYS A 1092 -27.87 -30.98 23.39
N GLY A 1093 -28.25 -29.70 23.43
CA GLY A 1093 -28.32 -28.98 24.68
C GLY A 1093 -27.06 -28.25 25.07
N GLY A 1094 -26.19 -27.92 24.11
CA GLY A 1094 -25.04 -27.09 24.42
C GLY A 1094 -25.44 -25.67 24.79
N LEU A 1095 -26.47 -25.14 24.14
CA LEU A 1095 -27.06 -23.86 24.49
C LEU A 1095 -28.19 -24.12 25.49
N THR A 1096 -27.97 -23.76 26.75
CA THR A 1096 -28.98 -23.96 27.77
C THR A 1096 -30.11 -22.94 27.60
N SER A 1097 -31.22 -23.21 28.32
CA SER A 1097 -32.40 -22.35 28.20
C SER A 1097 -32.14 -20.95 28.76
N ARG A 1098 -31.33 -20.83 29.81
CA ARG A 1098 -30.94 -19.52 30.33
C ARG A 1098 -30.12 -18.75 29.30
N VAL A 1099 -29.26 -19.45 28.56
CA VAL A 1099 -28.49 -18.83 27.47
C VAL A 1099 -29.41 -18.35 26.36
N ILE A 1100 -30.44 -19.14 26.03
CA ILE A 1100 -31.39 -18.75 24.99
C ILE A 1100 -32.20 -17.52 25.41
N THR A 1101 -32.68 -17.49 26.66
CA THR A 1101 -33.45 -16.35 27.12
C THR A 1101 -32.58 -15.11 27.31
N ARG A 1102 -31.29 -15.27 27.60
CA ARG A 1102 -30.40 -14.11 27.67
C ARG A 1102 -30.05 -13.58 26.29
N LEU A 1103 -29.71 -14.46 25.35
CA LEU A 1103 -29.34 -14.05 24.00
C LEU A 1103 -30.54 -13.57 23.18
N SER A 1104 -31.76 -13.89 23.59
CA SER A 1104 -32.92 -13.43 22.84
C SER A 1104 -33.27 -11.97 23.09
N ASN A 1105 -32.74 -11.36 24.15
CA ASN A 1105 -33.18 -10.02 24.58
C ASN A 1105 -32.06 -8.97 24.56
N TYR A 1106 -30.99 -9.15 23.78
CA TYR A 1106 -29.91 -8.16 23.81
C TYR A 1106 -30.26 -6.85 23.11
N ASP A 1107 -31.15 -6.88 22.12
CA ASP A 1107 -31.48 -5.63 21.42
C ASP A 1107 -32.33 -4.72 22.30
N TYR A 1108 -33.27 -5.32 23.04
CA TYR A 1108 -34.05 -4.59 24.04
C TYR A 1108 -33.14 -4.01 25.12
N GLU A 1109 -32.15 -4.79 25.56
CA GLU A 1109 -31.26 -4.32 26.62
C GLU A 1109 -30.29 -3.25 26.12
N GLN A 1110 -29.89 -3.28 24.85
CA GLN A 1110 -29.02 -2.21 24.37
C GLN A 1110 -29.79 -0.92 24.15
N PHE A 1111 -31.06 -0.99 23.72
CA PHE A 1111 -31.87 0.23 23.69
C PHE A 1111 -32.14 0.77 25.08
N ARG A 1112 -32.36 -0.13 26.05
CA ARG A 1112 -32.55 0.28 27.45
C ARG A 1112 -31.28 0.94 28.01
N ALA A 1113 -30.11 0.37 27.70
CA ALA A 1113 -28.85 0.94 28.18
C ALA A 1113 -28.58 2.31 27.57
N GLY A 1114 -28.88 2.48 26.27
CA GLY A 1114 -28.75 3.79 25.66
C GLY A 1114 -29.71 4.82 26.25
N MET A 1115 -30.93 4.39 26.58
CA MET A 1115 -31.90 5.29 27.19
C MET A 1115 -31.48 5.71 28.60
N VAL A 1116 -30.95 4.77 29.38
CA VAL A 1116 -30.46 5.08 30.72
C VAL A 1116 -29.24 5.99 30.66
N LEU A 1117 -28.36 5.78 29.67
CA LEU A 1117 -27.22 6.67 29.46
C LEU A 1117 -27.66 8.09 29.13
N LEU A 1118 -28.52 8.25 28.14
CA LEU A 1118 -28.82 9.61 27.69
C LEU A 1118 -29.93 10.28 28.49
N THR A 1119 -30.57 9.56 29.42
CA THR A 1119 -31.56 10.18 30.30
C THR A 1119 -30.93 10.66 31.61
N GLY A 1120 -29.85 10.03 32.05
CA GLY A 1120 -29.33 10.28 33.38
C GLY A 1120 -28.63 11.62 33.52
N ARG A 1121 -28.44 12.03 34.78
CA ARG A 1121 -27.90 13.35 35.11
C ARG A 1121 -26.88 13.25 36.26
N LYS A 1122 -25.61 13.12 35.87
CA LYS A 1122 -24.49 13.20 36.80
C LYS A 1122 -23.39 14.03 36.16
N ARG A 1123 -22.79 14.94 36.93
CA ARG A 1123 -21.80 15.86 36.41
C ARG A 1123 -20.59 15.91 37.32
N ASN A 1124 -19.44 16.25 36.73
CA ASN A 1124 -18.18 16.36 37.45
C ASN A 1124 -17.58 17.74 37.23
N VAL A 1125 -16.95 18.28 38.28
CA VAL A 1125 -16.38 19.62 38.23
C VAL A 1125 -15.15 19.67 37.32
N LEU A 1126 -14.31 18.62 37.39
CA LEU A 1126 -13.01 18.63 36.72
C LEU A 1126 -13.12 18.60 35.20
N ILE A 1127 -14.19 18.02 34.68
CA ILE A 1127 -14.37 17.90 33.23
C ILE A 1127 -14.81 19.24 32.67
N ASP A 1128 -14.13 19.69 31.62
CA ASP A 1128 -14.40 20.98 31.00
C ASP A 1128 -14.57 20.79 29.50
N LYS A 1129 -15.44 21.61 28.91
CA LYS A 1129 -15.65 21.60 27.47
C LYS A 1129 -14.39 22.09 26.76
N GLU A 1130 -14.04 21.39 25.66
CA GLU A 1130 -12.82 21.60 24.87
C GLU A 1130 -11.55 21.47 25.72
N SER A 1131 -11.51 20.39 26.50
CA SER A 1131 -10.26 19.91 27.06
C SER A 1131 -9.61 18.93 26.09
N CYS A 1132 -8.50 18.35 26.48
CA CYS A 1132 -7.79 17.44 25.59
C CYS A 1132 -8.51 16.11 25.49
N SER A 1133 -8.52 15.53 24.29
CA SER A 1133 -9.22 14.28 24.06
C SER A 1133 -8.52 13.09 24.72
N VAL A 1134 -7.19 13.13 24.79
CA VAL A 1134 -6.42 12.05 25.41
C VAL A 1134 -6.66 12.04 26.93
N GLN A 1135 -6.75 13.23 27.53
CA GLN A 1135 -7.02 13.35 28.97
C GLN A 1135 -8.39 12.79 29.31
N LEU A 1136 -9.40 13.12 28.50
CA LEU A 1136 -10.74 12.60 28.69
C LEU A 1136 -10.81 11.10 28.44
N ALA A 1137 -10.05 10.59 27.48
CA ALA A 1137 -10.04 9.16 27.22
C ALA A 1137 -9.38 8.38 28.35
N ARG A 1138 -8.31 8.93 28.94
CA ARG A 1138 -7.70 8.30 30.11
C ARG A 1138 -8.65 8.31 31.31
N ALA A 1139 -9.38 9.43 31.49
CA ALA A 1139 -10.36 9.49 32.56
C ALA A 1139 -11.49 8.48 32.35
N LEU A 1140 -11.95 8.32 31.11
CA LEU A 1140 -13.01 7.36 30.81
C LEU A 1140 -12.54 5.93 31.00
N ARG A 1141 -11.32 5.60 30.54
CA ARG A 1141 -10.81 4.25 30.70
C ARG A 1141 -10.51 3.92 32.16
N SER A 1142 -10.14 4.92 32.95
CA SER A 1142 -9.95 4.67 34.38
C SER A 1142 -11.28 4.53 35.10
N HIS A 1143 -12.32 5.23 34.65
CA HIS A 1143 -13.63 5.10 35.30
C HIS A 1143 -14.29 3.77 34.98
N MET A 1144 -14.27 3.37 33.71
CA MET A 1144 -15.03 2.19 33.29
C MET A 1144 -14.29 0.89 33.54
N TRP A 1145 -13.01 0.93 33.90
CA TRP A 1145 -12.25 -0.26 34.26
C TRP A 1145 -11.79 -0.22 35.71
N ALA A 1146 -12.53 0.50 36.56
CA ALA A 1146 -12.06 0.79 37.92
C ALA A 1146 -12.13 -0.42 38.83
N ARG A 1147 -12.99 -1.40 38.54
CA ARG A 1147 -13.08 -2.57 39.40
C ARG A 1147 -11.88 -3.49 39.21
N LEU A 1148 -11.44 -3.68 37.97
CA LEU A 1148 -10.29 -4.53 37.70
C LEU A 1148 -8.97 -3.81 37.98
N ALA A 1149 -8.85 -2.57 37.53
CA ALA A 1149 -7.58 -1.85 37.64
C ALA A 1149 -7.30 -1.42 39.08
N ARG A 1150 -8.32 -0.86 39.75
CA ARG A 1150 -8.22 -0.34 41.13
C ARG A 1150 -7.13 0.72 41.28
N GLY A 1151 -7.03 1.62 40.29
CA GLY A 1151 -6.15 2.76 40.38
C GLY A 1151 -4.83 2.67 39.66
N ARG A 1152 -4.51 1.53 39.06
CA ARG A 1152 -3.26 1.36 38.36
C ARG A 1152 -3.31 2.08 37.00
N PRO A 1153 -2.18 2.58 36.52
CA PRO A 1153 -2.15 3.22 35.20
C PRO A 1153 -2.32 2.22 34.07
N ILE A 1154 -2.83 2.73 32.95
CA ILE A 1154 -3.01 1.97 31.71
C ILE A 1154 -2.20 2.65 30.61
N TYR A 1155 -1.33 1.89 29.95
CA TYR A 1155 -0.39 2.43 28.99
C TYR A 1155 -0.55 1.77 27.63
N GLY A 1156 -0.23 2.53 26.58
CA GLY A 1156 -0.12 1.97 25.24
C GLY A 1156 -1.38 1.96 24.42
N LEU A 1157 -2.36 2.82 24.71
CA LEU A 1157 -3.62 2.83 23.99
C LEU A 1157 -3.99 4.16 23.36
N GLU A 1158 -3.34 5.25 23.75
CA GLU A 1158 -3.78 6.59 23.38
C GLU A 1158 -2.96 7.13 22.23
N VAL A 1159 -3.63 7.42 21.11
CA VAL A 1159 -3.03 8.05 19.94
C VAL A 1159 -3.90 9.25 19.60
N PRO A 1160 -3.31 10.42 19.32
CA PRO A 1160 -4.13 11.61 19.01
C PRO A 1160 -4.90 11.47 17.70
N ASP A 1161 -6.02 12.18 17.64
CA ASP A 1161 -6.91 12.13 16.48
C ASP A 1161 -6.27 12.81 15.27
N VAL A 1162 -6.68 12.34 14.08
CA VAL A 1162 -6.10 12.84 12.84
C VAL A 1162 -6.58 14.27 12.56
N LEU A 1163 -7.88 14.53 12.69
CA LEU A 1163 -8.44 15.80 12.25
C LEU A 1163 -8.11 16.95 13.21
N GLU A 1164 -8.08 16.69 14.52
CA GLU A 1164 -7.82 17.77 15.46
C GLU A 1164 -6.35 18.10 15.58
N SER A 1165 -5.46 17.28 15.01
CA SER A 1165 -4.04 17.56 15.07
C SER A 1165 -3.51 18.31 13.84
N MET A 1166 -4.14 18.15 12.69
CA MET A 1166 -3.64 18.74 11.45
C MET A 1166 -4.42 20.01 11.08
N ARG A 1167 -3.67 21.03 10.67
CA ARG A 1167 -4.23 22.28 10.15
C ARG A 1167 -3.49 22.62 8.86
N GLY A 1168 -4.21 22.69 7.74
CA GLY A 1168 -3.60 22.82 6.43
C GLY A 1168 -4.03 24.06 5.66
N HIS A 1169 -3.18 24.49 4.72
CA HIS A 1169 -3.41 25.76 4.03
C HIS A 1169 -2.72 25.77 2.67
N LEU A 1170 -3.38 26.36 1.66
CA LEU A 1170 -2.90 26.35 0.28
C LEU A 1170 -2.12 27.63 -0.10
N ILE A 1171 -1.12 27.55 -0.96
CA ILE A 1171 -0.29 28.69 -1.29
C ILE A 1171 0.07 28.70 -2.77
N ARG A 1172 0.03 29.85 -3.44
CA ARG A 1172 0.51 29.95 -4.82
C ARG A 1172 1.73 30.87 -4.94
N ARG A 1173 1.68 32.10 -4.40
CA ARG A 1173 2.87 33.02 -4.32
C ARG A 1173 2.61 33.85 -3.05
N HIS A 1174 1.82 33.30 -2.12
CA HIS A 1174 1.41 34.05 -0.99
C HIS A 1174 1.82 33.52 0.30
N GLU A 1175 1.85 34.34 1.32
CA GLU A 1175 2.36 33.88 2.58
C GLU A 1175 1.40 33.00 3.35
N THR A 1176 1.83 31.82 3.79
CA THR A 1176 0.96 30.96 4.58
C THR A 1176 0.82 31.77 5.80
N CYS A 1177 -0.35 31.78 6.39
CA CYS A 1177 -0.59 32.64 7.51
C CYS A 1177 -0.08 31.98 8.75
N VAL A 1178 -0.38 30.74 8.98
CA VAL A 1178 0.07 29.92 10.10
C VAL A 1178 1.59 30.08 10.27
N ILE A 1179 2.33 30.01 9.18
CA ILE A 1179 3.77 30.28 9.19
C ILE A 1179 4.06 31.74 9.48
N CYS A 1180 3.23 32.67 8.97
CA CYS A 1180 3.51 34.10 9.12
C CYS A 1180 3.35 34.58 10.55
N GLU A 1181 2.34 34.08 11.27
CA GLU A 1181 2.12 34.54 12.64
C GLU A 1181 2.52 33.51 13.69
N CYS A 1182 2.06 32.26 13.55
CA CYS A 1182 2.25 31.26 14.61
C CYS A 1182 3.70 30.80 14.72
N GLY A 1183 4.47 30.89 13.64
CA GLY A 1183 5.81 30.35 13.61
C GLY A 1183 5.85 28.84 13.74
N SER A 1184 4.86 28.17 13.15
CA SER A 1184 4.80 26.72 13.16
C SER A 1184 5.64 26.22 11.99
N VAL A 1185 6.79 25.62 12.30
CA VAL A 1185 7.69 25.10 11.28
C VAL A 1185 7.56 23.60 11.11
N ASN A 1186 6.66 22.96 11.84
CA ASN A 1186 6.37 21.54 11.66
C ASN A 1186 5.24 21.39 10.66
N TYR A 1187 5.57 21.16 9.40
CA TYR A 1187 4.57 20.98 8.36
C TYR A 1187 5.07 19.98 7.34
N GLY A 1188 4.14 19.44 6.56
CA GLY A 1188 4.46 18.59 5.44
C GLY A 1188 4.17 19.34 4.15
N TRP A 1189 4.84 19.00 3.05
CA TRP A 1189 4.85 19.86 1.88
C TRP A 1189 4.41 19.05 0.66
N PHE A 1190 3.36 19.51 0.00
CA PHE A 1190 2.77 18.83 -1.13
C PHE A 1190 2.74 19.79 -2.32
N PHE A 1191 3.06 19.29 -3.52
CA PHE A 1191 3.18 20.12 -4.70
C PHE A 1191 2.45 19.48 -5.86
N VAL A 1192 1.64 20.26 -6.57
CA VAL A 1192 0.92 19.81 -7.75
C VAL A 1192 1.29 20.73 -8.91
N PRO A 1193 1.88 20.21 -9.99
CA PRO A 1193 2.17 21.05 -11.16
C PRO A 1193 0.92 21.46 -11.91
N SER A 1194 1.07 22.50 -12.72
CA SER A 1194 0.00 23.04 -13.54
C SER A 1194 -0.03 22.39 -14.92
N GLY A 1195 -1.18 22.51 -15.57
CA GLY A 1195 -1.32 22.05 -16.94
C GLY A 1195 -1.24 20.55 -17.14
N CYS A 1196 -1.74 19.77 -16.20
CA CYS A 1196 -1.75 18.32 -16.32
C CYS A 1196 -3.19 17.81 -16.41
N GLN A 1197 -3.41 16.87 -17.31
CA GLN A 1197 -4.74 16.33 -17.57
C GLN A 1197 -5.04 15.23 -16.57
N LEU A 1198 -5.97 15.49 -15.65
CA LEU A 1198 -6.30 14.53 -14.60
C LEU A 1198 -7.09 13.35 -15.16
N ASP A 1199 -8.10 13.64 -15.98
CA ASP A 1199 -8.97 12.58 -16.48
C ASP A 1199 -8.30 11.75 -17.56
N ASP A 1200 -7.55 12.37 -18.45
CA ASP A 1200 -6.93 11.68 -19.56
C ASP A 1200 -5.58 11.10 -19.13
N ILE A 1201 -4.89 10.49 -20.09
CA ILE A 1201 -3.61 9.84 -19.83
C ILE A 1201 -2.50 10.88 -19.74
N PRO A 1231 11.23 -21.30 9.01
CA PRO A 1231 10.95 -22.26 10.08
C PRO A 1231 9.46 -22.58 10.19
N SER A 1232 9.07 -23.29 11.24
CA SER A 1232 7.68 -23.63 11.46
C SER A 1232 6.91 -22.44 11.99
N ARG A 1233 5.57 -22.54 11.92
CA ARG A 1233 4.72 -21.47 12.42
C ARG A 1233 4.75 -21.43 13.95
N SER A 1234 4.85 -22.59 14.60
CA SER A 1234 4.88 -22.65 16.05
C SER A 1234 6.18 -22.07 16.61
N LEU A 1235 7.29 -22.29 15.91
CA LEU A 1235 8.56 -21.71 16.32
C LEU A 1235 8.55 -20.19 16.19
N ARG A 1236 7.94 -19.68 15.10
CA ARG A 1236 7.79 -18.24 14.94
C ARG A 1236 6.89 -17.65 16.01
N SER A 1237 5.83 -18.38 16.39
CA SER A 1237 4.96 -17.93 17.48
C SER A 1237 5.69 -17.91 18.81
N ALA A 1238 6.55 -18.90 19.07
CA ALA A 1238 7.34 -18.93 20.30
C ALA A 1238 8.33 -17.78 20.37
N VAL A 1239 8.99 -17.48 19.23
CA VAL A 1239 9.88 -16.33 19.13
C VAL A 1239 9.11 -15.03 19.37
N ARG A 1240 7.90 -14.92 18.81
CA ARG A 1240 7.10 -13.72 18.99
C ARG A 1240 6.66 -13.53 20.43
N ILE A 1241 6.25 -14.62 21.10
CA ILE A 1241 5.89 -14.55 22.52
C ILE A 1241 7.09 -14.12 23.36
N ALA A 1242 8.27 -14.69 23.07
CA ALA A 1242 9.47 -14.35 23.82
C ALA A 1242 9.88 -12.89 23.63
N THR A 1243 9.81 -12.36 22.40
CA THR A 1243 10.25 -10.99 22.19
C THR A 1243 9.23 -9.98 22.73
N VAL A 1244 7.93 -10.25 22.64
CA VAL A 1244 6.95 -9.33 23.21
C VAL A 1244 6.99 -9.34 24.74
N TYR A 1245 7.18 -10.53 25.33
CA TYR A 1245 7.29 -10.60 26.79
C TYR A 1245 8.59 -9.95 27.28
N SER A 1246 9.68 -10.04 26.51
CA SER A 1246 10.92 -9.44 26.94
C SER A 1246 10.90 -7.92 26.76
N TRP A 1247 10.29 -7.43 25.68
CA TRP A 1247 10.22 -5.99 25.48
C TRP A 1247 9.25 -5.32 26.45
N ALA A 1248 8.08 -5.95 26.66
CA ALA A 1248 7.02 -5.27 27.39
C ALA A 1248 7.30 -5.21 28.89
N TYR A 1249 7.80 -6.31 29.47
CA TYR A 1249 7.83 -6.46 30.91
C TYR A 1249 9.25 -6.54 31.47
N GLY A 1250 10.24 -6.02 30.75
CA GLY A 1250 11.60 -5.97 31.23
C GLY A 1250 12.39 -7.22 30.87
N ASP A 1251 13.71 -7.06 30.88
CA ASP A 1251 14.64 -8.12 30.50
C ASP A 1251 15.60 -8.35 31.67
N ASP A 1252 15.40 -9.44 32.38
CA ASP A 1252 16.35 -9.90 33.40
C ASP A 1252 16.26 -11.42 33.46
N ASP A 1253 16.94 -12.01 34.46
CA ASP A 1253 16.98 -13.46 34.56
C ASP A 1253 15.64 -14.05 35.02
N SER A 1254 14.91 -13.32 35.86
CA SER A 1254 13.65 -13.85 36.38
C SER A 1254 12.55 -13.84 35.33
N SER A 1255 12.46 -12.76 34.55
CA SER A 1255 11.40 -12.67 33.54
C SER A 1255 11.68 -13.54 32.33
N TRP A 1256 12.94 -13.91 32.09
CA TRP A 1256 13.23 -14.79 30.96
C TRP A 1256 12.85 -16.23 31.23
N ASN A 1257 12.79 -16.64 32.51
CA ASN A 1257 12.27 -17.97 32.82
C ASN A 1257 10.79 -18.07 32.50
N GLU A 1258 10.02 -17.02 32.81
CA GLU A 1258 8.60 -17.00 32.49
C GLU A 1258 8.38 -16.96 30.98
N ALA A 1259 9.18 -16.19 30.26
CA ALA A 1259 9.10 -16.16 28.81
C ALA A 1259 9.50 -17.50 28.20
N TRP A 1260 10.46 -18.19 28.80
CA TRP A 1260 10.83 -19.52 28.33
C TRP A 1260 9.71 -20.53 28.58
N LEU A 1261 8.99 -20.40 29.70
CA LEU A 1261 7.84 -21.28 29.95
C LEU A 1261 6.71 -21.00 28.96
N LEU A 1262 6.46 -19.73 28.63
CA LEU A 1262 5.39 -19.43 27.68
C LEU A 1262 5.77 -19.80 26.25
N ALA A 1263 7.04 -19.74 25.89
CA ALA A 1263 7.47 -20.18 24.56
C ALA A 1263 7.72 -21.69 24.50
N ARG A 1264 7.79 -22.37 25.64
CA ARG A 1264 8.00 -23.81 25.63
C ARG A 1264 6.74 -24.57 25.23
N GLN A 1265 5.56 -23.97 25.45
CA GLN A 1265 4.32 -24.63 25.09
C GLN A 1265 4.10 -24.73 23.59
N ARG A 1266 4.73 -23.87 22.81
CA ARG A 1266 4.56 -23.90 21.37
C ARG A 1266 5.70 -24.59 20.63
N ALA A 1267 6.92 -24.56 21.17
CA ALA A 1267 8.06 -25.16 20.51
C ALA A 1267 9.00 -25.76 21.54
N ASN A 1268 9.83 -26.69 21.09
CA ASN A 1268 10.77 -27.41 21.95
C ASN A 1268 12.11 -26.70 21.90
N VAL A 1269 12.28 -25.69 22.77
CA VAL A 1269 13.53 -24.95 22.91
C VAL A 1269 13.91 -24.90 24.37
N SER A 1270 15.20 -24.70 24.62
CA SER A 1270 15.70 -24.45 25.96
C SER A 1270 15.76 -22.94 26.19
N LEU A 1271 16.31 -22.54 27.34
CA LEU A 1271 16.43 -21.12 27.63
C LEU A 1271 17.53 -20.48 26.79
N GLU A 1272 18.67 -21.17 26.65
CA GLU A 1272 19.79 -20.65 25.86
C GLU A 1272 19.44 -20.60 24.38
N GLU A 1273 18.77 -21.65 23.88
CA GLU A 1273 18.38 -21.68 22.47
C GLU A 1273 17.35 -20.60 22.14
N LEU A 1274 16.41 -20.36 23.05
CA LEU A 1274 15.44 -19.28 22.86
C LEU A 1274 16.10 -17.91 22.95
N ARG A 1275 17.10 -17.76 23.81
CA ARG A 1275 17.82 -16.49 23.90
C ARG A 1275 18.65 -16.23 22.63
N VAL A 1276 19.21 -17.28 22.03
CA VAL A 1276 19.93 -17.12 20.77
C VAL A 1276 18.98 -16.79 19.62
N ILE A 1277 17.86 -17.52 19.52
CA ILE A 1277 17.07 -17.45 18.29
C ILE A 1277 16.25 -16.17 18.20
N THR A 1278 15.93 -15.52 19.33
CA THR A 1278 15.03 -14.38 19.31
C THR A 1278 15.80 -13.09 19.00
N PRO A 1279 15.40 -12.33 17.97
CA PRO A 1279 15.99 -11.03 17.65
C PRO A 1279 15.76 -9.98 18.75
N THR A 1302 -7.51 2.67 -4.80
CA THR A 1302 -8.21 3.86 -4.33
C THR A 1302 -8.45 4.84 -5.48
N SER A 1303 -9.09 5.96 -5.17
CA SER A 1303 -9.36 7.00 -6.15
C SER A 1303 -8.39 8.16 -6.06
N LEU A 1304 -7.29 8.00 -5.32
CA LEU A 1304 -6.26 9.02 -5.25
C LEU A 1304 -5.41 9.10 -6.51
N VAL A 1305 -5.50 8.07 -7.38
CA VAL A 1305 -4.62 7.90 -8.53
C VAL A 1305 -4.80 9.01 -9.57
N ARG A 1306 -5.92 9.75 -9.51
CA ARG A 1306 -6.09 10.91 -10.37
C ARG A 1306 -5.06 12.00 -10.06
N VAL A 1307 -4.78 12.24 -8.77
CA VAL A 1307 -3.96 13.36 -8.35
C VAL A 1307 -2.59 12.90 -7.86
N ALA A 1308 -2.54 11.79 -7.11
CA ALA A 1308 -1.34 11.35 -6.41
C ALA A 1308 -0.21 10.93 -7.34
N ARG A 1309 -0.48 10.68 -8.63
CA ARG A 1309 0.62 10.40 -9.54
C ARG A 1309 1.38 11.69 -9.89
N TYR A 1310 0.70 12.82 -9.95
CA TYR A 1310 1.36 14.08 -10.30
C TYR A 1310 1.95 14.81 -9.11
N THR A 1311 1.57 14.45 -7.88
CA THR A 1311 2.01 15.23 -6.74
C THR A 1311 3.45 14.89 -6.36
N THR A 1312 4.07 15.84 -5.66
CA THR A 1312 5.41 15.68 -5.10
C THR A 1312 5.35 15.96 -3.61
N ILE A 1313 5.90 15.07 -2.81
CA ILE A 1313 5.81 15.14 -1.36
C ILE A 1313 7.20 15.35 -0.78
N SER A 1314 7.29 16.20 0.24
CA SER A 1314 8.52 16.33 1.01
C SER A 1314 8.15 16.53 2.47
N ASN A 1315 8.80 15.75 3.34
CA ASN A 1315 8.59 15.80 4.78
C ASN A 1315 9.82 16.32 5.50
N ASP A 1316 10.62 17.14 4.82
CA ASP A 1316 11.88 17.62 5.38
C ASP A 1316 11.64 18.65 6.49
N ASN A 1317 10.51 19.36 6.43
CA ASN A 1317 10.15 20.27 7.50
C ASN A 1317 9.47 19.58 8.68
N LEU A 1318 9.07 18.31 8.51
CA LEU A 1318 8.54 17.54 9.61
C LEU A 1318 9.67 17.12 10.56
N SER A 1319 9.41 17.21 11.86
CA SER A 1319 10.39 16.84 12.87
C SER A 1319 10.52 15.32 12.97
N THR A 1329 5.46 7.78 16.95
CA THR A 1329 4.88 8.96 16.33
C THR A 1329 4.95 8.89 14.82
N ASN A 1330 5.40 7.74 14.30
CA ASN A 1330 5.44 7.53 12.86
C ASN A 1330 4.04 7.37 12.28
N PHE A 1331 3.11 6.86 13.09
CA PHE A 1331 1.72 6.71 12.68
C PHE A 1331 1.08 8.05 12.37
N ILE A 1332 1.38 9.08 13.18
CA ILE A 1332 0.82 10.41 12.97
C ILE A 1332 1.31 11.00 11.66
N TYR A 1333 2.61 10.83 11.35
CA TYR A 1333 3.16 11.34 10.10
C TYR A 1333 2.60 10.61 8.89
N GLN A 1334 2.44 9.27 8.99
CA GLN A 1334 1.90 8.51 7.87
C GLN A 1334 0.43 8.85 7.62
N GLN A 1335 -0.37 8.99 8.68
CA GLN A 1335 -1.76 9.38 8.50
C GLN A 1335 -1.87 10.83 8.05
N GLY A 1336 -0.90 11.67 8.38
CA GLY A 1336 -0.84 13.01 7.81
C GLY A 1336 -0.60 13.02 6.32
N MET A 1337 0.29 12.13 5.85
CA MET A 1337 0.51 12.00 4.40
C MET A 1337 -0.75 11.51 3.69
N LEU A 1338 -1.45 10.54 4.28
CA LEU A 1338 -2.71 10.07 3.69
C LEU A 1338 -3.78 11.15 3.71
N LEU A 1339 -3.83 11.96 4.77
CA LEU A 1339 -4.79 13.06 4.85
C LEU A 1339 -4.48 14.14 3.82
N GLY A 1340 -3.20 14.42 3.58
CA GLY A 1340 -2.84 15.40 2.55
C GLY A 1340 -3.20 14.93 1.15
N LEU A 1341 -3.01 13.64 0.88
CA LEU A 1341 -3.47 13.08 -0.39
C LEU A 1341 -4.99 13.15 -0.52
N GLY A 1342 -5.71 12.93 0.58
CA GLY A 1342 -7.16 13.09 0.56
C GLY A 1342 -7.61 14.51 0.32
N VAL A 1343 -6.87 15.48 0.88
CA VAL A 1343 -7.12 16.90 0.61
C VAL A 1343 -6.94 17.22 -0.87
N LEU A 1344 -5.83 16.74 -1.45
CA LEU A 1344 -5.59 17.00 -2.87
C LEU A 1344 -6.57 16.27 -3.78
N GLU A 1345 -7.11 15.13 -3.31
CA GLU A 1345 -8.17 14.46 -4.06
C GLU A 1345 -9.48 15.24 -3.99
N THR A 1346 -9.79 15.79 -2.82
CA THR A 1346 -11.03 16.55 -2.64
C THR A 1346 -11.00 17.86 -3.41
N LEU A 1347 -9.82 18.46 -3.54
CA LEU A 1347 -9.71 19.74 -4.26
C LEU A 1347 -9.98 19.59 -5.75
N PHE A 1348 -9.59 18.45 -6.33
CA PHE A 1348 -9.67 18.24 -7.77
C PHE A 1348 -10.65 17.14 -8.15
N ARG A 1349 -11.75 17.00 -7.40
CA ARG A 1349 -12.74 15.97 -7.72
C ARG A 1349 -13.58 16.36 -8.93
N LEU A 1350 -14.00 17.61 -9.02
CA LEU A 1350 -14.86 18.09 -10.10
C LEU A 1350 -14.10 18.87 -11.16
N GLU A 1351 -12.78 18.97 -11.07
CA GLU A 1351 -11.99 19.77 -12.00
C GLU A 1351 -11.31 18.83 -13.01
N LYS A 1352 -11.45 19.17 -14.29
CA LYS A 1352 -10.88 18.33 -15.35
C LYS A 1352 -9.36 18.45 -15.40
N ASP A 1353 -8.84 19.68 -15.33
CA ASP A 1353 -7.42 19.93 -15.48
C ASP A 1353 -6.94 20.80 -14.32
N THR A 1354 -5.69 20.57 -13.91
CA THR A 1354 -5.05 21.46 -12.96
C THR A 1354 -4.60 22.70 -13.73
N GLY A 1355 -5.26 23.83 -13.49
CA GLY A 1355 -5.17 24.93 -14.42
C GLY A 1355 -4.35 26.13 -14.03
N SER A 1356 -3.36 26.46 -14.85
CA SER A 1356 -2.64 27.72 -14.97
C SER A 1356 -1.77 28.10 -13.78
N SER A 1357 -1.75 27.32 -12.70
CA SER A 1357 -0.88 27.66 -11.57
C SER A 1357 -0.52 26.42 -10.77
N ASN A 1358 0.71 26.39 -10.29
CA ASN A 1358 1.14 25.33 -9.39
C ASN A 1358 0.49 25.48 -8.03
N THR A 1359 0.26 24.35 -7.37
CA THR A 1359 -0.42 24.33 -6.07
C THR A 1359 0.54 23.81 -5.00
N VAL A 1360 0.59 24.48 -3.86
CA VAL A 1360 1.41 24.07 -2.74
C VAL A 1360 0.49 23.88 -1.53
N LEU A 1361 0.62 22.75 -0.85
CA LEU A 1361 -0.20 22.48 0.32
C LEU A 1361 0.72 22.25 1.52
N HIS A 1362 0.44 22.97 2.60
CA HIS A 1362 1.15 22.83 3.86
C HIS A 1362 0.21 22.20 4.87
N LEU A 1363 0.60 21.05 5.42
CA LEU A 1363 -0.21 20.32 6.39
C LEU A 1363 0.56 20.28 7.70
N HIS A 1364 0.25 21.24 8.58
CA HIS A 1364 0.95 21.36 9.85
C HIS A 1364 0.48 20.29 10.83
N VAL A 1365 1.33 20.03 11.83
CA VAL A 1365 0.99 19.11 12.92
C VAL A 1365 1.04 19.89 14.22
N GLU A 1366 -0.04 19.85 14.98
CA GLU A 1366 -0.15 20.57 16.25
C GLU A 1366 0.24 19.64 17.39
N THR A 1367 1.24 20.05 18.17
CA THR A 1367 1.73 19.27 19.29
C THR A 1367 1.53 20.00 20.60
N ASP A 1376 7.30 5.03 30.95
CA ASP A 1376 8.08 5.51 32.09
C ASP A 1376 8.59 4.35 32.94
N HIS A 1377 8.26 3.12 32.52
CA HIS A 1377 8.60 1.93 33.29
C HIS A 1377 9.76 1.20 32.64
N PRO A 1378 10.87 0.97 33.35
CA PRO A 1378 11.89 0.06 32.81
C PRO A 1378 11.42 -1.38 32.77
N ARG A 1379 10.84 -1.87 33.86
CA ARG A 1379 10.39 -3.25 33.95
C ARG A 1379 9.16 -3.34 34.83
N ILE A 1380 8.27 -4.27 34.51
CA ILE A 1380 7.03 -4.49 35.24
C ILE A 1380 7.11 -5.88 35.85
N PRO A 1381 7.13 -6.04 37.18
CA PRO A 1381 7.25 -7.37 37.77
C PRO A 1381 5.94 -8.16 37.78
N SER A 1382 5.96 -9.34 38.38
CA SER A 1382 4.81 -10.24 38.36
C SER A 1382 4.20 -10.36 39.75
N SER A 1383 2.87 -10.38 39.80
CA SER A 1383 2.14 -10.56 41.05
C SER A 1383 1.54 -11.95 41.17
N ARG A 1384 0.90 -12.44 40.12
CA ARG A 1384 0.32 -13.78 40.14
C ARG A 1384 1.39 -14.82 39.82
N LYS A 1385 1.13 -16.05 40.26
CA LYS A 1385 1.98 -17.20 39.94
C LYS A 1385 1.38 -17.97 38.77
N LEU A 1386 2.24 -18.40 37.86
CA LEU A 1386 1.79 -19.03 36.63
C LEU A 1386 1.26 -20.43 36.91
N GLU A 1387 0.05 -20.72 36.42
CA GLU A 1387 -0.61 -21.98 36.70
C GLU A 1387 0.00 -23.13 35.90
N LEU A 1388 0.34 -22.87 34.64
CA LEU A 1388 0.94 -23.80 33.67
C LEU A 1388 -0.01 -24.99 33.47
N ARG A 1389 0.54 -26.15 33.09
CA ARG A 1389 -0.23 -27.36 32.90
C ARG A 1389 0.68 -28.52 33.30
N ALA A 1390 0.06 -29.62 33.77
CA ALA A 1390 0.82 -30.75 34.29
C ALA A 1390 1.67 -31.42 33.21
N GLU A 1391 1.13 -31.54 32.00
CA GLU A 1391 1.87 -32.10 30.88
C GLU A 1391 1.76 -31.16 29.69
N LEU A 1392 2.73 -31.26 28.78
CA LEU A 1392 2.78 -30.44 27.58
C LEU A 1392 2.19 -31.25 26.42
N CYS A 1393 1.16 -30.71 25.78
CA CYS A 1393 0.56 -31.35 24.64
C CYS A 1393 1.50 -31.25 23.44
N THR A 1394 1.79 -32.38 22.80
CA THR A 1394 2.75 -32.45 21.71
C THR A 1394 2.08 -32.64 20.35
N ASN A 1395 0.90 -32.04 20.17
CA ASN A 1395 0.22 -32.15 18.89
C ASN A 1395 0.92 -31.26 17.86
N PRO A 1396 1.04 -31.72 16.62
CA PRO A 1396 1.73 -30.92 15.58
C PRO A 1396 1.02 -29.61 15.22
N LEU A 1397 -0.27 -29.47 15.52
CA LEU A 1397 -0.95 -28.20 15.26
C LEU A 1397 -0.42 -27.09 16.15
N ILE A 1398 -0.13 -27.40 17.41
CA ILE A 1398 0.29 -26.40 18.39
C ILE A 1398 1.77 -26.52 18.70
N TYR A 1399 2.30 -27.73 18.81
CA TYR A 1399 3.64 -27.97 19.32
C TYR A 1399 4.56 -28.42 18.18
N ASP A 1400 5.76 -27.85 18.14
CA ASP A 1400 6.79 -28.22 17.18
C ASP A 1400 7.97 -28.81 17.94
N ASN A 1401 8.34 -30.04 17.61
CA ASN A 1401 9.40 -30.73 18.32
C ASN A 1401 10.78 -30.48 17.74
N ALA A 1402 10.90 -30.29 16.43
CA ALA A 1402 12.19 -30.09 15.80
C ALA A 1402 12.63 -28.64 15.96
N PRO A 1403 13.80 -28.37 16.55
CA PRO A 1403 14.29 -26.97 16.61
C PRO A 1403 14.62 -26.40 15.25
N LEU A 1404 15.17 -27.23 14.35
CA LEU A 1404 15.47 -26.90 12.95
C LEU A 1404 16.48 -25.77 12.89
N ILE A 1405 16.13 -24.60 12.36
CA ILE A 1405 17.07 -23.50 12.13
C ILE A 1405 17.54 -22.89 13.45
N VAL A 1422 32.57 5.94 12.53
CA VAL A 1422 31.89 7.22 12.54
C VAL A 1422 32.21 8.00 11.27
N GLU A 1423 31.18 8.29 10.49
CA GLU A 1423 31.29 9.15 9.31
C GLU A 1423 30.62 10.47 9.65
N PHE A 1424 31.42 11.54 9.74
CA PHE A 1424 30.88 12.84 10.16
C PHE A 1424 30.05 13.51 9.09
N VAL A 1425 30.21 13.10 7.81
CA VAL A 1425 29.39 13.67 6.74
C VAL A 1425 27.96 13.21 6.86
N THR A 1426 27.75 11.93 7.20
CA THR A 1426 26.41 11.39 7.29
C THR A 1426 25.63 11.92 8.49
N TRP A 1427 26.32 12.43 9.52
CA TRP A 1427 25.64 13.01 10.66
C TRP A 1427 25.03 14.35 10.30
N SER A 1428 23.85 14.64 10.85
CA SER A 1428 23.18 15.89 10.59
C SER A 1428 23.81 17.02 11.41
N THR A 1429 23.43 18.25 11.06
CA THR A 1429 24.01 19.43 11.71
C THR A 1429 23.66 19.58 13.20
N PRO A 1430 22.41 19.34 13.68
CA PRO A 1430 22.22 19.31 15.14
C PRO A 1430 23.01 18.22 15.85
N GLN A 1431 23.18 17.06 15.23
CA GLN A 1431 24.00 16.01 15.82
C GLN A 1431 25.47 16.41 15.90
N LEU A 1432 25.95 17.16 14.90
CA LEU A 1432 27.32 17.66 14.93
C LEU A 1432 27.51 18.69 16.04
N TYR A 1433 26.49 19.53 16.28
CA TYR A 1433 26.54 20.44 17.42
C TYR A 1433 26.56 19.71 18.75
N HIS A 1434 25.75 18.66 18.90
CA HIS A 1434 25.67 17.95 20.17
C HIS A 1434 26.94 17.19 20.49
N ILE A 1435 27.48 16.44 19.52
CA ILE A 1435 28.67 15.62 19.75
C ILE A 1435 29.89 16.50 20.01
N LEU A 1436 29.97 17.65 19.34
CA LEU A 1436 31.02 18.62 19.63
C LEU A 1436 30.85 19.22 21.02
N ALA A 1437 29.61 19.53 21.41
CA ALA A 1437 29.37 20.10 22.74
C ALA A 1437 29.59 19.07 23.84
N LYS A 1438 29.30 17.80 23.55
CA LYS A 1438 29.64 16.74 24.50
C LYS A 1438 31.14 16.58 24.63
N SER A 1439 31.86 16.58 23.49
CA SER A 1439 33.30 16.28 23.52
C SER A 1439 34.09 17.41 24.16
N THR A 1440 33.68 18.66 23.97
CA THR A 1440 34.36 19.77 24.62
C THR A 1440 34.13 19.76 26.12
N ALA A 1441 32.89 19.49 26.55
CA ALA A 1441 32.57 19.52 27.97
C ALA A 1441 33.16 18.32 28.70
N LEU A 1442 33.13 17.13 28.08
CA LEU A 1442 33.66 15.94 28.73
C LEU A 1442 35.17 15.99 28.86
N SER A 1443 35.87 16.45 27.81
CA SER A 1443 37.32 16.55 27.87
C SER A 1443 37.77 17.60 28.87
N MET A 1444 36.99 18.67 29.03
CA MET A 1444 37.37 19.74 29.95
C MET A 1444 37.28 19.29 31.39
N ILE A 1445 36.15 18.69 31.78
CA ILE A 1445 35.94 18.32 33.18
C ILE A 1445 36.82 17.13 33.57
N ASP A 1446 37.05 16.21 32.62
CA ASP A 1446 37.96 15.09 32.90
C ASP A 1446 39.40 15.57 33.05
N LEU A 1447 39.80 16.60 32.28
CA LEU A 1447 41.12 17.20 32.48
C LEU A 1447 41.22 17.88 33.85
N VAL A 1448 40.15 18.57 34.27
CA VAL A 1448 40.09 19.19 35.59
C VAL A 1448 40.21 18.14 36.69
N THR A 1449 39.57 16.99 36.51
CA THR A 1449 39.75 15.88 37.43
C THR A 1449 41.18 15.34 37.40
N LYS A 1450 41.80 15.30 36.21
CA LYS A 1450 43.19 14.88 36.12
C LYS A 1450 44.16 15.93 36.66
N PHE A 1451 43.77 17.21 36.63
CA PHE A 1451 44.63 18.26 37.18
C PHE A 1451 44.69 18.19 38.71
N ASP A 1466 48.89 22.93 22.99
CA ASP A 1466 48.17 23.05 21.73
C ASP A 1466 46.71 22.68 21.92
N ASP A 1467 46.47 21.82 22.92
CA ASP A 1467 45.10 21.39 23.21
C ASP A 1467 44.26 22.55 23.76
N ILE A 1468 44.87 23.46 24.51
CA ILE A 1468 44.12 24.61 25.01
C ILE A 1468 43.78 25.58 23.87
N ASN A 1469 44.65 25.70 22.86
CA ASN A 1469 44.32 26.52 21.69
C ASN A 1469 43.24 25.86 20.84
N SER A 1470 43.26 24.53 20.77
CA SER A 1470 42.18 23.79 20.15
C SER A 1470 40.87 24.01 20.89
N PHE A 1471 40.92 24.02 22.22
CA PHE A 1471 39.74 24.32 23.03
C PHE A 1471 39.25 25.75 22.80
N ILE A 1472 40.17 26.68 22.56
CA ILE A 1472 39.78 28.06 22.23
C ILE A 1472 39.02 28.11 20.91
N THR A 1473 39.54 27.41 19.90
CA THR A 1473 38.86 27.36 18.60
C THR A 1473 37.49 26.69 18.69
N GLU A 1474 37.39 25.61 19.46
CA GLU A 1474 36.13 24.91 19.64
C GLU A 1474 35.13 25.75 20.42
N PHE A 1475 35.58 26.45 21.47
CA PHE A 1475 34.68 27.32 22.23
C PHE A 1475 34.22 28.51 21.41
N LEU A 1476 35.03 28.93 20.45
CA LEU A 1476 34.54 29.85 19.43
C LEU A 1476 33.46 29.20 18.57
N LEU A 1477 33.62 27.93 18.22
CA LEU A 1477 32.71 27.31 17.25
C LEU A 1477 31.44 26.69 17.83
N ILE A 1478 31.36 26.45 19.14
CA ILE A 1478 30.18 25.78 19.70
C ILE A 1478 29.06 26.77 20.02
N GLU A 1479 27.86 26.22 20.31
CA GLU A 1479 26.68 26.91 20.83
C GLU A 1479 26.67 26.85 22.35
N PRO A 1480 26.38 27.97 23.05
CA PRO A 1480 26.65 28.04 24.49
C PRO A 1480 25.71 27.24 25.39
N ARG A 1481 24.43 27.14 25.01
CA ARG A 1481 23.43 26.52 25.88
C ARG A 1481 23.65 25.02 26.02
N LEU A 1482 23.98 24.35 24.92
CA LEU A 1482 24.32 22.94 24.98
C LEU A 1482 25.57 22.72 25.81
N PHE A 1483 26.54 23.63 25.71
CA PHE A 1483 27.77 23.54 26.49
C PHE A 1483 27.51 23.69 27.98
N THR A 1484 26.63 24.62 28.38
CA THR A 1484 26.41 24.79 29.81
C THR A 1484 25.60 23.63 30.40
N ILE A 1485 24.67 23.06 29.61
CA ILE A 1485 23.98 21.83 30.05
C ILE A 1485 24.97 20.68 30.23
N TYR A 1486 25.83 20.44 29.23
CA TYR A 1486 26.74 19.30 29.30
C TYR A 1486 27.81 19.50 30.36
N LEU A 1487 28.22 20.74 30.61
CA LEU A 1487 29.16 21.05 31.68
C LEU A 1487 28.55 20.74 33.04
N GLY A 1488 27.26 21.08 33.22
CA GLY A 1488 26.56 20.69 34.44
C GLY A 1488 26.48 19.18 34.62
N GLN A 1489 26.22 18.45 33.52
CA GLN A 1489 26.19 16.98 33.57
C GLN A 1489 27.52 16.40 34.03
N CYS A 1490 28.62 16.83 33.40
CA CYS A 1490 29.92 16.27 33.72
C CYS A 1490 30.37 16.64 35.13
N ALA A 1491 30.06 17.86 35.58
CA ALA A 1491 30.37 18.25 36.95
C ALA A 1491 29.61 17.41 37.97
N ALA A 1492 28.31 17.17 37.73
CA ALA A 1492 27.52 16.35 38.65
C ALA A 1492 28.02 14.90 38.69
N ILE A 1493 28.35 14.35 37.52
CA ILE A 1493 28.84 12.98 37.46
C ILE A 1493 30.17 12.83 38.19
N ASN A 1494 31.09 13.77 37.99
CA ASN A 1494 32.39 13.63 38.64
C ASN A 1494 32.41 14.03 40.12
N TRP A 1495 31.41 14.76 40.64
CA TRP A 1495 31.38 15.03 42.07
C TRP A 1495 30.25 14.30 42.82
N ALA A 1496 29.56 13.35 42.15
CA ALA A 1496 28.48 12.61 42.78
C ALA A 1496 28.93 11.78 43.98
N PHE A 1497 30.11 11.14 43.89
CA PHE A 1497 30.60 10.32 45.01
C PHE A 1497 30.90 11.15 46.25
N ASP A 1498 31.55 12.30 46.09
CA ASP A 1498 31.85 13.15 47.25
C ASP A 1498 30.58 13.74 47.85
N VAL A 1499 29.60 14.08 47.00
CA VAL A 1499 28.30 14.53 47.49
C VAL A 1499 27.62 13.42 48.27
N HIS A 1500 27.70 12.18 47.77
CA HIS A 1500 27.05 11.06 48.45
C HIS A 1500 27.75 10.69 49.75
N TYR A 1501 29.06 10.95 49.86
CA TYR A 1501 29.71 10.76 51.16
C TYR A 1501 29.29 11.85 52.14
N HIS A 1502 29.16 13.10 51.69
CA HIS A 1502 28.73 14.14 52.62
C HIS A 1502 27.22 14.11 52.89
N ARG A 1503 26.43 13.56 51.96
CA ARG A 1503 24.96 13.50 51.97
C ARG A 1503 24.24 14.82 52.27
N PRO A 1504 24.23 15.82 51.37
CA PRO A 1504 23.31 16.94 51.55
C PRO A 1504 21.98 16.69 50.86
N SER A 1505 20.97 17.44 51.29
CA SER A 1505 19.61 17.35 50.77
C SER A 1505 19.21 18.65 50.10
N GLY A 1506 18.48 18.54 49.00
CA GLY A 1506 18.02 19.70 48.26
C GLY A 1506 19.04 20.18 47.25
N LYS A 1507 18.57 21.07 46.38
CA LYS A 1507 19.43 21.61 45.32
C LYS A 1507 20.48 22.56 45.88
N TYR A 1508 20.09 23.41 46.84
CA TYR A 1508 20.97 24.46 47.33
C TYR A 1508 22.13 23.91 48.15
N GLN A 1509 21.88 22.89 48.97
CA GLN A 1509 22.94 22.36 49.81
C GLN A 1509 23.94 21.54 48.98
N MET A 1510 23.44 20.81 47.98
CA MET A 1510 24.32 20.10 47.06
C MET A 1510 25.16 21.08 46.25
N GLY A 1511 24.57 22.20 45.84
CA GLY A 1511 25.34 23.26 45.19
C GLY A 1511 26.36 23.90 46.11
N GLU A 1512 26.04 24.03 47.39
CA GLU A 1512 26.99 24.57 48.37
C GLU A 1512 28.19 23.64 48.55
N LEU A 1513 27.94 22.32 48.66
CA LEU A 1513 29.04 21.37 48.75
C LEU A 1513 29.85 21.29 47.47
N LEU A 1514 29.21 21.43 46.30
CA LEU A 1514 29.98 21.43 45.06
C LEU A 1514 30.80 22.70 44.91
N SER A 1515 30.27 23.85 45.38
CA SER A 1515 31.07 25.07 45.43
C SER A 1515 32.22 24.95 46.41
N SER A 1516 32.04 24.19 47.49
CA SER A 1516 33.15 23.89 48.39
C SER A 1516 34.21 23.04 47.69
N PHE A 1517 33.80 22.07 46.88
CA PHE A 1517 34.77 21.28 46.11
C PHE A 1517 35.51 22.14 45.10
N LEU A 1518 34.82 23.07 44.46
CA LEU A 1518 35.49 24.00 43.56
C LEU A 1518 36.41 24.95 44.32
N SER A 1519 36.07 25.27 45.57
CA SER A 1519 36.96 26.07 46.40
C SER A 1519 38.21 25.30 46.80
N ARG A 1520 38.11 23.98 46.93
CA ARG A 1520 39.29 23.17 47.19
C ARG A 1520 40.23 23.09 45.99
N MET A 1521 39.72 23.30 44.78
CA MET A 1521 40.57 23.31 43.60
C MET A 1521 41.43 24.57 43.56
N SER A 1522 42.64 24.42 43.02
CA SER A 1522 43.58 25.53 42.89
C SER A 1522 43.34 26.28 41.60
N LYS A 1523 44.16 27.31 41.36
CA LYS A 1523 44.02 28.10 40.13
C LYS A 1523 44.55 27.35 38.92
N GLY A 1524 45.57 26.51 39.10
CA GLY A 1524 46.07 25.70 37.99
C GLY A 1524 45.14 24.57 37.60
N VAL A 1525 44.22 24.19 38.49
CA VAL A 1525 43.20 23.21 38.16
C VAL A 1525 42.23 23.77 37.13
N PHE A 1526 41.91 25.06 37.23
CA PHE A 1526 41.00 25.72 36.31
C PHE A 1526 41.70 26.62 35.31
N LYS A 1527 43.00 26.39 35.06
CA LYS A 1527 43.78 27.31 34.25
C LYS A 1527 43.40 27.25 32.77
N VAL A 1528 42.91 26.10 32.31
CA VAL A 1528 42.52 25.95 30.91
C VAL A 1528 41.30 26.79 30.59
N LEU A 1529 40.30 26.79 31.49
CA LEU A 1529 39.14 27.64 31.29
C LEU A 1529 39.47 29.12 31.50
N VAL A 1530 40.50 29.41 32.33
CA VAL A 1530 41.00 30.78 32.44
C VAL A 1530 41.59 31.25 31.11
N ASN A 1531 42.38 30.38 30.46
CA ASN A 1531 42.92 30.70 29.15
C ASN A 1531 41.83 30.79 28.09
N ALA A 1532 40.76 29.99 28.24
CA ALA A 1532 39.63 30.07 27.32
C ALA A 1532 38.88 31.39 27.48
N LEU A 1533 38.68 31.83 28.72
CA LEU A 1533 38.04 33.10 28.99
C LEU A 1533 38.94 34.30 28.70
N SER A 1534 40.25 34.07 28.55
CA SER A 1534 41.17 35.15 28.18
C SER A 1534 40.90 35.67 26.77
N HIS A 1535 40.39 34.83 25.89
CA HIS A 1535 40.01 35.27 24.55
C HIS A 1535 38.72 36.09 24.65
N PRO A 1536 38.66 37.27 24.04
CA PRO A 1536 37.50 38.15 24.26
C PRO A 1536 36.22 37.67 23.59
N LYS A 1537 36.31 36.98 22.45
CA LYS A 1537 35.10 36.56 21.75
C LYS A 1537 34.42 35.40 22.46
N ILE A 1538 35.20 34.51 23.07
CA ILE A 1538 34.65 33.43 23.88
C ILE A 1538 33.95 34.01 25.11
N TYR A 1539 34.56 35.02 25.72
CA TYR A 1539 33.99 35.68 26.89
C TYR A 1539 32.68 36.39 26.55
N LYS A 1540 32.58 36.95 25.34
CA LYS A 1540 31.38 37.68 24.96
C LYS A 1540 30.21 36.75 24.66
N LYS A 1541 30.48 35.58 24.07
CA LYS A 1541 29.42 34.63 23.77
C LYS A 1541 28.87 33.98 25.04
N PHE A 1542 29.75 33.59 25.95
CA PHE A 1542 29.36 32.84 27.15
C PHE A 1542 28.76 33.69 28.26
N TRP A 1543 28.52 34.98 28.01
CA TRP A 1543 27.86 35.82 28.99
C TRP A 1543 26.78 36.69 28.35
N ASN A 1560 39.48 38.06 38.71
CA ASN A 1560 39.73 36.79 39.39
C ASN A 1560 39.05 35.66 38.64
N LEU A 1561 39.68 35.22 37.55
CA LEU A 1561 39.05 34.28 36.63
C LEU A 1561 38.87 32.88 37.21
N HIS A 1562 39.67 32.50 38.22
CA HIS A 1562 39.49 31.19 38.85
C HIS A 1562 38.16 31.13 39.61
N THR A 1563 37.86 32.18 40.37
CA THR A 1563 36.56 32.28 41.04
C THR A 1563 35.43 32.41 40.03
N THR A 1564 35.69 33.06 38.89
CA THR A 1564 34.71 33.15 37.81
C THR A 1564 34.40 31.77 37.23
N VAL A 1565 35.43 30.93 37.09
CA VAL A 1565 35.23 29.57 36.58
C VAL A 1565 34.47 28.74 37.61
N CYS A 1566 34.74 28.94 38.91
CA CYS A 1566 33.97 28.27 39.96
C CYS A 1566 32.50 28.70 39.93
N ASN A 1567 32.23 29.99 39.74
CA ASN A 1567 30.86 30.47 39.62
C ASN A 1567 30.19 29.94 38.35
N MET A 1568 30.94 29.78 37.27
CA MET A 1568 30.40 29.21 36.03
C MET A 1568 30.00 27.76 36.21
N VAL A 1569 30.86 26.97 36.87
CA VAL A 1569 30.55 25.55 37.12
C VAL A 1569 29.37 25.42 38.08
N TYR A 1570 29.30 26.31 39.08
CA TYR A 1570 28.15 26.32 39.99
C TYR A 1570 26.86 26.68 39.25
N THR A 1571 26.91 27.66 38.34
CA THR A 1571 25.72 28.05 37.58
C THR A 1571 25.27 26.94 36.63
N CYS A 1572 26.22 26.26 35.99
CA CYS A 1572 25.89 25.13 35.13
C CYS A 1572 25.30 23.98 35.93
N TYR A 1573 25.82 23.75 37.14
CA TYR A 1573 25.27 22.72 38.02
C TYR A 1573 23.86 23.04 38.47
N MET A 1574 23.60 24.32 38.81
CA MET A 1574 22.25 24.74 39.18
C MET A 1574 21.28 24.58 38.03
N THR A 1575 21.72 24.95 36.81
CA THR A 1575 20.87 24.79 35.62
C THR A 1575 20.59 23.32 35.32
N TYR A 1576 21.61 22.47 35.45
CA TYR A 1576 21.44 21.04 35.21
C TYR A 1576 20.47 20.42 36.21
N LEU A 1577 20.59 20.79 37.50
CA LEU A 1577 19.66 20.31 38.50
C LEU A 1577 18.24 20.82 38.25
N ASP A 1578 18.10 22.07 37.82
CA ASP A 1578 16.78 22.64 37.54
C ASP A 1578 16.12 21.96 36.35
N LEU A 1579 16.89 21.60 35.33
CA LEU A 1579 16.32 20.80 34.24
C LEU A 1579 15.99 19.38 34.68
N LEU A 1580 16.79 18.82 35.59
CA LEU A 1580 16.54 17.43 36.02
C LEU A 1580 15.32 17.33 36.93
N LEU A 1581 14.98 18.39 37.67
CA LEU A 1581 13.83 18.32 38.58
C LEU A 1581 12.51 18.24 37.81
N ASN A 1582 12.38 19.00 36.72
CA ASN A 1582 11.16 19.07 35.94
C ASN A 1582 11.23 18.26 34.65
N GLU A 1583 12.28 17.44 34.50
CA GLU A 1583 12.51 16.54 33.36
C GLU A 1583 12.54 17.32 32.05
N GLU A 1584 13.56 18.17 31.97
CA GLU A 1584 13.85 18.96 30.77
C GLU A 1584 15.07 18.45 30.02
N LEU A 1585 15.60 17.30 30.44
CA LEU A 1585 16.75 16.66 29.79
C LEU A 1585 16.25 15.61 28.78
N GLU A 1586 15.53 16.10 27.76
CA GLU A 1586 14.90 15.22 26.79
C GLU A 1586 15.94 14.54 25.90
N GLU A 1587 16.93 15.28 25.43
CA GLU A 1587 18.08 14.72 24.72
C GLU A 1587 19.23 14.72 25.71
N PHE A 1588 19.43 13.59 26.39
CA PHE A 1588 20.45 13.47 27.42
C PHE A 1588 21.34 12.30 27.02
N THR A 1589 22.65 12.54 26.98
CA THR A 1589 23.60 11.47 26.67
C THR A 1589 24.94 11.79 27.31
N PHE A 1590 25.43 10.86 28.13
CA PHE A 1590 26.79 10.91 28.66
C PHE A 1590 27.65 10.03 27.75
N LEU A 1591 28.47 10.66 26.92
CA LEU A 1591 29.30 9.93 25.97
C LEU A 1591 30.42 9.19 26.68
N LEU A 1592 30.70 7.95 26.25
CA LEU A 1592 31.75 7.13 26.83
C LEU A 1592 32.75 6.78 25.74
N CYS A 1593 34.02 7.08 25.99
CA CYS A 1593 35.12 6.70 25.11
C CYS A 1593 35.82 5.49 25.73
N GLU A 1594 35.76 4.36 25.05
CA GLU A 1594 36.23 3.09 25.57
C GLU A 1594 37.28 2.49 24.64
N SER A 1595 38.31 1.87 25.24
CA SER A 1595 39.33 1.14 24.50
C SER A 1595 39.14 -0.36 24.57
N ASP A 1596 38.64 -0.88 25.69
CA ASP A 1596 38.35 -2.30 25.85
C ASP A 1596 36.85 -2.49 25.95
N GLU A 1597 36.31 -3.46 25.20
CA GLU A 1597 34.87 -3.70 25.19
C GLU A 1597 34.40 -4.40 26.46
N ASP A 1598 35.30 -5.03 27.21
CA ASP A 1598 34.90 -5.77 28.41
C ASP A 1598 34.59 -4.86 29.57
N VAL A 1599 35.31 -3.74 29.72
CA VAL A 1599 35.12 -2.84 30.86
C VAL A 1599 33.97 -1.88 30.68
N VAL A 1600 33.26 -1.94 29.54
CA VAL A 1600 32.13 -1.04 29.32
C VAL A 1600 30.97 -1.27 30.29
N PRO A 1601 30.55 -2.53 30.61
CA PRO A 1601 29.56 -2.67 31.70
C PRO A 1601 30.01 -2.15 33.06
N ASP A 1602 31.31 -2.25 33.37
CA ASP A 1602 31.81 -1.74 34.65
C ASP A 1602 31.70 -0.22 34.72
N ARG A 1603 32.11 0.47 33.65
CA ARG A 1603 31.98 1.92 33.59
C ARG A 1603 30.51 2.35 33.60
N PHE A 1604 29.66 1.59 32.92
CA PHE A 1604 28.23 1.89 32.90
C PHE A 1604 27.62 1.76 34.29
N ASP A 1605 28.01 0.72 35.04
CA ASP A 1605 27.53 0.55 36.40
C ASP A 1605 28.03 1.65 37.33
N ASN A 1606 29.30 2.07 37.17
CA ASN A 1606 29.83 3.15 38.01
C ASN A 1606 29.12 4.48 37.75
N ILE A 1607 28.89 4.82 36.48
CA ILE A 1607 28.28 6.12 36.18
C ILE A 1607 26.78 6.09 36.52
N GLN A 1608 26.13 4.92 36.38
CA GLN A 1608 24.76 4.78 36.86
C GLN A 1608 24.69 4.90 38.39
N ALA A 1609 25.71 4.39 39.09
CA ALA A 1609 25.78 4.57 40.54
C ALA A 1609 25.92 6.03 40.90
N LYS A 1610 26.72 6.78 40.13
CA LYS A 1610 26.83 8.23 40.32
C LYS A 1610 25.50 8.93 40.13
N HIS A 1611 24.76 8.55 39.08
CA HIS A 1611 23.45 9.14 38.83
C HIS A 1611 22.45 8.82 39.93
N LEU A 1612 22.47 7.58 40.44
CA LEU A 1612 21.59 7.21 41.54
C LEU A 1612 21.95 7.94 42.83
N CYS A 1613 23.25 8.21 43.04
CA CYS A 1613 23.66 9.05 44.17
C CYS A 1613 23.13 10.47 44.03
N VAL A 1614 23.15 11.02 42.80
CA VAL A 1614 22.61 12.37 42.57
C VAL A 1614 21.11 12.41 42.85
N LEU A 1615 20.37 11.41 42.35
CA LEU A 1615 18.93 11.37 42.59
C LEU A 1615 18.59 11.17 44.05
N ALA A 1616 19.34 10.31 44.75
CA ALA A 1616 19.08 10.05 46.16
C ALA A 1616 19.41 11.26 47.02
N ASP A 1617 20.46 12.00 46.67
CA ASP A 1617 20.82 13.18 47.44
C ASP A 1617 19.88 14.35 47.17
N LEU A 1618 19.36 14.48 45.94
CA LEU A 1618 18.35 15.49 45.67
C LEU A 1618 17.02 15.17 46.36
N TYR A 1619 16.55 13.93 46.23
CA TYR A 1619 15.18 13.64 46.62
C TYR A 1619 15.05 13.23 48.09
N CYS A 1620 15.83 12.23 48.52
CA CYS A 1620 15.59 11.60 49.81
C CYS A 1620 16.07 12.48 50.96
N GLN A 1621 15.60 12.13 52.16
CA GLN A 1621 16.01 12.81 53.37
C GLN A 1621 17.48 12.50 53.68
N PRO A 1622 18.19 13.43 54.33
CA PRO A 1622 19.61 13.18 54.65
C PRO A 1622 19.75 12.10 55.72
N GLY A 1623 20.71 11.21 55.51
CA GLY A 1623 20.96 10.10 56.40
C GLY A 1623 20.18 8.84 56.10
N THR A 1624 19.14 8.92 55.29
CA THR A 1624 18.35 7.74 54.94
C THR A 1624 18.99 6.91 53.84
N CYS A 1625 19.96 7.47 53.12
CA CYS A 1625 20.57 6.75 52.01
C CYS A 1625 21.54 5.70 52.53
N PRO A 1626 21.54 4.49 51.95
CA PRO A 1626 22.55 3.51 52.32
C PRO A 1626 23.92 3.92 51.79
N PRO A 1627 25.00 3.60 52.51
CA PRO A 1627 26.34 3.96 52.02
C PRO A 1627 26.74 3.13 50.82
N ILE A 1628 27.51 3.75 49.92
CA ILE A 1628 28.03 3.06 48.74
C ILE A 1628 29.44 2.53 48.94
N GLN A 1629 30.10 2.89 50.05
CA GLN A 1629 31.48 2.50 50.27
C GLN A 1629 31.58 1.03 50.62
N GLY A 1630 32.58 0.36 50.04
CA GLY A 1630 32.78 -1.06 50.25
C GLY A 1630 31.70 -1.94 49.66
N LEU A 1631 31.19 -1.57 48.48
CA LEU A 1631 30.13 -2.32 47.83
C LEU A 1631 30.45 -2.47 46.35
N ARG A 1632 29.89 -3.51 45.74
CA ARG A 1632 29.98 -3.68 44.31
C ARG A 1632 29.15 -2.61 43.60
N PRO A 1633 29.53 -2.23 42.38
CA PRO A 1633 28.73 -1.22 41.64
C PRO A 1633 27.31 -1.67 41.34
N VAL A 1634 27.10 -2.92 40.95
CA VAL A 1634 25.75 -3.40 40.72
C VAL A 1634 25.00 -3.57 42.05
N GLU A 1635 25.72 -3.90 43.14
CA GLU A 1635 25.10 -4.01 44.45
C GLU A 1635 24.69 -2.65 44.98
N LYS A 1636 25.55 -1.64 44.82
CA LYS A 1636 25.19 -0.30 45.26
C LYS A 1636 24.11 0.30 44.38
N CYS A 1637 24.08 -0.04 43.09
CA CYS A 1637 22.98 0.40 42.22
C CYS A 1637 21.67 -0.22 42.64
N ALA A 1638 21.67 -1.52 42.99
CA ALA A 1638 20.46 -2.18 43.44
C ALA A 1638 19.97 -1.61 44.77
N VAL A 1639 20.86 -1.37 45.73
CA VAL A 1639 20.42 -0.87 47.02
C VAL A 1639 19.97 0.59 46.92
N LEU A 1640 20.59 1.39 46.04
CA LEU A 1640 20.13 2.76 45.85
C LEU A 1640 18.80 2.80 45.12
N THR A 1641 18.60 1.92 44.14
CA THR A 1641 17.31 1.85 43.45
C THR A 1641 16.20 1.43 44.39
N ASP A 1642 16.46 0.44 45.27
CA ASP A 1642 15.47 0.01 46.24
C ASP A 1642 15.18 1.11 47.27
N HIS A 1643 16.20 1.85 47.69
CA HIS A 1643 15.98 2.92 48.67
C HIS A 1643 15.19 4.08 48.07
N ILE A 1644 15.49 4.47 46.82
CA ILE A 1644 14.75 5.55 46.18
C ILE A 1644 13.31 5.12 45.88
N LYS A 1645 13.11 3.86 45.48
CA LYS A 1645 11.74 3.37 45.26
C LYS A 1645 10.94 3.31 46.55
N ALA A 1646 11.57 2.87 47.66
CA ALA A 1646 10.89 2.84 48.95
C ALA A 1646 10.56 4.25 49.44
N GLU A 1647 11.48 5.20 49.27
CA GLU A 1647 11.22 6.57 49.70
C GLU A 1647 10.18 7.24 48.82
N ALA A 1648 10.11 6.86 47.54
CA ALA A 1648 9.05 7.37 46.67
C ALA A 1648 7.69 6.78 47.04
N MET A 1649 7.66 5.52 47.48
CA MET A 1649 6.40 4.95 47.94
C MET A 1649 5.96 5.55 49.28
N LEU A 1650 6.91 5.91 50.15
CA LEU A 1650 6.54 6.49 51.44
C LEU A 1650 6.04 7.93 51.29
N SER A 1651 6.73 8.74 50.46
CA SER A 1651 6.37 10.14 50.39
C SER A 1651 5.34 10.38 49.28
N PRO A 1652 4.49 11.41 49.43
CA PRO A 1652 3.64 11.84 48.30
C PRO A 1652 4.44 12.28 47.09
N ALA A 1653 5.59 12.93 47.29
CA ALA A 1653 6.49 13.21 46.20
C ALA A 1653 7.29 11.97 45.83
N GLY A 1654 7.87 11.98 44.64
CA GLY A 1654 8.64 10.86 44.11
C GLY A 1654 8.10 10.32 42.80
N SER A 1655 6.80 10.48 42.56
CA SER A 1655 6.22 10.05 41.29
C SER A 1655 6.68 10.96 40.16
N SER A 1656 6.83 12.26 40.43
CA SER A 1656 7.39 13.17 39.44
C SER A 1656 8.88 12.95 39.26
N TRP A 1657 9.56 12.46 40.30
CA TRP A 1657 10.96 12.10 40.20
C TRP A 1657 11.13 10.86 39.32
N ASN A 1658 12.21 10.84 38.55
CA ASN A 1658 12.51 9.74 37.64
C ASN A 1658 13.63 8.89 38.22
N ILE A 1659 13.35 7.59 38.35
CA ILE A 1659 14.33 6.61 38.82
C ILE A 1659 15.06 5.98 37.64
N ASN A 1660 14.74 6.43 36.42
CA ASN A 1660 15.37 5.92 35.20
C ASN A 1660 16.85 6.29 35.17
N PRO A 1661 17.72 5.34 34.84
CA PRO A 1661 19.15 5.65 34.71
C PRO A 1661 19.43 6.45 33.46
N ILE A 1662 20.59 7.11 33.46
CA ILE A 1662 20.99 7.91 32.33
C ILE A 1662 21.29 7.03 31.11
N ILE A 1663 21.31 7.67 29.95
CA ILE A 1663 21.62 7.00 28.69
C ILE A 1663 23.08 7.28 28.36
N VAL A 1664 23.85 6.21 28.16
CA VAL A 1664 25.29 6.30 27.93
C VAL A 1664 25.55 5.72 26.55
N ASP A 1665 25.68 6.60 25.55
CA ASP A 1665 26.09 6.17 24.22
C ASP A 1665 27.58 5.87 24.23
N HIS A 1666 27.96 4.71 23.71
CA HIS A 1666 29.35 4.30 23.66
C HIS A 1666 29.91 4.48 22.25
N TYR A 1667 31.21 4.74 22.18
CA TYR A 1667 31.92 4.82 20.91
C TYR A 1667 33.34 4.33 21.11
N SER A 1668 33.87 3.62 20.11
CA SER A 1668 35.25 3.15 20.13
C SER A 1668 36.18 4.17 19.49
N CYS A 1669 36.07 5.41 19.93
CA CYS A 1669 36.87 6.52 19.42
C CYS A 1669 37.34 7.36 20.59
N SER A 1670 38.44 8.07 20.37
CA SER A 1670 38.94 8.98 21.38
C SER A 1670 38.16 10.29 21.36
N LEU A 1671 38.42 11.12 22.38
CA LEU A 1671 37.88 12.49 22.38
C LEU A 1671 38.46 13.31 21.24
N THR A 1672 39.74 13.13 20.95
CA THR A 1672 40.42 13.91 19.92
C THR A 1672 39.86 13.61 18.53
N TYR A 1673 39.61 12.33 18.23
CA TYR A 1673 39.13 11.93 16.91
C TYR A 1673 37.75 12.50 16.63
N LEU A 1674 36.81 12.30 17.57
CA LEU A 1674 35.46 12.80 17.40
C LEU A 1674 35.43 14.33 17.38
N ARG A 1675 36.25 14.97 18.20
CA ARG A 1675 36.21 16.42 18.32
C ARG A 1675 36.79 17.10 17.08
N ARG A 1676 37.94 16.61 16.60
CA ARG A 1676 38.51 17.16 15.38
C ARG A 1676 37.68 16.82 14.15
N GLY A 1677 37.03 15.65 14.11
CA GLY A 1677 36.14 15.33 13.01
C GLY A 1677 34.92 16.23 12.99
N SER A 1678 34.37 16.56 14.16
CA SER A 1678 33.24 17.48 14.24
C SER A 1678 33.63 18.89 13.80
N ILE A 1679 34.84 19.34 14.18
CA ILE A 1679 35.32 20.66 13.73
C ILE A 1679 35.51 20.68 12.22
N LYS A 1680 36.16 19.64 11.68
CA LYS A 1680 36.44 19.59 10.25
C LYS A 1680 35.16 19.46 9.44
N GLN A 1681 34.15 18.76 9.96
CA GLN A 1681 32.88 18.71 9.25
C GLN A 1681 32.07 19.99 9.38
N ILE A 1682 32.10 20.66 10.55
CA ILE A 1682 31.31 21.88 10.69
C ILE A 1682 31.94 23.05 9.94
N ARG A 1683 33.23 22.96 9.60
CA ARG A 1683 33.80 23.90 8.65
C ARG A 1683 33.66 23.44 7.20
N LEU A 1684 33.64 22.13 6.96
CA LEU A 1684 33.50 21.64 5.59
C LEU A 1684 32.05 21.66 5.13
N ARG A 1685 31.10 21.51 6.06
CA ARG A 1685 29.69 21.72 5.75
C ARG A 1685 29.43 23.22 5.80
N VAL A 1686 28.18 23.66 5.82
CA VAL A 1686 27.87 25.01 5.35
C VAL A 1686 28.27 26.18 6.26
N ASP A 1687 27.66 26.30 7.48
CA ASP A 1687 27.88 27.20 8.63
C ASP A 1687 28.64 28.49 8.32
N PRO A 1688 28.10 29.46 7.51
CA PRO A 1688 29.02 30.43 6.93
C PRO A 1688 29.28 31.63 7.83
N GLY A 1689 28.51 31.72 8.93
CA GLY A 1689 28.48 32.96 9.69
C GLY A 1689 29.68 33.16 10.56
N PHE A 1690 30.30 32.07 10.99
CA PHE A 1690 31.58 32.14 11.64
C PHE A 1690 32.56 32.19 10.47
N ASN A 1699 35.91 46.09 11.13
CA ASN A 1699 34.90 46.08 12.18
C ASN A 1699 34.97 47.42 12.91
N VAL A 1700 35.56 48.41 12.24
CA VAL A 1700 35.76 49.73 12.82
C VAL A 1700 35.19 50.73 11.81
N SER A 1701 34.78 50.23 10.64
CA SER A 1701 34.31 51.03 9.52
C SER A 1701 33.08 51.86 9.85
N GLN A 1702 33.24 53.19 9.86
CA GLN A 1702 32.19 54.11 10.27
C GLN A 1702 31.62 54.90 9.08
N PRO A 1703 30.31 55.18 9.08
CA PRO A 1703 29.69 55.92 7.97
C PRO A 1703 29.60 57.44 8.15
N LYS A 1704 29.57 58.14 7.02
CA LYS A 1704 29.37 59.60 6.97
C LYS A 1704 27.99 59.94 7.53
N ASN A 1712 7.38 72.13 11.53
CA ASN A 1712 6.85 71.48 12.73
C ASN A 1712 7.52 70.13 13.05
N MET A 1713 7.45 69.75 14.33
CA MET A 1713 7.98 68.47 14.85
C MET A 1713 9.47 68.31 14.54
N SER A 1714 10.26 69.14 15.23
CA SER A 1714 11.68 69.32 14.95
C SER A 1714 12.48 68.02 15.04
N ILE A 1715 13.28 67.78 14.01
CA ILE A 1715 14.07 66.56 13.80
C ILE A 1715 15.51 66.98 13.56
N LYS A 1716 16.33 66.04 13.06
CA LYS A 1716 17.77 66.05 12.73
C LYS A 1716 18.55 65.74 14.03
N ALA A 1717 17.86 65.60 15.16
CA ALA A 1717 18.45 64.96 16.31
C ALA A 1717 18.37 63.44 16.26
N PHE A 1718 17.77 62.88 15.20
CA PHE A 1718 17.52 61.44 15.08
C PHE A 1718 17.96 60.92 13.72
N ARG A 1719 19.09 61.39 13.20
CA ARG A 1719 19.49 60.91 11.88
C ARG A 1719 20.15 59.53 11.98
N PRO A 1720 19.84 58.62 11.05
CA PRO A 1720 20.42 57.27 11.09
C PRO A 1720 21.69 57.18 10.26
N PRO A 1721 22.50 56.16 10.48
CA PRO A 1721 23.69 55.96 9.63
C PRO A 1721 23.32 55.55 8.22
N HIS A 1722 23.94 56.20 7.23
CA HIS A 1722 23.69 55.89 5.83
C HIS A 1722 25.00 55.75 5.07
N ASP A 1723 25.03 54.82 4.14
CA ASP A 1723 26.16 54.57 3.25
C ASP A 1723 25.79 55.03 1.85
N ASP A 1724 26.70 55.75 1.20
CA ASP A 1724 26.62 55.94 -0.23
C ASP A 1724 26.91 54.60 -0.91
N VAL A 1725 26.18 54.32 -1.99
CA VAL A 1725 26.14 52.95 -2.52
C VAL A 1725 27.43 52.57 -3.25
N ALA A 1726 28.01 53.48 -4.03
CA ALA A 1726 29.13 53.10 -4.89
C ALA A 1726 30.41 52.91 -4.10
N LYS A 1727 30.64 53.78 -3.11
CA LYS A 1727 31.80 53.65 -2.24
C LYS A 1727 31.72 52.38 -1.40
N LEU A 1728 30.51 52.04 -0.93
CA LEU A 1728 30.30 50.79 -0.22
C LEU A 1728 30.57 49.58 -1.11
N LEU A 1729 30.10 49.62 -2.35
CA LEU A 1729 30.30 48.50 -3.28
C LEU A 1729 31.78 48.31 -3.60
N LYS A 1730 32.50 49.41 -3.85
CA LYS A 1730 33.94 49.31 -4.09
C LYS A 1730 34.71 48.87 -2.85
N ASP A 1731 34.26 49.26 -1.65
CA ASP A 1731 34.91 48.82 -0.43
C ASP A 1731 34.72 47.32 -0.19
N ILE A 1732 33.53 46.80 -0.51
CA ILE A 1732 33.31 45.36 -0.38
C ILE A 1732 34.11 44.59 -1.45
N ASN A 1733 34.15 45.12 -2.68
CA ASN A 1733 34.88 44.42 -3.74
C ASN A 1733 36.38 44.43 -3.54
N THR A 1734 36.95 45.51 -3.00
CA THR A 1734 38.39 45.51 -2.73
C THR A 1734 38.78 44.72 -1.48
N SER A 1735 37.85 44.53 -0.54
CA SER A 1735 38.16 43.81 0.69
C SER A 1735 38.25 42.32 0.43
N LYS A 1736 39.32 41.68 0.93
CA LYS A 1736 39.49 40.24 0.76
C LYS A 1736 38.57 39.45 1.69
N HIS A 1737 38.40 39.93 2.92
CA HIS A 1737 37.70 39.31 4.06
C HIS A 1737 38.02 37.82 4.21
N ASN A 1738 36.98 36.98 4.32
CA ASN A 1738 37.08 35.52 4.58
C ASN A 1738 37.82 35.33 5.90
N LEU A 1739 38.91 34.53 5.93
CA LEU A 1739 39.73 34.18 7.09
C LEU A 1739 38.90 33.62 8.25
N PRO A 1740 38.46 32.34 8.17
CA PRO A 1740 37.68 31.71 9.25
C PRO A 1740 38.39 31.63 10.59
N LEU A 1746 23.69 34.75 21.79
CA LEU A 1746 23.09 35.61 20.78
C LEU A 1746 21.58 35.69 20.96
N ALA A 1747 20.90 36.10 19.88
CA ALA A 1747 19.44 36.28 19.82
C ALA A 1747 18.93 37.21 20.91
N ASN A 1748 19.54 38.39 21.00
CA ASN A 1748 19.15 39.36 22.01
C ASN A 1748 17.85 40.04 21.60
N TYR A 1749 16.86 40.01 22.49
CA TYR A 1749 15.55 40.59 22.23
C TYR A 1749 15.26 41.77 23.16
N GLU A 1750 16.30 42.43 23.65
CA GLU A 1750 16.13 43.62 24.47
C GLU A 1750 15.66 44.82 23.68
N ILE A 1751 15.71 44.76 22.34
CA ILE A 1751 15.31 45.88 21.50
C ILE A 1751 13.81 46.13 21.58
N HIS A 1752 13.02 45.14 22.02
CA HIS A 1752 11.61 45.34 22.26
C HIS A 1752 11.33 46.10 23.55
N ALA A 1753 12.34 46.29 24.41
CA ALA A 1753 12.16 47.11 25.60
C ALA A 1753 12.02 48.58 25.25
N PHE A 1754 12.70 49.01 24.17
CA PHE A 1754 12.70 50.42 23.82
C PHE A 1754 11.47 50.81 23.01
N ARG A 1755 10.84 49.86 22.33
CA ARG A 1755 9.63 50.14 21.57
C ARG A 1755 8.43 50.00 22.49
N ARG A 1756 7.78 51.13 22.81
CA ARG A 1756 6.62 51.12 23.68
C ARG A 1756 5.45 51.94 23.14
N ILE A 1757 5.50 52.38 21.89
CA ILE A 1757 4.38 53.05 21.24
C ILE A 1757 4.05 52.29 19.96
N GLY A 1758 2.78 51.89 19.83
CA GLY A 1758 2.34 51.09 18.71
C GLY A 1758 1.82 49.75 19.20
N LEU A 1759 0.52 49.52 19.02
CA LEU A 1759 -0.12 48.36 19.62
C LEU A 1759 0.12 47.10 18.81
N ASN A 1760 -0.34 47.09 17.54
CA ASN A 1760 -0.04 45.95 16.67
C ASN A 1760 1.42 45.93 16.24
N SER A 1761 1.94 47.08 15.81
CA SER A 1761 3.32 47.17 15.33
C SER A 1761 3.96 48.43 15.88
N SER A 1762 5.25 48.32 16.19
CA SER A 1762 6.02 49.41 16.79
C SER A 1762 7.19 49.81 15.89
N ALA A 1763 6.96 49.84 14.58
CA ALA A 1763 8.01 50.18 13.62
C ALA A 1763 8.12 51.67 13.35
N CYS A 1764 7.23 52.48 13.94
CA CYS A 1764 7.12 53.91 13.63
C CYS A 1764 8.39 54.68 13.95
N TYR A 1765 9.13 54.23 14.97
CA TYR A 1765 10.43 54.79 15.32
C TYR A 1765 11.34 54.84 14.10
N LYS A 1766 11.44 53.70 13.40
CA LYS A 1766 12.24 53.59 12.17
C LYS A 1766 11.82 54.64 11.16
N ALA A 1767 10.49 54.82 11.02
CA ALA A 1767 9.93 55.72 10.02
C ALA A 1767 10.41 57.14 10.23
N VAL A 1768 10.46 57.57 11.50
CA VAL A 1768 10.83 58.97 11.79
C VAL A 1768 12.28 59.20 11.41
N GLU A 1769 13.14 58.21 11.68
CA GLU A 1769 14.55 58.33 11.34
C GLU A 1769 14.74 58.40 9.83
N ILE A 1770 13.93 57.61 9.09
CA ILE A 1770 14.04 57.63 7.64
C ILE A 1770 13.56 58.97 7.12
N SER A 1771 12.56 59.57 7.79
CA SER A 1771 12.06 60.88 7.41
C SER A 1771 13.11 61.98 7.56
N THR A 1772 14.11 61.77 8.43
CA THR A 1772 15.18 62.75 8.57
C THR A 1772 16.07 62.86 7.33
N LEU A 1773 15.97 61.91 6.40
CA LEU A 1773 16.65 62.04 5.11
C LEU A 1773 15.69 62.29 3.96
N ILE A 1774 14.40 62.42 4.21
CA ILE A 1774 13.44 62.59 3.11
C ILE A 1774 12.90 64.01 3.05
N ARG A 1775 12.77 64.65 4.22
CA ARG A 1775 11.94 65.86 4.35
C ARG A 1775 12.50 67.06 3.60
N ARG A 1776 13.83 67.14 3.39
CA ARG A 1776 14.36 68.22 2.58
C ARG A 1776 14.31 67.92 1.09
N CYS A 1777 14.20 66.64 0.71
CA CYS A 1777 14.24 66.22 -0.68
C CYS A 1777 12.85 66.13 -1.30
N LEU A 1778 11.82 66.46 -0.53
CA LEU A 1778 10.43 66.43 -1.01
C LEU A 1778 9.70 67.61 -0.42
N GLU A 1779 8.83 68.21 -1.23
CA GLU A 1779 7.90 69.24 -0.77
C GLU A 1779 6.68 68.52 -0.18
N PRO A 1780 5.66 69.27 0.29
CA PRO A 1780 4.34 68.64 0.44
C PRO A 1780 3.88 68.09 -0.90
N GLY A 1781 3.83 66.77 -1.00
CA GLY A 1781 3.72 66.11 -2.28
C GLY A 1781 2.32 65.71 -2.67
N GLU A 1782 1.39 65.75 -1.71
CA GLU A 1782 -0.01 65.30 -1.78
C GLU A 1782 -0.21 63.97 -2.51
N ASP A 1783 0.74 63.06 -2.36
CA ASP A 1783 0.78 61.81 -3.11
C ASP A 1783 1.23 60.70 -2.15
N GLY A 1784 1.56 59.54 -2.71
CA GLY A 1784 2.13 58.47 -1.90
C GLY A 1784 1.54 57.10 -2.13
N LEU A 1785 2.40 56.10 -2.33
CA LEU A 1785 1.98 54.71 -2.48
C LEU A 1785 2.76 53.85 -1.51
N PHE A 1786 2.05 53.00 -0.76
CA PHE A 1786 2.66 52.18 0.27
C PHE A 1786 2.35 50.71 -0.03
N LEU A 1787 3.39 49.87 0.01
CA LEU A 1787 3.27 48.45 -0.33
C LEU A 1787 3.63 47.61 0.89
N GLY A 1788 2.71 46.73 1.29
CA GLY A 1788 2.93 45.81 2.38
C GLY A 1788 3.11 46.46 3.74
N GLU A 1789 2.18 47.34 4.12
CA GLU A 1789 2.35 48.10 5.36
C GLU A 1789 2.14 47.22 6.59
N GLY A 1790 1.07 46.44 6.61
CA GLY A 1790 0.82 45.60 7.79
C GLY A 1790 0.38 46.39 9.00
N SER A 1791 -0.88 46.82 8.99
CA SER A 1791 -1.63 47.66 9.94
C SER A 1791 -1.29 49.14 9.80
N GLY A 1792 -0.40 49.52 8.88
CA GLY A 1792 -0.27 50.89 8.42
C GLY A 1792 0.20 51.92 9.43
N SER A 1793 1.01 51.51 10.40
CA SER A 1793 1.51 52.46 11.40
C SER A 1793 2.52 53.42 10.78
N MET A 1794 3.41 52.89 9.94
CA MET A 1794 4.37 53.72 9.21
C MET A 1794 3.67 54.67 8.26
N LEU A 1795 2.51 54.27 7.72
CA LEU A 1795 1.73 55.17 6.87
C LEU A 1795 1.23 56.37 7.65
N ILE A 1796 0.75 56.15 8.88
CA ILE A 1796 0.29 57.25 9.73
C ILE A 1796 1.44 58.19 10.06
N THR A 1797 2.60 57.62 10.41
CA THR A 1797 3.76 58.44 10.74
C THR A 1797 4.26 59.25 9.55
N TYR A 1798 4.36 58.61 8.37
CA TYR A 1798 4.84 59.31 7.18
C TYR A 1798 3.83 60.33 6.67
N LYS A 1799 2.53 60.05 6.81
CA LYS A 1799 1.51 61.00 6.41
C LYS A 1799 1.51 62.23 7.30
N GLU A 1800 1.77 62.05 8.60
CA GLU A 1800 1.88 63.23 9.46
C GLU A 1800 3.15 64.02 9.19
N ILE A 1801 4.29 63.34 9.03
CA ILE A 1801 5.55 64.07 9.02
C ILE A 1801 5.87 64.66 7.64
N LEU A 1802 5.34 64.10 6.54
CA LEU A 1802 5.61 64.61 5.21
C LEU A 1802 4.44 65.37 4.61
N LYS A 1803 3.32 65.48 5.34
CA LYS A 1803 2.11 66.23 4.94
C LYS A 1803 1.53 65.74 3.61
N LEU A 1804 1.54 64.42 3.42
CA LEU A 1804 0.91 63.83 2.24
C LEU A 1804 -0.61 63.88 2.40
N SER A 1805 -1.31 64.28 1.34
CA SER A 1805 -2.76 64.40 1.40
C SER A 1805 -3.45 63.05 1.22
N LYS A 1806 -3.07 62.30 0.18
CA LYS A 1806 -3.70 61.03 -0.11
C LYS A 1806 -2.68 59.90 0.02
N CYS A 1807 -3.16 58.73 0.42
CA CYS A 1807 -2.31 57.58 0.66
C CYS A 1807 -2.96 56.33 0.10
N PHE A 1808 -2.16 55.50 -0.57
CA PHE A 1808 -2.59 54.20 -1.08
C PHE A 1808 -1.93 53.10 -0.26
N TYR A 1809 -2.62 51.97 -0.15
CA TYR A 1809 -2.21 50.88 0.74
C TYR A 1809 -2.49 49.55 0.06
N ASN A 1810 -1.46 48.73 -0.10
CA ASN A 1810 -1.58 47.48 -0.85
C ASN A 1810 -1.73 46.26 0.05
N SER A 1811 -0.74 45.98 0.90
CA SER A 1811 -0.62 44.79 1.74
C SER A 1811 -0.74 43.48 0.95
N GLY A 1812 -1.10 42.40 1.64
CA GLY A 1812 -1.33 41.11 1.04
C GLY A 1812 -2.55 40.45 1.64
N VAL A 1813 -3.37 39.82 0.81
CA VAL A 1813 -4.70 39.34 1.23
C VAL A 1813 -4.67 37.82 1.25
N SER A 1814 -5.04 37.24 2.38
CA SER A 1814 -5.15 35.79 2.53
C SER A 1814 -6.61 35.36 2.39
N ALA A 1815 -6.86 34.40 1.51
CA ALA A 1815 -8.21 33.91 1.26
C ALA A 1815 -8.66 32.96 2.36
N GLU A 1823 -14.75 39.73 5.36
CA GLU A 1823 -15.04 41.11 4.96
C GLU A 1823 -14.57 41.37 3.54
N LEU A 1824 -13.42 40.78 3.19
CA LEU A 1824 -12.74 40.88 1.90
C LEU A 1824 -12.29 42.29 1.55
N ALA A 1825 -12.29 43.21 2.52
CA ALA A 1825 -11.73 44.55 2.35
C ALA A 1825 -10.93 44.87 3.60
N PRO A 1826 -9.69 44.34 3.70
CA PRO A 1826 -8.95 44.45 4.97
C PRO A 1826 -8.44 45.86 5.26
N TYR A 1827 -9.11 46.54 6.17
CA TYR A 1827 -8.66 47.87 6.54
C TYR A 1827 -7.69 47.78 7.72
N PRO A 1828 -6.65 48.59 7.74
CA PRO A 1828 -5.65 48.50 8.82
C PRO A 1828 -6.23 48.86 10.18
N SER A 1829 -5.83 48.07 11.18
CA SER A 1829 -6.37 48.26 12.53
C SER A 1829 -5.83 49.52 13.18
N GLU A 1830 -4.51 49.77 13.04
CA GLU A 1830 -3.90 50.87 13.75
C GLU A 1830 -4.30 52.21 13.18
N VAL A 1831 -4.50 52.29 11.86
CA VAL A 1831 -4.99 53.52 11.24
C VAL A 1831 -6.41 53.81 11.70
N GLY A 1832 -7.22 52.77 11.86
CA GLY A 1832 -8.56 52.94 12.41
C GLY A 1832 -8.55 53.43 13.84
N LEU A 1833 -7.64 52.89 14.66
CA LEU A 1833 -7.53 53.36 16.05
C LEU A 1833 -7.02 54.80 16.12
N VAL A 1834 -6.11 55.17 15.21
CA VAL A 1834 -5.61 56.55 15.18
C VAL A 1834 -6.70 57.52 14.76
N GLU A 1835 -7.50 57.17 13.74
CA GLU A 1835 -8.58 58.07 13.35
C GLU A 1835 -9.74 58.06 14.36
N HIS A 1836 -9.89 57.00 15.16
CA HIS A 1836 -10.87 57.04 16.23
C HIS A 1836 -10.41 57.93 17.37
N ARG A 1837 -9.15 57.80 17.79
CA ARG A 1837 -8.66 58.54 18.94
C ARG A 1837 -8.37 60.00 18.62
N MET A 1838 -8.03 60.31 17.37
CA MET A 1838 -7.73 61.69 16.99
C MET A 1838 -9.00 62.52 16.88
N GLY A 1839 -10.06 61.96 16.31
CA GLY A 1839 -11.29 62.69 16.12
C GLY A 1839 -12.25 62.00 15.17
N VAL A 1840 -12.72 62.73 14.17
CA VAL A 1840 -13.59 62.18 13.13
C VAL A 1840 -12.76 62.02 11.87
N GLY A 1841 -12.40 60.77 11.56
CA GLY A 1841 -11.61 60.50 10.37
C GLY A 1841 -12.37 59.65 9.36
N ASN A 1842 -12.49 60.14 8.13
CA ASN A 1842 -13.20 59.44 7.08
C ASN A 1842 -12.19 58.83 6.13
N ILE A 1843 -12.27 57.50 5.97
CA ILE A 1843 -11.58 56.70 4.95
C ILE A 1843 -10.05 56.75 5.08
N VAL A 1844 -9.47 57.95 4.97
CA VAL A 1844 -8.03 58.27 5.09
C VAL A 1844 -7.22 57.62 3.97
N LYS A 1845 -7.19 56.30 3.91
CA LYS A 1845 -6.48 55.59 2.87
C LYS A 1845 -7.45 54.93 1.89
N VAL A 1846 -7.01 54.87 0.63
CA VAL A 1846 -7.90 54.51 -0.47
C VAL A 1846 -8.22 53.02 -0.47
N LEU A 1847 -7.20 52.17 -0.20
CA LEU A 1847 -7.25 50.71 -0.16
C LEU A 1847 -7.53 50.13 -1.55
N PHE A 1848 -7.49 48.81 -1.70
CA PHE A 1848 -7.65 48.17 -3.00
C PHE A 1848 -8.79 47.16 -2.96
N ASN A 1849 -8.86 46.30 -3.99
CA ASN A 1849 -10.02 45.44 -4.20
C ASN A 1849 -10.21 44.43 -3.07
N GLY A 1850 -9.12 43.85 -2.58
CA GLY A 1850 -9.21 42.82 -1.57
C GLY A 1850 -9.43 41.42 -2.09
N ARG A 1851 -9.51 41.25 -3.41
CA ARG A 1851 -9.55 39.91 -3.99
C ARG A 1851 -8.19 39.24 -3.83
N PRO A 1852 -8.14 37.90 -3.79
CA PRO A 1852 -6.85 37.22 -3.64
C PRO A 1852 -5.88 37.43 -4.80
N GLU A 1853 -6.37 37.53 -6.04
CA GLU A 1853 -5.48 37.82 -7.16
C GLU A 1853 -4.95 39.25 -7.09
N VAL A 1854 -5.79 40.19 -6.62
CA VAL A 1854 -5.33 41.52 -6.26
C VAL A 1854 -4.40 41.38 -5.05
N THR A 1855 -3.49 42.36 -4.90
CA THR A 1855 -2.31 42.33 -4.00
C THR A 1855 -1.46 41.13 -4.45
N TRP A 1856 -0.76 40.48 -3.50
CA TRP A 1856 0.20 39.40 -3.77
C TRP A 1856 1.30 39.91 -4.70
N VAL A 1857 2.09 40.86 -4.17
CA VAL A 1857 3.04 41.62 -4.98
C VAL A 1857 4.16 40.71 -5.50
N GLY A 1858 4.47 40.87 -6.78
CA GLY A 1858 5.32 39.94 -7.49
C GLY A 1858 4.61 39.10 -8.53
N SER A 1859 3.34 39.41 -8.82
CA SER A 1859 2.54 38.65 -9.77
C SER A 1859 2.03 39.58 -10.86
N VAL A 1860 1.45 38.97 -11.90
CA VAL A 1860 0.96 39.72 -13.04
C VAL A 1860 -0.27 40.55 -12.67
N ASP A 1861 -1.19 39.95 -11.89
CA ASP A 1861 -2.45 40.59 -11.55
C ASP A 1861 -2.23 41.81 -10.65
N CYS A 1862 -1.26 41.73 -9.73
CA CYS A 1862 -0.94 42.85 -8.86
C CYS A 1862 -0.43 44.04 -9.67
N PHE A 1863 0.50 43.79 -10.59
CA PHE A 1863 1.08 44.86 -11.39
C PHE A 1863 0.04 45.48 -12.30
N ASN A 1864 -0.81 44.66 -12.91
CA ASN A 1864 -1.88 45.19 -13.76
C ASN A 1864 -2.90 46.00 -12.97
N PHE A 1865 -3.24 45.55 -11.76
CA PHE A 1865 -4.26 46.26 -10.97
C PHE A 1865 -3.71 47.57 -10.41
N ILE A 1866 -2.44 47.59 -9.98
CA ILE A 1866 -1.86 48.81 -9.45
C ILE A 1866 -1.60 49.82 -10.57
N VAL A 1867 -1.14 49.35 -11.74
CA VAL A 1867 -0.92 50.24 -12.87
C VAL A 1867 -2.25 50.80 -13.39
N SER A 1868 -3.30 49.99 -13.39
CA SER A 1868 -4.62 50.43 -13.86
C SER A 1868 -5.28 51.46 -12.96
N ASN A 1869 -4.80 51.63 -11.72
CA ASN A 1869 -5.44 52.53 -10.77
C ASN A 1869 -4.68 53.84 -10.55
N ILE A 1870 -3.36 53.80 -10.47
CA ILE A 1870 -2.58 55.01 -10.16
C ILE A 1870 -2.51 55.90 -11.39
N PRO A 1871 -2.87 57.20 -11.27
CA PRO A 1871 -3.04 58.03 -12.47
C PRO A 1871 -1.78 58.44 -13.21
N THR A 1872 -1.12 57.47 -13.89
CA THR A 1872 -0.18 57.69 -15.00
C THR A 1872 0.96 58.66 -14.64
N SER A 1873 1.86 58.14 -13.78
CA SER A 1873 3.03 58.84 -13.25
C SER A 1873 2.65 60.05 -12.41
N SER A 1874 1.90 59.81 -11.34
CA SER A 1874 1.43 60.88 -10.46
C SER A 1874 2.04 60.87 -9.07
N VAL A 1875 2.31 59.70 -8.48
CA VAL A 1875 2.67 59.64 -7.08
C VAL A 1875 4.14 60.01 -6.89
N GLY A 1876 4.49 60.40 -5.66
CA GLY A 1876 5.80 60.95 -5.37
C GLY A 1876 6.60 60.25 -4.30
N PHE A 1877 5.94 59.45 -3.45
CA PHE A 1877 6.61 58.72 -2.38
C PHE A 1877 6.18 57.26 -2.42
N ILE A 1878 7.09 56.37 -2.79
CA ILE A 1878 6.80 54.95 -2.92
C ILE A 1878 7.58 54.20 -1.87
N HIS A 1879 6.92 53.30 -1.16
CA HIS A 1879 7.48 52.67 0.03
C HIS A 1879 7.10 51.19 0.05
N SER A 1880 8.06 50.33 0.35
CA SER A 1880 7.86 48.90 0.43
C SER A 1880 8.45 48.35 1.71
N ASP A 1881 7.66 47.57 2.44
CA ASP A 1881 8.05 47.02 3.74
C ASP A 1881 7.64 45.56 3.79
N ILE A 1882 7.96 44.81 2.74
CA ILE A 1882 7.55 43.41 2.64
C ILE A 1882 8.44 42.56 3.52
N GLU A 1883 7.81 41.72 4.34
CA GLU A 1883 8.57 40.82 5.21
C GLU A 1883 9.14 39.67 4.40
N THR A 1884 10.43 39.39 4.61
CA THR A 1884 11.13 38.32 3.91
C THR A 1884 11.33 37.15 4.88
N LEU A 1885 10.75 36.01 4.53
CA LEU A 1885 10.93 34.81 5.31
C LEU A 1885 12.35 34.27 5.16
N PRO A 1886 12.87 33.56 6.16
CA PRO A 1886 14.18 32.91 6.00
C PRO A 1886 14.22 31.85 4.90
N ASP A 1887 13.11 31.17 4.63
CA ASP A 1887 13.06 30.13 3.61
C ASP A 1887 12.52 30.64 2.28
N LYS A 1888 12.45 31.95 2.09
CA LYS A 1888 11.98 32.52 0.82
C LYS A 1888 13.02 32.30 -0.27
N ASP A 1889 12.55 31.92 -1.45
CA ASP A 1889 13.44 31.72 -2.59
C ASP A 1889 13.94 33.07 -3.11
N THR A 1890 15.19 33.10 -3.56
CA THR A 1890 15.81 34.36 -3.99
C THR A 1890 15.22 34.85 -5.31
N ILE A 1891 14.80 33.93 -6.18
CA ILE A 1891 14.21 34.32 -7.46
C ILE A 1891 12.85 34.99 -7.24
N GLU A 1892 12.07 34.48 -6.28
CA GLU A 1892 10.77 35.08 -5.95
C GLU A 1892 10.94 36.49 -5.38
N LYS A 1893 11.93 36.67 -4.51
CA LYS A 1893 12.22 37.98 -3.94
C LYS A 1893 12.72 38.93 -5.02
N LEU A 1894 13.49 38.42 -5.99
CA LEU A 1894 13.95 39.25 -7.08
C LEU A 1894 12.80 39.67 -8.01
N GLU A 1895 11.82 38.77 -8.22
CA GLU A 1895 10.63 39.14 -8.97
C GLU A 1895 9.82 40.20 -8.25
N GLU A 1896 9.74 40.10 -6.92
CA GLU A 1896 9.04 41.12 -6.13
C GLU A 1896 9.73 42.48 -6.24
N LEU A 1897 11.05 42.50 -6.11
CA LEU A 1897 11.80 43.76 -6.22
C LEU A 1897 11.76 44.33 -7.63
N ALA A 1898 11.74 43.47 -8.65
CA ALA A 1898 11.60 43.94 -10.03
C ALA A 1898 10.20 44.53 -10.26
N ALA A 1899 9.17 43.95 -9.65
CA ALA A 1899 7.83 44.52 -9.75
C ALA A 1899 7.74 45.88 -9.08
N ILE A 1900 8.36 46.03 -7.90
CA ILE A 1900 8.39 47.31 -7.20
C ILE A 1900 9.14 48.36 -8.02
N LEU A 1901 10.26 47.96 -8.65
CA LEU A 1901 11.01 48.89 -9.49
C LEU A 1901 10.24 49.29 -10.75
N SER A 1902 9.52 48.35 -11.37
CA SER A 1902 8.73 48.67 -12.56
C SER A 1902 7.57 49.61 -12.22
N MET A 1903 6.92 49.40 -11.07
CA MET A 1903 5.90 50.33 -10.61
C MET A 1903 6.50 51.70 -10.29
N ALA A 1904 7.71 51.72 -9.72
CA ALA A 1904 8.36 52.98 -9.37
C ALA A 1904 8.73 53.79 -10.61
N LEU A 1905 9.18 53.12 -11.67
CA LEU A 1905 9.50 53.85 -12.89
C LEU A 1905 8.25 54.26 -13.66
N LEU A 1906 7.23 53.40 -13.72
CA LEU A 1906 6.06 53.75 -14.51
C LEU A 1906 5.17 54.79 -13.83
N LEU A 1907 4.91 54.62 -12.53
CA LEU A 1907 3.97 55.49 -11.84
C LEU A 1907 4.64 56.61 -11.05
N GLY A 1908 5.97 56.69 -11.07
CA GLY A 1908 6.70 57.71 -10.32
C GLY A 1908 7.09 58.88 -11.21
N LYS A 1909 7.05 60.07 -10.63
CA LYS A 1909 7.39 61.28 -11.37
C LYS A 1909 8.89 61.54 -11.23
N ILE A 1910 9.32 62.75 -11.63
CA ILE A 1910 10.74 63.09 -11.61
C ILE A 1910 11.26 63.25 -10.18
N GLY A 1911 10.46 63.86 -9.31
CA GLY A 1911 10.88 64.06 -7.93
C GLY A 1911 10.53 62.91 -7.00
N SER A 1912 10.35 61.72 -7.56
CA SER A 1912 9.89 60.59 -6.78
C SER A 1912 10.99 60.05 -5.87
N ILE A 1913 10.59 59.65 -4.66
CA ILE A 1913 11.49 59.05 -3.68
C ILE A 1913 10.97 57.67 -3.34
N LEU A 1914 11.84 56.67 -3.42
CA LEU A 1914 11.47 55.27 -3.21
C LEU A 1914 12.28 54.68 -2.07
N VAL A 1915 11.59 54.05 -1.13
CA VAL A 1915 12.21 53.40 0.03
C VAL A 1915 11.82 51.93 0.01
N ILE A 1916 12.81 51.05 0.08
CA ILE A 1916 12.58 49.61 0.03
C ILE A 1916 13.26 48.97 1.24
N LYS A 1917 12.50 48.16 1.99
CA LYS A 1917 13.09 47.41 3.09
C LYS A 1917 13.81 46.19 2.55
N LEU A 1918 15.11 46.10 2.78
CA LEU A 1918 15.94 45.01 2.28
C LEU A 1918 16.55 44.25 3.45
N MET A 1919 16.47 42.92 3.40
CA MET A 1919 17.12 42.04 4.37
C MET A 1919 18.02 41.09 3.59
N PRO A 1920 19.28 41.44 3.37
CA PRO A 1920 20.16 40.58 2.58
C PRO A 1920 20.57 39.31 3.31
N PHE A 1921 20.83 38.28 2.53
CA PHE A 1921 21.46 37.05 3.00
C PHE A 1921 22.57 36.67 2.05
N SER A 1922 23.43 35.74 2.49
CA SER A 1922 24.50 35.25 1.65
C SER A 1922 23.94 34.36 0.56
N GLY A 1923 24.31 34.64 -0.69
CA GLY A 1923 23.75 33.93 -1.82
C GLY A 1923 22.45 34.51 -2.36
N ASP A 1924 22.03 35.67 -1.88
CA ASP A 1924 20.84 36.31 -2.41
C ASP A 1924 21.19 37.17 -3.63
N PHE A 1925 20.15 37.70 -4.28
CA PHE A 1925 20.30 38.55 -5.45
C PHE A 1925 20.15 40.03 -5.11
N VAL A 1926 20.38 40.40 -3.85
CA VAL A 1926 20.11 41.76 -3.40
C VAL A 1926 21.11 42.75 -3.99
N GLN A 1927 22.40 42.40 -3.97
CA GLN A 1927 23.46 43.32 -4.39
C GLN A 1927 23.41 43.62 -5.88
N GLY A 1928 23.02 42.65 -6.70
CA GLY A 1928 22.81 42.91 -8.11
C GLY A 1928 21.66 43.86 -8.37
N PHE A 1929 20.58 43.73 -7.59
CA PHE A 1929 19.46 44.67 -7.69
C PHE A 1929 19.87 46.07 -7.28
N ILE A 1930 20.69 46.19 -6.23
CA ILE A 1930 21.12 47.51 -5.77
C ILE A 1930 22.03 48.17 -6.80
N SER A 1931 22.96 47.40 -7.37
CA SER A 1931 23.83 47.95 -8.43
C SER A 1931 23.05 48.26 -9.70
N TYR A 1932 21.93 47.55 -9.94
CA TYR A 1932 21.09 47.89 -11.08
C TYR A 1932 20.28 49.16 -10.83
N VAL A 1933 19.74 49.32 -9.62
CA VAL A 1933 18.84 50.44 -9.34
C VAL A 1933 19.62 51.72 -9.07
N GLY A 1934 20.94 51.62 -8.88
CA GLY A 1934 21.75 52.82 -8.75
C GLY A 1934 21.85 53.68 -10.01
N SER A 1935 21.35 53.21 -11.16
CA SER A 1935 21.48 53.95 -12.41
C SER A 1935 20.38 54.99 -12.59
N HIS A 1936 19.11 54.59 -12.44
CA HIS A 1936 18.00 55.48 -12.73
C HIS A 1936 17.86 56.59 -11.69
N TYR A 1937 18.17 56.31 -10.44
CA TYR A 1937 18.07 57.29 -9.37
C TYR A 1937 19.44 57.91 -9.14
N ARG A 1938 19.47 59.24 -9.02
CA ARG A 1938 20.75 59.95 -8.97
C ARG A 1938 21.48 59.72 -7.67
N GLU A 1939 20.77 59.70 -6.55
CA GLU A 1939 21.38 59.51 -5.22
C GLU A 1939 20.73 58.31 -4.55
N VAL A 1940 21.52 57.25 -4.36
CA VAL A 1940 21.07 56.02 -3.73
C VAL A 1940 21.86 55.83 -2.44
N ASN A 1941 21.15 55.64 -1.33
CA ASN A 1941 21.78 55.46 -0.03
C ASN A 1941 21.17 54.24 0.66
N LEU A 1942 21.96 53.63 1.55
CA LEU A 1942 21.48 52.51 2.35
C LEU A 1942 21.51 52.93 3.82
N VAL A 1943 20.37 52.77 4.50
CA VAL A 1943 20.13 53.40 5.80
C VAL A 1943 19.93 52.30 6.84
N TYR A 1944 20.68 52.37 7.93
CA TYR A 1944 20.54 51.41 9.03
C TYR A 1944 19.82 52.10 10.19
N PRO A 1945 18.55 51.78 10.45
CA PRO A 1945 17.83 52.46 11.54
C PRO A 1945 18.37 52.07 12.90
N ARG A 1946 18.32 53.04 13.82
CA ARG A 1946 18.92 52.83 15.13
C ARG A 1946 18.07 51.95 16.04
N TYR A 1947 16.75 51.95 15.85
CA TYR A 1947 15.85 51.20 16.71
C TYR A 1947 15.61 49.78 16.23
N SER A 1948 16.25 49.36 15.14
CA SER A 1948 16.13 48.00 14.67
C SER A 1948 16.96 47.05 15.54
N ASN A 1949 16.66 45.77 15.43
CA ASN A 1949 17.41 44.75 16.13
C ASN A 1949 18.76 44.55 15.45
N PHE A 1950 19.84 44.60 16.22
CA PHE A 1950 21.18 44.55 15.64
C PHE A 1950 21.58 43.15 15.19
N ILE A 1951 20.91 42.11 15.67
CA ILE A 1951 21.22 40.76 15.20
C ILE A 1951 20.68 40.54 13.80
N SER A 1952 19.63 41.26 13.43
CA SER A 1952 19.02 41.11 12.11
C SER A 1952 19.69 42.03 11.10
N THR A 1953 19.83 41.54 9.88
CA THR A 1953 20.47 42.31 8.81
C THR A 1953 19.43 43.01 7.94
N GLU A 1954 18.66 43.91 8.56
CA GLU A 1954 17.65 44.68 7.83
C GLU A 1954 18.12 46.12 7.68
N SER A 1955 17.85 46.68 6.51
CA SER A 1955 18.21 48.06 6.20
C SER A 1955 17.15 48.60 5.27
N TYR A 1956 17.22 49.91 5.01
CA TYR A 1956 16.27 50.57 4.12
C TYR A 1956 17.04 51.25 2.99
N LEU A 1957 16.73 50.88 1.76
CA LEU A 1957 17.36 51.48 0.59
C LEU A 1957 16.53 52.69 0.18
N VAL A 1958 17.15 53.86 0.16
CA VAL A 1958 16.49 55.13 -0.14
C VAL A 1958 17.03 55.66 -1.46
N MET A 1959 16.13 55.95 -2.39
CA MET A 1959 16.48 56.38 -3.73
C MET A 1959 15.74 57.68 -4.04
N THR A 1960 16.47 58.68 -4.52
CA THR A 1960 15.99 60.05 -4.60
C THR A 1960 16.31 60.60 -5.99
N ASP A 1961 15.40 61.45 -6.50
CA ASP A 1961 15.57 62.22 -7.74
C ASP A 1961 15.73 61.30 -8.96
N LEU A 1962 14.64 60.60 -9.26
CA LEU A 1962 14.55 59.79 -10.47
C LEU A 1962 14.71 60.65 -11.72
N LYS A 1963 15.50 60.18 -12.68
CA LYS A 1963 15.83 61.01 -13.83
C LYS A 1963 14.84 60.88 -14.99
N ALA A 1964 14.20 59.73 -15.16
CA ALA A 1964 13.33 59.52 -16.31
C ALA A 1964 12.31 58.44 -16.00
N ASN A 1965 11.20 58.48 -16.73
CA ASN A 1965 10.12 57.51 -16.62
C ASN A 1965 10.06 56.68 -17.89
N ARG A 1966 10.18 55.36 -17.75
CA ARG A 1966 10.09 54.43 -18.86
C ARG A 1966 9.19 53.26 -18.46
N LEU A 1967 8.74 52.53 -19.48
CA LEU A 1967 7.89 51.35 -19.28
C LEU A 1967 8.65 50.12 -19.74
N MET A 1968 9.03 49.26 -18.79
CA MET A 1968 9.63 47.98 -19.12
C MET A 1968 9.11 46.92 -18.17
N ASN A 1969 9.00 45.70 -18.67
CA ASN A 1969 8.44 44.60 -17.91
C ASN A 1969 9.40 44.14 -16.82
N PRO A 1970 8.88 43.60 -15.71
CA PRO A 1970 9.76 43.09 -14.64
C PRO A 1970 10.61 41.90 -15.07
N GLU A 1971 10.18 41.12 -16.07
CA GLU A 1971 10.93 39.95 -16.49
C GLU A 1971 12.25 40.33 -17.15
N LYS A 1972 12.24 41.39 -17.96
CA LYS A 1972 13.48 41.88 -18.59
C LYS A 1972 14.46 42.39 -17.54
N ILE A 1973 13.94 43.06 -16.50
CA ILE A 1973 14.75 43.50 -15.38
C ILE A 1973 15.37 42.30 -14.67
N LYS A 1974 14.59 41.24 -14.47
CA LYS A 1974 15.10 40.04 -13.80
C LYS A 1974 16.20 39.37 -14.63
N GLN A 1975 16.02 39.30 -15.95
CA GLN A 1975 17.07 38.73 -16.79
C GLN A 1975 18.34 39.58 -16.78
N GLN A 1976 18.20 40.91 -16.72
CA GLN A 1976 19.38 41.76 -16.61
C GLN A 1976 20.11 41.57 -15.28
N ILE A 1977 19.37 41.40 -14.18
CA ILE A 1977 20.03 41.16 -12.90
C ILE A 1977 20.69 39.78 -12.86
N ILE A 1978 20.08 38.77 -13.47
CA ILE A 1978 20.72 37.45 -13.54
C ILE A 1978 21.97 37.48 -14.42
N GLU A 1979 21.93 38.20 -15.54
CA GLU A 1979 23.12 38.35 -16.36
C GLU A 1979 24.17 39.27 -15.72
N SER A 1980 23.78 40.08 -14.72
CA SER A 1980 24.77 40.86 -13.98
C SER A 1980 25.66 39.96 -13.12
N SER A 1981 25.08 38.88 -12.59
CA SER A 1981 25.80 37.80 -11.88
C SER A 1981 26.54 38.30 -10.64
N VAL A 1982 25.88 39.17 -9.87
CA VAL A 1982 26.38 39.60 -8.56
C VAL A 1982 25.47 38.98 -7.51
N ARG A 1983 26.05 38.16 -6.63
CA ARG A 1983 25.26 37.41 -5.66
C ARG A 1983 25.72 37.67 -4.23
N THR A 1984 25.90 38.95 -3.88
CA THR A 1984 26.29 39.45 -2.55
C THR A 1984 27.62 38.91 -2.05
N SER A 1985 27.98 39.27 -0.83
CA SER A 1985 29.21 38.85 -0.20
C SER A 1985 28.99 38.67 1.29
N PRO A 1986 29.78 37.81 1.94
CA PRO A 1986 29.79 37.80 3.41
C PRO A 1986 30.28 39.12 4.02
N GLY A 1987 31.13 39.85 3.29
CA GLY A 1987 31.61 41.13 3.78
C GLY A 1987 30.52 42.18 3.91
N LEU A 1988 29.55 42.16 3.00
CA LEU A 1988 28.43 43.11 3.11
C LEU A 1988 27.57 42.80 4.33
N ILE A 1989 27.31 41.52 4.59
CA ILE A 1989 26.55 41.12 5.78
C ILE A 1989 27.29 41.49 7.05
N GLY A 1990 28.61 41.27 7.07
CA GLY A 1990 29.41 41.64 8.22
C GLY A 1990 29.47 43.15 8.43
N HIS A 1991 29.48 43.91 7.33
CA HIS A 1991 29.53 45.36 7.41
C HIS A 1991 28.21 45.93 7.93
N ILE A 1992 27.09 45.35 7.48
CA ILE A 1992 25.77 45.74 8.00
C ILE A 1992 25.65 45.42 9.48
N LEU A 1993 26.11 44.21 9.87
CA LEU A 1993 26.05 43.80 11.26
C LEU A 1993 26.96 44.67 12.15
N SER A 1994 28.12 45.07 11.62
CA SER A 1994 29.04 45.90 12.38
C SER A 1994 28.49 47.31 12.60
N ILE A 1995 27.90 47.90 11.56
CA ILE A 1995 27.32 49.24 11.74
C ILE A 1995 26.10 49.20 12.65
N LYS A 1996 25.25 48.18 12.50
CA LYS A 1996 24.07 48.09 13.35
C LYS A 1996 24.42 47.74 14.79
N GLN A 1997 25.55 47.07 15.02
CA GLN A 1997 26.01 46.83 16.39
C GLN A 1997 26.62 48.09 16.99
N LEU A 1998 27.35 48.86 16.19
CA LEU A 1998 28.01 50.05 16.71
C LEU A 1998 27.01 51.18 16.98
N SER A 1999 25.97 51.29 16.16
CA SER A 1999 25.08 52.45 16.21
C SER A 1999 23.63 52.06 16.52
N CYS A 2000 23.43 50.99 17.28
CA CYS A 2000 22.08 50.67 17.75
C CYS A 2000 21.64 51.65 18.83
N ILE A 2001 20.35 51.64 19.13
CA ILE A 2001 19.85 52.50 20.20
C ILE A 2001 20.26 51.95 21.56
N GLN A 2002 20.56 50.64 21.65
CA GLN A 2002 21.11 50.10 22.88
C GLN A 2002 22.55 50.55 23.08
N ALA A 2003 23.31 50.69 22.00
CA ALA A 2003 24.72 51.07 22.09
C ALA A 2003 24.92 52.55 22.38
N ILE A 2004 23.89 53.38 22.18
CA ILE A 2004 24.08 54.82 22.35
C ILE A 2004 23.60 55.33 23.71
N VAL A 2005 22.64 54.66 24.36
CA VAL A 2005 22.15 55.11 25.67
C VAL A 2005 22.18 53.97 26.67
N GLY A 2006 22.87 52.89 26.33
CA GLY A 2006 23.15 51.85 27.30
C GLY A 2006 22.15 50.71 27.26
N ASP A 2007 22.59 49.56 27.79
CA ASP A 2007 21.74 48.39 27.86
C ASP A 2007 20.69 48.53 28.96
N ALA A 2008 19.46 48.11 28.66
CA ALA A 2008 18.34 48.35 29.55
C ALA A 2008 18.34 47.44 30.78
N VAL A 2009 18.82 46.20 30.65
CA VAL A 2009 18.72 45.26 31.76
C VAL A 2009 19.73 45.58 32.86
N SER A 2010 20.97 45.97 32.47
CA SER A 2010 22.11 46.27 33.35
C SER A 2010 22.34 45.22 34.42
N ARG A 2011 22.67 45.65 35.64
CA ARG A 2011 22.75 44.75 36.79
C ARG A 2011 21.47 44.83 37.62
N GLY A 2012 20.36 44.44 37.00
CA GLY A 2012 19.07 44.48 37.67
C GLY A 2012 18.49 45.86 37.82
N ASP A 2013 18.95 46.83 37.02
CA ASP A 2013 18.47 48.20 37.10
C ASP A 2013 18.05 48.69 35.72
N ILE A 2014 17.02 49.52 35.69
CA ILE A 2014 16.52 50.10 34.46
C ILE A 2014 17.28 51.41 34.23
N ASN A 2015 17.60 51.71 32.97
CA ASN A 2015 18.26 52.96 32.62
C ASN A 2015 17.36 54.15 32.98
N PRO A 2016 17.94 55.26 33.45
CA PRO A 2016 17.13 56.47 33.68
C PRO A 2016 16.54 57.07 32.42
N THR A 2017 17.08 56.76 31.24
CA THR A 2017 16.54 57.29 29.99
C THR A 2017 15.18 56.70 29.67
N LEU A 2018 14.92 55.47 30.10
CA LEU A 2018 13.62 54.84 29.85
C LEU A 2018 12.60 55.19 30.92
N LYS A 2019 12.99 55.88 32.00
CA LYS A 2019 12.06 56.21 33.06
C LYS A 2019 11.07 57.27 32.62
N LYS A 2020 11.56 58.33 32.00
CA LYS A 2020 10.74 59.38 31.42
C LYS A 2020 10.72 59.17 29.90
N LEU A 2021 9.68 59.71 29.25
CA LEU A 2021 9.50 59.50 27.81
C LEU A 2021 10.61 60.17 27.01
N THR A 2022 11.23 59.40 26.12
CA THR A 2022 12.27 59.90 25.24
C THR A 2022 11.66 60.87 24.23
N PRO A 2023 12.45 61.84 23.72
CA PRO A 2023 11.87 62.84 22.79
C PRO A 2023 11.40 62.27 21.46
N ILE A 2024 11.94 61.14 21.00
CA ILE A 2024 11.40 60.49 19.81
C ILE A 2024 9.99 59.98 20.08
N GLU A 2025 9.73 59.52 21.31
CA GLU A 2025 8.39 59.12 21.71
C GLU A 2025 7.48 60.34 21.84
N GLN A 2026 8.03 61.50 22.18
CA GLN A 2026 7.22 62.72 22.25
C GLN A 2026 6.86 63.22 20.85
N VAL A 2027 7.77 63.03 19.88
CA VAL A 2027 7.44 63.32 18.49
C VAL A 2027 6.36 62.36 17.98
N LEU A 2028 6.46 61.08 18.36
CA LEU A 2028 5.48 60.09 17.94
C LEU A 2028 4.11 60.33 18.55
N ILE A 2029 4.04 60.67 19.85
CA ILE A 2029 2.77 60.70 20.56
C ILE A 2029 1.89 61.86 20.13
N ASN A 2030 2.48 62.92 19.59
CA ASN A 2030 1.69 64.02 19.01
C ASN A 2030 1.05 63.53 17.72
N CYS A 2031 -0.28 63.38 17.75
CA CYS A 2031 -1.11 62.97 16.61
C CYS A 2031 -0.69 61.61 16.03
N GLY A 2032 -0.16 60.72 16.87
CA GLY A 2032 0.24 59.42 16.39
C GLY A 2032 0.25 58.31 17.42
N LEU A 2033 -0.52 57.26 17.14
CA LEU A 2033 -0.56 55.96 17.85
C LEU A 2033 -0.91 56.20 19.33
N ALA A 2034 -0.37 55.41 20.25
CA ALA A 2034 -0.57 55.49 21.70
C ALA A 2034 0.39 54.52 22.37
N ILE A 2035 0.50 54.66 23.70
CA ILE A 2035 1.37 53.78 24.47
C ILE A 2035 0.78 52.39 24.54
N ASN A 2036 1.57 51.38 24.18
CA ASN A 2036 1.11 50.01 24.14
C ASN A 2036 1.35 49.25 25.45
N GLY A 2037 1.81 49.94 26.49
CA GLY A 2037 1.93 49.36 27.81
C GLY A 2037 0.60 48.88 28.39
N PRO A 2038 -0.42 49.75 28.38
CA PRO A 2038 -1.79 49.24 28.55
C PRO A 2038 -2.21 48.37 27.38
N LYS A 2039 -3.10 47.42 27.68
CA LYS A 2039 -3.62 46.27 26.94
C LYS A 2039 -2.58 45.15 26.85
N LEU A 2040 -1.31 45.46 27.10
CA LEU A 2040 -0.29 44.42 27.15
C LEU A 2040 -0.38 43.67 28.45
N CYS A 2041 -0.68 44.38 29.54
CA CYS A 2041 -0.97 43.73 30.82
C CYS A 2041 -2.24 42.89 30.72
N LYS A 2042 -3.23 43.37 29.96
CA LYS A 2042 -4.46 42.61 29.78
C LYS A 2042 -4.23 41.30 29.03
N GLU A 2043 -3.41 41.33 27.98
CA GLU A 2043 -3.12 40.10 27.26
C GLU A 2043 -2.18 39.18 28.04
N LEU A 2044 -1.22 39.75 28.77
CA LEU A 2044 -0.19 38.91 29.38
C LEU A 2044 -0.55 38.47 30.80
N ILE A 2045 -0.75 39.42 31.72
CA ILE A 2045 -0.90 39.10 33.13
C ILE A 2045 -2.32 39.32 33.62
N HIS A 2046 -3.25 39.65 32.72
CA HIS A 2046 -4.67 39.91 33.01
C HIS A 2046 -4.86 40.99 34.08
N HIS A 2047 -4.24 42.14 33.84
CA HIS A 2047 -4.27 43.25 34.79
C HIS A 2047 -5.10 44.39 34.20
N ASP A 2048 -5.92 45.02 35.05
CA ASP A 2048 -6.79 46.09 34.63
C ASP A 2048 -6.00 47.35 34.30
N VAL A 2049 -6.60 48.21 33.47
CA VAL A 2049 -5.96 49.45 33.02
C VAL A 2049 -5.84 50.45 34.17
N ALA A 2050 -6.78 50.41 35.13
CA ALA A 2050 -6.81 51.38 36.23
C ALA A 2050 -5.58 51.28 37.12
N SER A 2051 -5.15 50.06 37.41
CA SER A 2051 -3.80 49.75 37.93
C SER A 2051 -3.53 50.38 39.30
N GLY A 2052 -4.52 50.33 40.18
CA GLY A 2052 -4.34 50.81 41.54
C GLY A 2052 -4.09 49.68 42.51
N GLN A 2053 -3.36 48.66 42.04
CA GLN A 2053 -3.05 47.40 42.71
C GLN A 2053 -4.29 46.58 43.07
N ASP A 2054 -5.45 46.89 42.50
CA ASP A 2054 -6.57 45.96 42.53
C ASP A 2054 -6.28 44.76 41.62
N GLY A 2055 -5.73 45.02 40.45
CA GLY A 2055 -5.05 43.97 39.71
C GLY A 2055 -3.82 43.50 40.48
N LEU A 2056 -3.52 42.21 40.32
CA LEU A 2056 -2.61 41.42 41.17
C LEU A 2056 -3.13 41.50 42.60
N LEU A 2057 -2.21 41.38 43.57
CA LEU A 2057 -2.47 41.42 45.01
C LEU A 2057 -3.52 40.38 45.40
N ASN A 2058 -4.70 40.87 45.81
CA ASN A 2058 -5.77 40.00 46.30
C ASN A 2058 -6.27 39.04 45.23
N SER A 2059 -6.26 39.49 43.97
CA SER A 2059 -6.63 38.62 42.85
C SER A 2059 -5.71 37.42 42.75
N ILE A 2060 -4.40 37.63 42.98
CA ILE A 2060 -3.45 36.52 43.07
C ILE A 2060 -3.86 35.59 44.20
N LEU A 2061 -4.25 36.18 45.33
CA LEU A 2061 -4.74 35.43 46.49
C LEU A 2061 -5.97 34.61 46.14
N ILE A 2062 -6.80 35.12 45.21
CA ILE A 2062 -8.02 34.42 44.80
C ILE A 2062 -7.69 33.07 44.19
N LEU A 2063 -6.61 33.03 43.39
CA LEU A 2063 -6.18 31.76 42.81
C LEU A 2063 -5.73 30.80 43.90
N TYR A 2064 -5.05 31.32 44.93
CA TYR A 2064 -4.68 30.50 46.08
C TYR A 2064 -5.91 29.99 46.82
N ARG A 2065 -6.97 30.80 46.90
CA ARG A 2065 -8.22 30.35 47.52
C ARG A 2065 -8.82 29.20 46.72
N GLU A 2066 -8.70 29.25 45.39
CA GLU A 2066 -9.11 28.11 44.58
C GLU A 2066 -8.22 26.90 44.90
N LEU A 2067 -6.92 27.13 45.01
CA LEU A 2067 -5.98 26.10 45.43
C LEU A 2067 -6.15 25.76 46.90
N ALA A 2068 -6.92 26.55 47.65
CA ALA A 2068 -7.29 26.14 48.99
C ALA A 2068 -8.27 24.98 48.97
N ARG A 2069 -9.27 25.02 48.08
CA ARG A 2069 -10.30 23.99 48.09
C ARG A 2069 -10.18 23.04 46.92
N PHE A 2070 -9.14 23.18 46.11
CA PHE A 2070 -8.90 22.29 44.97
C PHE A 2070 -8.61 20.85 45.40
N LYS A 2071 -8.10 20.65 46.62
CA LYS A 2071 -7.81 19.29 47.08
C LYS A 2071 -9.09 18.52 47.38
N ASP A 2072 -10.07 19.18 48.00
CA ASP A 2072 -11.37 18.61 48.38
C ASP A 2072 -11.22 17.37 49.26
N ASN A 2073 -10.28 17.42 50.20
CA ASN A 2073 -10.03 16.29 51.09
C ASN A 2073 -10.56 16.56 52.49
N PHE A 2081 -13.45 5.11 40.63
CA PHE A 2081 -14.35 5.25 39.50
C PHE A 2081 -14.55 6.71 39.13
N HIS A 2082 -13.53 7.52 39.42
CA HIS A 2082 -13.58 8.96 39.14
C HIS A 2082 -12.37 9.35 38.30
N ALA A 2083 -12.37 10.61 37.87
CA ALA A 2083 -11.28 11.18 37.09
C ALA A 2083 -10.23 11.86 37.95
N TYR A 2084 -10.07 11.42 39.20
CA TYR A 2084 -9.15 12.08 40.12
C TYR A 2084 -7.65 12.03 39.76
N PRO A 2085 -7.03 10.93 39.29
CA PRO A 2085 -5.56 10.97 39.17
C PRO A 2085 -5.05 11.82 38.02
N VAL A 2086 -5.77 11.88 36.91
CA VAL A 2086 -5.29 12.56 35.72
C VAL A 2086 -5.64 14.04 35.76
N LEU A 2087 -6.95 14.33 35.72
CA LEU A 2087 -7.45 15.67 35.39
C LEU A 2087 -7.04 16.70 36.43
N VAL A 2088 -7.00 16.29 37.70
CA VAL A 2088 -6.58 17.14 38.82
C VAL A 2088 -5.19 17.71 38.56
N SER A 2089 -4.25 16.86 38.14
CA SER A 2089 -2.91 17.33 37.81
C SER A 2089 -2.96 18.30 36.64
N SER A 2090 -3.75 17.97 35.62
CA SER A 2090 -3.90 18.83 34.46
C SER A 2090 -4.61 20.14 34.78
N ARG A 2091 -5.32 20.22 35.90
CA ARG A 2091 -5.86 21.52 36.27
C ARG A 2091 -4.86 22.28 37.14
N GLN A 2092 -4.13 21.55 38.00
CA GLN A 2092 -3.34 22.18 39.05
C GLN A 2092 -2.21 23.02 38.47
N ARG A 2093 -1.46 22.43 37.52
CA ARG A 2093 -0.42 23.12 36.75
C ARG A 2093 -0.93 24.41 36.14
N GLU A 2094 -2.15 24.36 35.57
CA GLU A 2094 -2.74 25.52 34.91
C GLU A 2094 -2.90 26.67 35.88
N LEU A 2095 -3.41 26.38 37.09
CA LEU A 2095 -3.59 27.42 38.09
C LEU A 2095 -2.24 28.00 38.50
N ILE A 2096 -1.25 27.12 38.67
CA ILE A 2096 0.09 27.54 39.08
C ILE A 2096 0.70 28.42 38.00
N SER A 2097 0.40 28.09 36.72
CA SER A 2097 0.91 28.86 35.60
C SER A 2097 0.43 30.31 35.67
N ARG A 2098 -0.87 30.49 35.96
CA ARG A 2098 -1.43 31.83 36.10
C ARG A 2098 -0.72 32.59 37.22
N ILE A 2099 -0.54 31.91 38.37
CA ILE A 2099 0.07 32.53 39.53
C ILE A 2099 1.49 32.93 39.22
N THR A 2100 2.19 32.07 38.44
CA THR A 2100 3.59 32.33 38.09
C THR A 2100 3.71 33.63 37.33
N ARG A 2101 2.84 33.82 36.32
CA ARG A 2101 2.90 35.02 35.51
C ARG A 2101 2.57 36.24 36.35
N LYS A 2102 1.54 36.11 37.19
CA LYS A 2102 1.11 37.24 38.00
C LYS A 2102 2.14 37.58 39.04
N PHE A 2103 2.86 36.56 39.54
CA PHE A 2103 3.87 36.83 40.56
C PHE A 2103 5.01 37.63 39.97
N TRP A 2104 5.40 37.31 38.72
CA TRP A 2104 6.48 38.06 38.11
C TRP A 2104 6.02 39.47 37.77
N GLY A 2105 4.72 39.62 37.50
CA GLY A 2105 4.15 40.94 37.33
C GLY A 2105 4.31 41.78 38.58
N HIS A 2106 4.07 41.17 39.74
CA HIS A 2106 4.21 41.92 40.99
C HIS A 2106 5.66 42.27 41.28
N ILE A 2107 6.61 41.53 40.71
CA ILE A 2107 8.00 41.92 40.87
C ILE A 2107 8.36 43.02 39.88
N LEU A 2108 7.78 42.97 38.67
CA LEU A 2108 8.19 43.93 37.65
C LEU A 2108 7.46 45.25 37.79
N LEU A 2109 6.16 45.20 38.09
CA LEU A 2109 5.33 46.38 37.97
C LEU A 2109 5.37 47.27 39.20
N TYR A 2110 5.44 46.68 40.42
CA TYR A 2110 5.30 47.49 41.62
C TYR A 2110 6.37 47.30 42.68
N SER A 2111 6.94 46.11 42.83
CA SER A 2111 7.82 45.84 43.96
C SER A 2111 9.24 46.31 43.66
N GLY A 2112 10.12 46.12 44.65
CA GLY A 2112 11.49 46.58 44.53
C GLY A 2112 12.30 45.71 43.57
N ASN A 2113 13.36 46.32 43.02
CA ASN A 2113 14.14 45.70 41.96
C ASN A 2113 15.37 44.95 42.45
N ARG A 2114 15.69 44.99 43.74
CA ARG A 2114 16.92 44.40 44.23
C ARG A 2114 16.80 42.88 44.31
N LYS A 2115 17.77 42.19 43.70
CA LYS A 2115 17.99 40.75 43.77
C LYS A 2115 16.87 39.91 43.17
N LEU A 2116 15.92 40.52 42.49
CA LEU A 2116 14.81 39.78 41.89
C LEU A 2116 14.64 40.08 40.41
N ILE A 2117 14.83 41.33 40.00
CA ILE A 2117 14.75 41.68 38.58
C ILE A 2117 15.90 41.06 37.81
N ASN A 2118 17.10 41.04 38.42
CA ASN A 2118 18.25 40.40 37.80
C ASN A 2118 18.05 38.89 37.66
N LYS A 2119 17.46 38.26 38.68
CA LYS A 2119 17.15 36.84 38.60
C LYS A 2119 16.09 36.56 37.55
N PHE A 2120 15.10 37.45 37.42
CA PHE A 2120 14.06 37.30 36.41
C PHE A 2120 14.64 37.42 35.00
N ILE A 2121 15.56 38.37 34.79
CA ILE A 2121 16.15 38.55 33.46
C ILE A 2121 17.07 37.38 33.12
N GLN A 2122 17.84 36.89 34.11
CA GLN A 2122 18.68 35.72 33.86
C GLN A 2122 17.87 34.46 33.61
N ASN A 2123 16.70 34.33 34.24
CA ASN A 2123 15.84 33.19 33.95
C ASN A 2123 15.13 33.33 32.60
N LEU A 2124 14.79 34.57 32.21
CA LEU A 2124 14.14 34.80 30.93
C LEU A 2124 15.10 34.59 29.77
N LYS A 2125 16.37 34.96 29.95
CA LYS A 2125 17.38 34.70 28.92
C LYS A 2125 17.67 33.21 28.78
N SER A 2126 17.58 32.46 29.89
CA SER A 2126 17.64 31.01 29.78
C SER A 2126 16.38 30.45 29.14
N GLY A 2127 15.23 31.08 29.37
CA GLY A 2127 13.98 30.70 28.74
C GLY A 2127 12.94 30.08 29.64
N TYR A 2128 13.07 30.22 30.96
CA TYR A 2128 12.15 29.59 31.90
C TYR A 2128 11.69 30.60 32.94
N LEU A 2129 10.46 30.40 33.42
CA LEU A 2129 9.88 31.20 34.50
C LEU A 2129 9.71 30.31 35.71
N ILE A 2130 10.31 30.70 36.84
CA ILE A 2130 10.37 29.86 38.02
C ILE A 2130 9.50 30.46 39.11
N LEU A 2131 8.56 29.67 39.63
CA LEU A 2131 7.74 30.04 40.77
C LEU A 2131 7.95 29.01 41.88
N ASP A 2132 8.17 29.49 43.10
CA ASP A 2132 8.38 28.63 44.25
C ASP A 2132 7.20 28.76 45.21
N LEU A 2133 6.55 27.64 45.51
CA LEU A 2133 5.39 27.63 46.39
C LEU A 2133 5.83 27.33 47.81
N HIS A 2134 6.10 28.38 48.58
CA HIS A 2134 6.62 28.29 49.94
C HIS A 2134 6.17 29.56 50.66
N GLN A 2135 6.88 29.93 51.73
CA GLN A 2135 6.57 31.14 52.49
C GLN A 2135 6.49 32.38 51.59
N ASN A 2136 7.51 32.58 50.74
CA ASN A 2136 7.47 33.32 49.45
C ASN A 2136 6.93 34.74 49.62
N ILE A 2137 6.04 35.20 48.75
CA ILE A 2137 5.33 36.46 48.87
C ILE A 2137 3.85 36.14 48.66
N PHE A 2138 2.99 36.78 49.46
CA PHE A 2138 1.53 36.74 49.55
C PHE A 2138 1.01 35.48 50.24
N VAL A 2139 1.86 34.52 50.56
CA VAL A 2139 1.40 33.34 51.29
C VAL A 2139 1.17 33.71 52.76
N LYS A 2140 1.89 34.72 53.26
CA LYS A 2140 1.68 35.21 54.62
C LYS A 2140 0.31 35.87 54.77
N ASN A 2141 -0.26 36.41 53.69
CA ASN A 2141 -1.61 36.96 53.75
C ASN A 2141 -2.68 35.87 53.77
N LEU A 2142 -2.35 34.65 53.38
CA LEU A 2142 -3.32 33.58 53.35
C LEU A 2142 -3.63 33.08 54.75
N SER A 2143 -4.75 32.36 54.86
CA SER A 2143 -5.14 31.76 56.14
C SER A 2143 -4.18 30.64 56.50
N LYS A 2144 -4.06 30.39 57.81
CA LYS A 2144 -3.13 29.37 58.30
C LYS A 2144 -3.59 27.97 57.89
N SER A 2145 -4.90 27.73 57.88
CA SER A 2145 -5.44 26.47 57.39
C SER A 2145 -5.17 26.28 55.90
N GLU A 2146 -5.38 27.34 55.11
CA GLU A 2146 -5.11 27.26 53.67
C GLU A 2146 -3.63 27.10 53.38
N LYS A 2147 -2.77 27.79 54.14
CA LYS A 2147 -1.33 27.64 54.00
C LYS A 2147 -0.89 26.22 54.33
N GLN A 2148 -1.51 25.63 55.36
CA GLN A 2148 -1.27 24.23 55.69
C GLN A 2148 -1.73 23.29 54.59
N ILE A 2149 -2.85 23.60 53.94
CA ILE A 2149 -3.35 22.77 52.84
C ILE A 2149 -2.39 22.80 51.67
N ILE A 2150 -1.90 23.99 51.30
CA ILE A 2150 -0.95 24.12 50.20
C ILE A 2150 0.37 23.42 50.52
N MET A 2151 0.88 23.60 51.74
CA MET A 2151 2.19 23.05 52.07
C MET A 2151 2.14 21.53 52.29
N THR A 2152 1.00 21.01 52.77
CA THR A 2152 0.89 19.60 53.15
C THR A 2152 1.10 18.65 51.98
N GLY A 2153 0.51 18.97 50.83
CA GLY A 2153 0.54 18.07 49.68
C GLY A 2153 1.93 17.93 49.08
N GLY A 2154 2.03 17.01 48.13
CA GLY A 2154 3.27 16.71 47.46
C GLY A 2154 3.66 17.65 46.34
N LEU A 2155 3.21 18.90 46.39
CA LEU A 2155 3.57 19.87 45.36
C LEU A 2155 5.07 20.20 45.49
N LYS A 2156 5.70 20.41 44.33
CA LYS A 2156 7.16 20.35 44.21
C LYS A 2156 7.88 21.47 44.97
N ARG A 2157 7.20 22.60 45.21
CA ARG A 2157 7.67 23.86 45.84
C ARG A 2157 8.54 24.58 44.80
N GLU A 2158 8.49 24.14 43.54
CA GLU A 2158 9.20 24.75 42.43
C GLU A 2158 8.50 24.33 41.15
N TRP A 2159 8.17 25.29 40.29
CA TRP A 2159 7.40 24.99 39.09
C TRP A 2159 7.92 25.88 37.97
N VAL A 2160 8.47 25.26 36.91
CA VAL A 2160 8.98 26.01 35.77
C VAL A 2160 7.97 25.92 34.63
N PHE A 2161 7.96 26.96 33.79
CA PHE A 2161 7.13 27.00 32.60
C PHE A 2161 7.94 27.66 31.50
N LYS A 2162 8.14 26.94 30.39
CA LYS A 2162 8.92 27.47 29.28
C LYS A 2162 8.16 28.56 28.55
N VAL A 2163 8.88 29.61 28.16
CA VAL A 2163 8.30 30.73 27.44
C VAL A 2163 8.78 30.68 26.00
N THR A 2164 7.96 31.21 25.10
CA THR A 2164 8.31 31.28 23.69
C THR A 2164 9.01 32.62 23.40
N VAL A 2165 9.34 32.83 22.12
CA VAL A 2165 10.00 34.06 21.71
C VAL A 2165 9.05 35.24 21.79
N LYS A 2166 7.79 35.03 21.36
CA LYS A 2166 6.80 36.10 21.36
C LYS A 2166 6.46 36.55 22.78
N GLU A 2167 6.34 35.59 23.71
CA GLU A 2167 6.13 35.94 25.11
C GLU A 2167 7.33 36.67 25.70
N THR A 2168 8.54 36.30 25.27
CA THR A 2168 9.75 37.01 25.72
C THR A 2168 9.73 38.46 25.24
N LYS A 2169 9.27 38.69 24.00
CA LYS A 2169 9.11 40.06 23.50
C LYS A 2169 8.08 40.83 24.31
N GLU A 2170 6.97 40.18 24.67
CA GLU A 2170 5.96 40.83 25.51
C GLU A 2170 6.50 41.16 26.90
N TRP A 2171 7.34 40.27 27.47
CA TRP A 2171 7.91 40.54 28.79
C TRP A 2171 8.90 41.70 28.73
N TYR A 2172 9.68 41.80 27.64
CA TYR A 2172 10.58 42.94 27.49
C TYR A 2172 9.82 44.25 27.33
N LYS A 2173 8.70 44.22 26.60
CA LYS A 2173 7.84 45.40 26.52
C LYS A 2173 7.24 45.75 27.89
N LEU A 2174 6.94 44.73 28.71
CA LEU A 2174 6.43 44.99 30.04
C LEU A 2174 7.49 45.60 30.95
N VAL A 2175 8.76 45.23 30.76
CA VAL A 2175 9.86 45.93 31.43
C VAL A 2175 9.91 47.40 30.98
N GLY A 2176 9.76 47.63 29.67
CA GLY A 2176 9.77 48.99 29.14
C GLY A 2176 8.62 49.85 29.66
N TYR A 2177 7.49 49.25 29.99
CA TYR A 2177 6.37 50.00 30.57
C TYR A 2177 6.46 50.11 32.09
N SER A 2178 7.08 49.13 32.75
CA SER A 2178 7.38 49.25 34.17
C SER A 2178 8.38 50.37 34.44
N ALA A 2179 9.23 50.67 33.45
CA ALA A 2179 10.10 51.84 33.53
C ALA A 2179 9.31 53.13 33.67
N LEU A 2180 8.21 53.27 32.92
CA LEU A 2180 7.36 54.46 33.04
C LEU A 2180 6.54 54.44 34.32
N ILE A 2181 6.17 53.26 34.81
CA ILE A 2181 5.41 53.20 36.06
C ILE A 2181 6.29 53.58 37.25
N LYS A 2182 7.58 53.20 37.25
CA LYS A 2182 8.47 53.62 38.32
C LYS A 2182 8.76 55.12 38.32
N ASP A 2183 8.48 55.83 37.22
CA ASP A 2183 8.58 57.29 37.20
C ASP A 2183 7.47 57.91 38.07
N LYS B 324 64.60 -72.86 -37.79
CA LYS B 324 64.00 -71.78 -37.00
C LYS B 324 62.94 -71.05 -37.82
N ILE B 325 63.25 -70.80 -39.09
CA ILE B 325 62.31 -70.14 -39.99
C ILE B 325 61.10 -71.03 -40.24
N HIS B 326 61.33 -72.35 -40.35
CA HIS B 326 60.23 -73.30 -40.48
C HIS B 326 59.35 -73.34 -39.23
N GLU B 327 59.97 -73.22 -38.05
CA GLU B 327 59.20 -73.16 -36.81
C GLU B 327 58.34 -71.90 -36.74
N ASP B 328 58.89 -70.76 -37.17
CA ASP B 328 58.11 -69.51 -37.22
C ASP B 328 56.98 -69.60 -38.23
N ASN B 329 57.22 -70.29 -39.35
CA ASN B 329 56.18 -70.44 -40.38
C ASN B 329 55.01 -71.28 -39.87
N GLN B 330 55.29 -72.35 -39.11
CA GLN B 330 54.20 -73.14 -38.53
C GLN B 330 53.44 -72.35 -37.46
N LYS B 331 54.13 -71.46 -36.74
CA LYS B 331 53.45 -70.59 -35.78
C LYS B 331 52.54 -69.60 -36.48
N ILE B 332 52.98 -69.07 -37.63
CA ILE B 332 52.14 -68.13 -38.40
C ILE B 332 50.91 -68.83 -38.94
N ILE B 333 51.06 -70.04 -39.49
CA ILE B 333 49.93 -70.82 -39.99
C ILE B 333 48.97 -71.18 -38.85
N SER B 334 49.51 -71.45 -37.66
CA SER B 334 48.67 -71.75 -36.50
C SER B 334 47.80 -70.55 -36.10
N LYS B 335 48.35 -69.34 -36.15
CA LYS B 335 47.55 -68.16 -35.84
CA LYS B 335 47.55 -68.16 -35.84
C LYS B 335 46.59 -67.82 -36.98
N LEU B 336 46.94 -68.14 -38.22
CA LEU B 336 46.05 -67.84 -39.34
C LEU B 336 44.80 -68.72 -39.33
N GLU B 337 44.91 -69.96 -38.85
CA GLU B 337 43.72 -70.80 -38.69
C GLU B 337 42.75 -70.22 -37.67
N SER B 338 43.28 -69.62 -36.60
CA SER B 338 42.43 -68.94 -35.62
C SER B 338 41.74 -67.73 -36.21
N LEU B 339 42.41 -67.00 -37.11
CA LEU B 339 41.79 -65.84 -37.73
C LEU B 339 40.76 -66.23 -38.79
N LEU B 340 40.88 -67.42 -39.37
CA LEU B 340 39.87 -67.92 -40.29
C LEU B 340 38.65 -68.50 -39.57
N LEU B 341 38.69 -68.64 -38.24
CA LEU B 341 37.53 -69.07 -37.48
C LEU B 341 36.43 -68.02 -37.40
N LEU B 342 36.71 -66.79 -37.81
CA LEU B 342 35.77 -65.68 -37.65
C LEU B 342 34.63 -65.70 -38.65
N LYS B 343 34.67 -66.59 -39.66
CA LYS B 343 33.66 -66.59 -40.72
C LYS B 343 32.28 -66.97 -40.19
N GLY B 344 32.21 -67.95 -39.28
CA GLY B 344 30.96 -68.29 -38.64
C GLY B 344 30.44 -67.18 -37.75
N GLU B 345 31.34 -66.39 -37.16
CA GLU B 345 30.93 -65.25 -36.35
C GLU B 345 30.29 -64.15 -37.19
N VAL B 346 30.85 -63.89 -38.38
CA VAL B 346 30.31 -62.87 -39.27
C VAL B 346 28.94 -63.30 -39.81
N GLU B 347 28.79 -64.59 -40.13
CA GLU B 347 27.48 -65.10 -40.53
C GLU B 347 26.48 -65.05 -39.38
N SER B 348 26.95 -65.24 -38.15
CA SER B 348 26.07 -65.09 -36.98
C SER B 348 25.61 -63.65 -36.80
N ILE B 349 26.49 -62.68 -37.12
CA ILE B 349 26.09 -61.27 -37.13
C ILE B 349 25.03 -61.02 -38.20
N LYS B 350 25.19 -61.64 -39.37
CA LYS B 350 24.27 -61.46 -40.49
C LYS B 350 22.87 -61.97 -40.15
N LYS B 351 22.79 -63.07 -39.42
CA LYS B 351 21.49 -63.57 -38.96
C LYS B 351 20.85 -62.63 -37.93
N GLN B 352 21.68 -61.98 -37.11
CA GLN B 352 21.16 -61.04 -36.11
C GLN B 352 20.57 -59.79 -36.77
N ILE B 353 21.25 -59.25 -37.78
CA ILE B 353 20.72 -58.11 -38.50
C ILE B 353 19.50 -58.51 -39.32
N ASN B 354 19.47 -59.75 -39.83
CA ASN B 354 18.31 -60.26 -40.54
C ASN B 354 17.10 -60.38 -39.61
N ARG B 355 17.32 -60.83 -38.37
CA ARG B 355 16.25 -60.88 -37.38
C ARG B 355 15.76 -59.48 -37.03
N GLN B 356 16.69 -58.51 -36.95
CA GLN B 356 16.32 -57.13 -36.74
C GLN B 356 15.52 -56.57 -37.92
N ASN B 357 15.87 -56.99 -39.14
CA ASN B 357 15.19 -56.49 -40.33
C ASN B 357 13.75 -56.98 -40.41
N ILE B 358 13.49 -58.21 -39.95
CA ILE B 358 12.12 -58.72 -39.88
C ILE B 358 11.31 -57.93 -38.85
N SER B 359 11.93 -57.63 -37.70
CA SER B 359 11.24 -56.89 -36.64
C SER B 359 10.92 -55.47 -37.06
N ILE B 360 11.82 -54.83 -37.81
CA ILE B 360 11.56 -53.48 -38.31
C ILE B 360 10.47 -53.51 -39.37
N SER B 361 10.47 -54.54 -40.23
CA SER B 361 9.50 -54.64 -41.31
C SER B 361 8.09 -54.87 -40.78
N THR B 362 7.96 -55.64 -39.70
CA THR B 362 6.66 -55.79 -39.05
C THR B 362 6.19 -54.49 -38.42
N LEU B 363 7.13 -53.71 -37.86
CA LEU B 363 6.79 -52.40 -37.31
C LEU B 363 6.34 -51.42 -38.39
N GLU B 364 7.01 -51.43 -39.55
CA GLU B 364 6.60 -50.55 -40.64
C GLU B 364 5.26 -50.98 -41.21
N GLY B 365 4.98 -52.29 -41.20
CA GLY B 365 3.67 -52.76 -41.60
C GLY B 365 2.56 -52.34 -40.64
N HIS B 366 2.87 -52.30 -39.34
CA HIS B 366 1.87 -51.89 -38.36
C HIS B 366 1.60 -50.40 -38.42
N LEU B 367 2.65 -49.58 -38.61
CA LEU B 367 2.48 -48.14 -38.68
C LEU B 367 1.84 -47.69 -39.99
N SER B 368 1.93 -48.50 -41.05
CA SER B 368 1.34 -48.13 -42.33
C SER B 368 -0.18 -48.25 -42.31
N SER B 369 -0.72 -49.13 -41.46
CA SER B 369 -2.16 -49.35 -41.44
C SER B 369 -2.89 -48.20 -40.76
N ILE B 370 -2.32 -47.65 -39.69
CA ILE B 370 -2.99 -46.61 -38.93
C ILE B 370 -2.88 -45.23 -39.57
N MET B 371 -2.02 -45.06 -40.57
CA MET B 371 -1.84 -43.76 -41.19
C MET B 371 -3.01 -43.44 -42.11
N ILE B 372 -3.62 -42.28 -41.90
CA ILE B 372 -4.72 -41.79 -42.72
C ILE B 372 -4.45 -40.33 -43.09
N ALA B 373 -5.18 -39.86 -44.09
CA ALA B 373 -5.06 -38.47 -44.51
C ALA B 373 -5.84 -37.56 -43.57
N ILE B 374 -5.37 -36.31 -43.47
CA ILE B 374 -5.98 -35.29 -42.64
C ILE B 374 -6.36 -34.12 -43.56
N PRO B 375 -7.61 -33.65 -43.57
CA PRO B 375 -8.08 -32.58 -44.46
C PRO B 375 -7.44 -31.22 -44.16
N PRO B 392 -1.40 -35.44 -48.45
CA PRO B 392 -0.90 -34.12 -48.07
C PRO B 392 -0.01 -34.14 -46.82
N ASP B 393 -0.50 -34.67 -45.70
CA ASP B 393 0.30 -34.73 -44.50
C ASP B 393 0.41 -36.13 -43.90
N LEU B 394 -0.66 -36.93 -43.95
CA LEU B 394 -0.69 -38.35 -43.56
C LEU B 394 -0.27 -38.56 -42.10
N LYS B 395 -1.06 -37.99 -41.18
CA LYS B 395 -0.79 -38.15 -39.76
C LYS B 395 -1.58 -39.33 -39.19
N PRO B 396 -0.92 -40.32 -38.58
CA PRO B 396 -1.66 -41.43 -37.97
C PRO B 396 -2.39 -41.01 -36.71
N ILE B 397 -3.45 -41.76 -36.40
CA ILE B 397 -4.31 -41.49 -35.23
C ILE B 397 -4.40 -42.76 -34.40
N ILE B 398 -4.17 -42.62 -33.08
CA ILE B 398 -4.33 -43.73 -32.14
C ILE B 398 -5.63 -43.50 -31.35
N GLY B 399 -6.23 -44.59 -30.88
CA GLY B 399 -7.47 -44.53 -30.11
C GLY B 399 -7.25 -44.74 -28.62
N ARG B 400 -8.37 -44.80 -27.89
CA ARG B 400 -8.31 -44.94 -26.44
C ARG B 400 -8.33 -46.38 -25.98
N ASP B 401 -9.27 -47.19 -26.47
CA ASP B 401 -9.35 -48.58 -26.04
C ASP B 401 -9.05 -49.56 -27.17
N SER B 402 -9.77 -49.48 -28.28
CA SER B 402 -9.53 -50.36 -29.42
C SER B 402 -9.83 -49.67 -30.73
N GLY B 403 -9.64 -48.35 -30.79
CA GLY B 403 -10.11 -47.58 -31.92
C GLY B 403 -11.59 -47.28 -31.85
N ARG B 404 -12.16 -47.22 -30.64
CA ARG B 404 -13.57 -46.90 -30.48
C ARG B 404 -13.85 -45.45 -30.87
N ALA B 405 -12.93 -44.55 -30.55
CA ALA B 405 -13.08 -43.14 -30.92
C ALA B 405 -12.90 -42.91 -32.41
N LEU B 406 -12.29 -43.84 -33.13
CA LEU B 406 -12.04 -43.65 -34.56
C LEU B 406 -13.32 -43.71 -35.38
N ALA B 407 -14.35 -44.39 -34.87
CA ALA B 407 -15.61 -44.47 -35.61
C ALA B 407 -16.40 -43.17 -35.48
N GLU B 408 -16.32 -42.52 -34.33
CA GLU B 408 -17.11 -41.31 -34.09
C GLU B 408 -16.52 -40.12 -34.85
N VAL B 409 -15.20 -39.96 -34.82
CA VAL B 409 -14.56 -38.78 -35.38
C VAL B 409 -14.52 -38.82 -36.90
N LEU B 410 -14.16 -39.96 -37.48
CA LEU B 410 -13.82 -40.01 -38.89
C LEU B 410 -15.07 -40.02 -39.77
N LYS B 411 -14.86 -39.65 -41.03
CA LYS B 411 -15.93 -39.62 -42.00
C LYS B 411 -16.33 -41.03 -42.41
N LYS B 412 -17.64 -41.26 -42.54
CA LYS B 412 -18.13 -42.57 -42.94
C LYS B 412 -17.90 -42.77 -44.43
N PRO B 413 -17.20 -43.85 -44.84
CA PRO B 413 -16.91 -44.10 -46.25
C PRO B 413 -18.02 -44.92 -46.93
N LYS C 324 67.20 -61.93 -42.13
CA LYS C 324 66.23 -60.98 -42.65
C LYS C 324 64.87 -61.65 -42.80
N ILE C 325 64.88 -62.89 -43.28
CA ILE C 325 63.65 -63.67 -43.44
C ILE C 325 63.03 -63.98 -42.09
N HIS C 326 63.87 -64.35 -41.11
CA HIS C 326 63.40 -64.58 -39.75
C HIS C 326 62.89 -63.30 -39.10
N GLU C 327 63.55 -62.17 -39.36
CA GLU C 327 63.07 -60.88 -38.84
C GLU C 327 61.73 -60.51 -39.46
N ASP C 328 61.57 -60.78 -40.76
CA ASP C 328 60.29 -60.54 -41.42
C ASP C 328 59.19 -61.44 -40.86
N ASN C 329 59.55 -62.68 -40.48
CA ASN C 329 58.57 -63.61 -39.92
C ASN C 329 58.07 -63.14 -38.56
N GLN C 330 58.96 -62.55 -37.75
CA GLN C 330 58.53 -61.97 -36.47
C GLN C 330 57.63 -60.76 -36.67
N LYS C 331 57.82 -60.03 -37.78
CA LYS C 331 56.90 -58.95 -38.11
C LYS C 331 55.52 -59.49 -38.50
N ILE C 332 55.47 -60.64 -39.15
CA ILE C 332 54.19 -61.29 -39.46
C ILE C 332 53.47 -61.70 -38.18
N ILE C 333 54.22 -62.28 -37.22
CA ILE C 333 53.63 -62.73 -35.96
C ILE C 333 53.05 -61.56 -35.17
N SER C 334 53.76 -60.42 -35.15
CA SER C 334 53.28 -59.23 -34.44
C SER C 334 52.00 -58.68 -35.04
N LYS C 335 51.89 -58.72 -36.38
CA LYS C 335 50.64 -58.30 -37.01
C LYS C 335 49.50 -59.27 -36.77
N LEU C 336 49.80 -60.57 -36.63
CA LEU C 336 48.72 -61.53 -36.36
C LEU C 336 48.19 -61.40 -34.92
N GLU C 337 49.05 -61.03 -33.97
CA GLU C 337 48.56 -60.71 -32.62
C GLU C 337 47.67 -59.47 -32.64
N SER C 338 48.01 -58.49 -33.48
CA SER C 338 47.17 -57.31 -33.64
C SER C 338 45.82 -57.66 -34.24
N LEU C 339 45.79 -58.65 -35.14
CA LEU C 339 44.52 -59.13 -35.67
C LEU C 339 43.72 -59.88 -34.60
N LEU C 340 44.41 -60.52 -33.65
CA LEU C 340 43.72 -61.12 -32.51
C LEU C 340 43.13 -60.05 -31.59
N LEU C 341 43.79 -58.91 -31.46
CA LEU C 341 43.21 -57.80 -30.70
C LEU C 341 42.00 -57.22 -31.40
N LEU C 342 41.97 -57.27 -32.73
CA LEU C 342 40.79 -56.83 -33.47
C LEU C 342 39.66 -57.86 -33.34
N LYS C 343 40.01 -59.13 -33.13
CA LYS C 343 39.03 -60.21 -32.97
C LYS C 343 38.16 -60.00 -31.75
N GLY C 344 38.74 -59.55 -30.63
CA GLY C 344 37.97 -59.35 -29.41
C GLY C 344 36.93 -58.26 -29.53
N GLU C 345 37.25 -57.20 -30.27
CA GLU C 345 36.30 -56.10 -30.45
C GLU C 345 35.15 -56.51 -31.35
N VAL C 346 35.41 -57.35 -32.36
CA VAL C 346 34.35 -57.87 -33.22
C VAL C 346 33.47 -58.84 -32.44
N GLU C 347 34.08 -59.62 -31.53
CA GLU C 347 33.30 -60.50 -30.66
C GLU C 347 32.43 -59.71 -29.70
N SER C 348 32.91 -58.54 -29.25
CA SER C 348 32.14 -57.72 -28.32
C SER C 348 30.96 -57.04 -29.02
N ILE C 349 31.17 -56.55 -30.26
CA ILE C 349 30.12 -55.82 -30.94
C ILE C 349 29.00 -56.74 -31.43
N LYS C 350 29.28 -58.04 -31.58
CA LYS C 350 28.23 -59.01 -31.93
C LYS C 350 27.19 -59.12 -30.83
N LYS C 351 27.62 -59.13 -29.56
CA LYS C 351 26.70 -59.19 -28.45
C LYS C 351 25.89 -57.91 -28.32
N GLN C 352 26.47 -56.77 -28.71
CA GLN C 352 25.76 -55.50 -28.65
C GLN C 352 24.63 -55.45 -29.69
N ILE C 353 24.87 -56.03 -30.87
CA ILE C 353 23.81 -56.12 -31.88
C ILE C 353 22.68 -57.02 -31.40
N ASN C 354 23.04 -58.14 -30.75
CA ASN C 354 22.04 -59.08 -30.24
C ASN C 354 21.22 -58.46 -29.11
N ARG C 355 21.84 -57.59 -28.30
CA ARG C 355 21.10 -56.89 -27.26
C ARG C 355 20.10 -55.90 -27.88
N GLN C 356 20.48 -55.28 -29.00
CA GLN C 356 19.59 -54.33 -29.67
C GLN C 356 18.39 -55.03 -30.27
N ASN C 357 18.58 -56.24 -30.81
CA ASN C 357 17.47 -56.95 -31.45
C ASN C 357 16.43 -57.40 -30.43
N ILE C 358 16.85 -57.69 -29.20
CA ILE C 358 15.90 -57.97 -28.13
C ILE C 358 15.08 -56.73 -27.79
N SER C 359 15.74 -55.57 -27.78
CA SER C 359 15.05 -54.31 -27.46
C SER C 359 14.00 -53.96 -28.50
N ILE C 360 14.30 -54.17 -29.79
CA ILE C 360 13.31 -53.94 -30.85
C ILE C 360 12.17 -54.96 -30.75
N SER C 361 12.48 -56.20 -30.38
CA SER C 361 11.45 -57.23 -30.29
C SER C 361 10.46 -56.94 -29.16
N THR C 362 10.97 -56.48 -28.01
CA THR C 362 10.07 -56.03 -26.94
C THR C 362 9.34 -54.74 -27.35
N LEU C 363 10.01 -53.88 -28.11
CA LEU C 363 9.36 -52.67 -28.62
C LEU C 363 8.27 -53.02 -29.63
N GLU C 364 8.48 -54.09 -30.40
CA GLU C 364 7.49 -54.54 -31.37
C GLU C 364 6.27 -55.13 -30.66
N GLY C 365 6.49 -55.87 -29.58
CA GLY C 365 5.38 -56.48 -28.86
C GLY C 365 4.47 -55.44 -28.22
N HIS C 366 5.04 -54.35 -27.72
CA HIS C 366 4.24 -53.26 -27.19
C HIS C 366 3.50 -52.51 -28.31
N LEU C 367 4.22 -52.18 -29.38
CA LEU C 367 3.68 -51.30 -30.42
C LEU C 367 2.58 -51.98 -31.23
N SER C 368 2.56 -53.32 -31.25
CA SER C 368 1.50 -54.09 -31.91
C SER C 368 0.11 -53.80 -31.35
N SER C 369 -0.10 -54.08 -30.06
CA SER C 369 -1.44 -53.92 -29.48
C SER C 369 -1.80 -52.45 -29.27
N ILE C 370 -0.80 -51.62 -28.95
CA ILE C 370 -1.03 -50.18 -28.72
C ILE C 370 -1.46 -49.47 -30.01
N MET C 371 -0.72 -49.64 -31.10
CA MET C 371 -0.94 -48.79 -32.26
C MET C 371 -2.10 -49.26 -33.16
N ILE C 372 -2.10 -50.54 -33.55
CA ILE C 372 -2.98 -50.96 -34.64
C ILE C 372 -4.44 -50.98 -34.19
N ALA C 373 -5.31 -50.48 -35.07
CA ALA C 373 -6.74 -50.68 -35.01
C ALA C 373 -7.28 -50.96 -36.39
N ILE C 374 -6.39 -51.06 -37.39
CA ILE C 374 -6.59 -51.15 -38.85
C ILE C 374 -7.72 -50.22 -39.33
N PRO C 375 -7.52 -48.89 -39.32
CA PRO C 375 -8.50 -48.02 -39.99
C PRO C 375 -8.44 -48.13 -41.50
N GLY C 376 -7.25 -48.16 -42.09
CA GLY C 376 -7.08 -48.13 -43.53
C GLY C 376 -7.02 -46.73 -44.09
N SER C 429 -2.75 -44.47 -48.43
CA SER C 429 -3.38 -44.84 -47.17
C SER C 429 -4.40 -43.79 -46.75
N ARG C 430 -4.95 -43.07 -47.73
CA ARG C 430 -5.94 -42.02 -47.49
C ARG C 430 -7.31 -42.68 -47.32
N GLY C 431 -7.54 -43.22 -46.13
CA GLY C 431 -8.77 -43.92 -45.84
C GLY C 431 -9.93 -43.02 -45.46
N GLN C 432 -9.77 -42.25 -44.39
CA GLN C 432 -10.82 -41.39 -43.86
C GLN C 432 -10.25 -40.01 -43.58
N LEU C 433 -11.16 -39.05 -43.36
CA LEU C 433 -10.80 -37.67 -43.05
C LEU C 433 -11.58 -37.23 -41.81
N LEU C 434 -11.02 -36.27 -41.10
CA LEU C 434 -11.70 -35.73 -39.93
C LEU C 434 -12.93 -34.91 -40.33
N LYS C 435 -14.00 -35.04 -39.55
CA LYS C 435 -15.25 -34.33 -39.85
C LYS C 435 -15.23 -32.95 -39.21
N GLU C 436 -14.39 -32.09 -39.79
CA GLU C 436 -14.28 -30.66 -39.45
C GLU C 436 -13.94 -30.44 -37.97
N PHE C 437 -13.00 -31.23 -37.45
CA PHE C 437 -12.47 -31.04 -36.10
C PHE C 437 -11.27 -30.11 -36.08
N GLN C 438 -11.15 -29.24 -37.08
CA GLN C 438 -10.03 -28.30 -37.19
C GLN C 438 -10.54 -26.90 -36.91
N LEU C 439 -9.71 -26.08 -36.28
CA LEU C 439 -10.05 -24.68 -36.07
C LEU C 439 -10.05 -23.96 -37.41
N LYS C 440 -11.00 -23.04 -37.57
CA LYS C 440 -11.12 -22.30 -38.82
C LYS C 440 -9.95 -21.33 -38.94
N PRO C 441 -9.23 -21.33 -40.07
CA PRO C 441 -8.17 -20.32 -40.27
C PRO C 441 -8.78 -18.93 -40.38
N ILE C 442 -8.14 -17.98 -39.70
CA ILE C 442 -8.70 -16.63 -39.59
C ILE C 442 -8.43 -15.89 -40.89
N GLY C 443 -9.48 -15.76 -41.71
CA GLY C 443 -9.36 -14.98 -42.92
C GLY C 443 -9.32 -13.49 -42.62
N LYS C 444 -8.74 -12.74 -43.55
CA LYS C 444 -8.65 -11.30 -43.36
C LYS C 444 -10.02 -10.64 -43.52
N LYS C 445 -10.91 -11.24 -44.33
CA LYS C 445 -12.25 -10.69 -44.48
C LYS C 445 -13.09 -10.86 -43.22
N MET C 446 -12.93 -11.99 -42.53
CA MET C 446 -13.72 -12.26 -41.34
C MET C 446 -13.24 -11.43 -40.16
N SER C 447 -14.19 -10.95 -39.37
CA SER C 447 -13.87 -10.18 -38.18
C SER C 447 -13.36 -11.11 -37.07
N SER C 448 -12.58 -10.53 -36.17
CA SER C 448 -11.99 -11.29 -35.06
C SER C 448 -11.71 -10.32 -33.92
N ALA C 449 -11.07 -10.84 -32.87
CA ALA C 449 -10.58 -10.00 -31.79
C ALA C 449 -9.35 -9.21 -32.19
N VAL C 450 -8.63 -9.66 -33.24
CA VAL C 450 -7.44 -8.97 -33.68
C VAL C 450 -7.77 -7.68 -34.42
N GLY C 451 -8.98 -7.55 -34.95
CA GLY C 451 -9.37 -6.35 -35.64
C GLY C 451 -10.75 -6.51 -36.23
N PHE C 452 -11.36 -5.37 -36.57
CA PHE C 452 -12.69 -5.33 -37.15
C PHE C 452 -12.57 -5.13 -38.65
N VAL C 453 -13.10 -6.08 -39.41
CA VAL C 453 -13.26 -5.96 -40.86
C VAL C 453 -14.73 -6.15 -41.17
N PRO C 454 -15.38 -5.20 -41.85
CA PRO C 454 -16.82 -5.31 -42.11
C PRO C 454 -17.18 -6.45 -43.04
N ASP C 455 -18.33 -7.06 -42.77
CA ASP C 455 -18.83 -8.19 -43.54
C ASP C 455 -20.32 -8.33 -43.30
N THR C 456 -21.00 -8.95 -44.27
CA THR C 456 -22.44 -9.31 -44.28
C THR C 456 -23.27 -8.04 -44.11
N GLY C 457 -24.34 -8.06 -43.32
CA GLY C 457 -25.34 -7.03 -43.35
C GLY C 457 -25.46 -6.16 -42.11
N PRO C 458 -26.44 -6.48 -41.27
CA PRO C 458 -26.94 -5.49 -40.29
C PRO C 458 -25.97 -5.16 -39.15
N ALA C 459 -25.09 -6.09 -38.76
CA ALA C 459 -24.20 -5.82 -37.64
C ALA C 459 -23.07 -4.85 -38.04
N SER C 460 -22.54 -5.00 -39.26
CA SER C 460 -21.34 -4.28 -39.65
C SER C 460 -21.61 -2.79 -39.84
N ARG C 461 -22.78 -2.44 -40.40
CA ARG C 461 -23.16 -1.04 -40.55
C ARG C 461 -23.31 -0.37 -39.19
N SER C 462 -23.87 -1.10 -38.22
CA SER C 462 -24.03 -0.57 -36.87
C SER C 462 -22.68 -0.37 -36.20
N VAL C 463 -21.73 -1.29 -36.41
CA VAL C 463 -20.39 -1.13 -35.82
C VAL C 463 -19.66 0.06 -36.44
N ILE C 464 -19.75 0.23 -37.77
CA ILE C 464 -19.10 1.36 -38.43
C ILE C 464 -19.72 2.67 -37.99
N ARG C 465 -21.06 2.71 -37.86
CA ARG C 465 -21.73 3.91 -37.35
C ARG C 465 -21.36 4.20 -35.91
N SER C 466 -21.11 3.16 -35.11
CA SER C 466 -20.64 3.37 -33.74
C SER C 466 -19.21 3.90 -33.72
N ILE C 467 -18.38 3.50 -34.69
CA ILE C 467 -17.04 4.08 -34.81
C ILE C 467 -17.13 5.57 -35.15
N ILE C 468 -18.05 5.94 -36.04
CA ILE C 468 -18.25 7.36 -36.36
C ILE C 468 -18.77 8.14 -35.15
N LYS C 469 -19.72 7.56 -34.39
CA LYS C 469 -20.25 8.27 -33.23
C LYS C 469 -19.23 8.40 -32.11
N SER C 470 -18.43 7.36 -31.84
CA SER C 470 -17.48 7.40 -30.74
C SER C 470 -16.20 8.15 -31.09
N SER C 471 -16.02 8.54 -32.35
CA SER C 471 -14.85 9.31 -32.74
C SER C 471 -14.95 10.75 -32.26
N ARG C 472 -13.81 11.45 -32.27
CA ARG C 472 -13.72 12.85 -31.89
C ARG C 472 -13.72 13.77 -33.10
N LEU C 473 -14.36 13.36 -34.20
CA LEU C 473 -14.43 14.18 -35.39
C LEU C 473 -15.42 15.33 -35.20
N GLU C 474 -15.39 16.26 -36.17
CA GLU C 474 -16.34 17.36 -36.17
C GLU C 474 -17.75 16.85 -36.45
N GLU C 475 -18.74 17.55 -35.88
CA GLU C 475 -20.12 17.06 -35.90
C GLU C 475 -20.71 17.09 -37.30
N ASP C 476 -20.41 18.14 -38.06
CA ASP C 476 -20.83 18.19 -39.46
C ASP C 476 -20.14 17.11 -40.29
N ARG C 477 -18.87 16.85 -40.00
CA ARG C 477 -18.15 15.78 -40.68
C ARG C 477 -18.72 14.41 -40.31
N LYS C 478 -19.10 14.22 -39.04
CA LYS C 478 -19.73 12.97 -38.63
C LYS C 478 -21.08 12.77 -39.30
N ARG C 479 -21.86 13.85 -39.44
CA ARG C 479 -23.15 13.75 -40.13
C ARG C 479 -22.98 13.44 -41.61
N TYR C 480 -21.99 14.06 -42.25
CA TYR C 480 -21.72 13.80 -43.67
C TYR C 480 -21.21 12.38 -43.89
N LEU C 481 -20.35 11.88 -42.99
CA LEU C 481 -19.87 10.51 -43.11
C LEU C 481 -20.97 9.49 -42.83
N MET C 482 -21.92 9.81 -41.94
CA MET C 482 -23.06 8.93 -41.75
C MET C 482 -23.99 8.93 -42.97
N THR C 483 -24.13 10.08 -43.63
CA THR C 483 -24.90 10.13 -44.87
C THR C 483 -24.25 9.28 -45.97
N LEU C 484 -22.91 9.38 -46.10
CA LEU C 484 -22.20 8.54 -47.06
C LEU C 484 -22.26 7.06 -46.69
N LEU C 485 -22.24 6.76 -45.38
CA LEU C 485 -22.34 5.37 -44.93
C LEU C 485 -23.70 4.79 -45.24
N ASP C 486 -24.75 5.61 -45.14
CA ASP C 486 -26.07 5.19 -45.61
C ASP C 486 -26.11 5.04 -47.12
N ASP C 487 -25.28 5.81 -47.84
CA ASP C 487 -25.22 5.67 -49.30
C ASP C 487 -24.53 4.38 -49.73
N ILE C 488 -23.55 3.90 -48.96
CA ILE C 488 -22.81 2.70 -49.32
C ILE C 488 -23.68 1.46 -49.12
N LYS C 489 -23.74 0.61 -50.13
CA LYS C 489 -24.54 -0.62 -50.10
C LYS C 489 -23.71 -1.89 -50.21
N GLY C 490 -22.71 -1.91 -51.09
CA GLY C 490 -21.98 -3.14 -51.35
C GLY C 490 -21.02 -3.51 -50.25
N ALA C 491 -20.64 -4.79 -50.25
CA ALA C 491 -19.75 -5.31 -49.21
C ALA C 491 -18.32 -4.79 -49.37
N ASN C 492 -17.81 -4.78 -50.61
CA ASN C 492 -16.46 -4.26 -50.84
C ASN C 492 -16.42 -2.75 -50.71
N ASP C 493 -17.53 -2.07 -51.00
CA ASP C 493 -17.58 -0.63 -50.79
C ASP C 493 -17.63 -0.27 -49.31
N LEU C 494 -18.20 -1.15 -48.47
CA LEU C 494 -18.11 -0.97 -47.03
C LEU C 494 -16.68 -1.13 -46.54
N ALA C 495 -15.93 -2.06 -47.13
CA ALA C 495 -14.53 -2.24 -46.76
C ALA C 495 -13.69 -1.05 -47.19
N LYS C 496 -13.99 -0.47 -48.36
CA LYS C 496 -13.31 0.75 -48.80
C LYS C 496 -13.66 1.92 -47.90
N PHE C 497 -14.91 1.98 -47.42
CA PHE C 497 -15.32 3.04 -46.51
C PHE C 497 -14.63 2.88 -45.15
N HIS C 498 -14.39 1.64 -44.72
CA HIS C 498 -13.78 1.42 -43.42
C HIS C 498 -12.30 1.78 -43.41
N GLN C 499 -11.59 1.47 -44.49
CA GLN C 499 -10.19 1.90 -44.61
C GLN C 499 -10.10 3.40 -44.78
N MET C 500 -11.08 4.03 -45.43
CA MET C 500 -11.10 5.48 -45.51
C MET C 500 -11.43 6.11 -44.16
N LEU C 501 -12.34 5.48 -43.40
CA LEU C 501 -12.70 6.00 -42.08
C LEU C 501 -11.55 5.86 -41.09
N MET C 502 -10.80 4.75 -41.19
CA MET C 502 -9.65 4.54 -40.31
C MET C 502 -8.52 5.51 -40.65
N LYS C 503 -8.46 5.96 -41.91
CA LYS C 503 -7.45 6.94 -42.31
C LYS C 503 -7.72 8.31 -41.69
N ILE C 504 -8.99 8.71 -41.62
CA ILE C 504 -9.35 10.02 -41.07
C ILE C 504 -9.09 10.07 -39.56
N ILE C 505 -9.38 8.98 -38.86
CA ILE C 505 -9.19 8.93 -37.41
C ILE C 505 -7.71 8.94 -37.07
N MET C 506 -6.89 8.23 -37.84
CA MET C 506 -5.44 8.26 -37.62
C MET C 506 -4.86 9.62 -38.01
N LYS C 507 -5.42 10.29 -39.01
CA LYS C 507 -4.99 11.62 -39.37
C LYS C 507 -5.49 12.65 -38.37
N LYS D 324 60.69 -75.88 -49.13
CA LYS D 324 59.66 -76.10 -48.13
C LYS D 324 59.20 -74.78 -47.52
N ILE D 325 60.16 -73.86 -47.31
CA ILE D 325 59.85 -72.55 -46.76
C ILE D 325 58.98 -71.76 -47.73
N HIS D 326 59.32 -71.80 -49.02
CA HIS D 326 58.54 -71.11 -50.05
C HIS D 326 57.14 -71.69 -50.19
N GLU D 327 57.00 -73.01 -50.04
CA GLU D 327 55.68 -73.64 -50.07
C GLU D 327 54.84 -73.21 -48.87
N ASP D 328 55.48 -73.06 -47.70
CA ASP D 328 54.77 -72.58 -46.51
C ASP D 328 54.30 -71.14 -46.68
N ASN D 329 55.12 -70.29 -47.30
CA ASN D 329 54.72 -68.90 -47.52
C ASN D 329 53.57 -68.78 -48.53
N GLN D 330 53.53 -69.66 -49.53
CA GLN D 330 52.40 -69.67 -50.46
C GLN D 330 51.11 -70.09 -49.75
N LYS D 331 51.22 -70.94 -48.73
CA LYS D 331 50.07 -71.25 -47.89
C LYS D 331 49.64 -70.03 -47.06
N ILE D 332 50.60 -69.20 -46.64
CA ILE D 332 50.29 -68.01 -45.86
C ILE D 332 49.50 -67.01 -46.71
N ILE D 333 49.96 -66.76 -47.95
CA ILE D 333 49.27 -65.85 -48.87
C ILE D 333 47.87 -66.35 -49.20
N SER D 334 47.70 -67.68 -49.33
CA SER D 334 46.37 -68.25 -49.58
C SER D 334 45.42 -67.98 -48.42
N LYS D 335 45.92 -68.05 -47.18
CA LYS D 335 45.10 -67.66 -46.03
C LYS D 335 44.92 -66.15 -45.93
N LEU D 336 45.90 -65.37 -46.41
CA LEU D 336 45.70 -63.93 -46.47
C LEU D 336 44.65 -63.54 -47.50
N GLU D 337 44.61 -64.25 -48.63
CA GLU D 337 43.58 -64.00 -49.65
C GLU D 337 42.19 -64.33 -49.13
N SER D 338 42.07 -65.36 -48.29
CA SER D 338 40.78 -65.69 -47.69
C SER D 338 40.32 -64.61 -46.72
N LEU D 339 41.26 -64.01 -45.97
CA LEU D 339 40.93 -62.88 -45.11
C LEU D 339 40.60 -61.63 -45.92
N LEU D 340 41.22 -61.46 -47.09
CA LEU D 340 40.84 -60.35 -47.98
C LEU D 340 39.42 -60.53 -48.52
N LEU D 341 38.99 -61.78 -48.72
CA LEU D 341 37.59 -62.05 -49.06
C LEU D 341 36.67 -61.73 -47.89
N LEU D 342 37.17 -61.84 -46.66
CA LEU D 342 36.35 -61.57 -45.49
C LEU D 342 36.07 -60.09 -45.31
N LYS D 343 36.90 -59.22 -45.90
CA LYS D 343 36.70 -57.78 -45.76
C LYS D 343 35.42 -57.31 -46.43
N GLY D 344 35.10 -57.88 -47.60
CA GLY D 344 33.89 -57.50 -48.31
C GLY D 344 32.63 -57.92 -47.57
N GLU D 345 32.70 -59.03 -46.83
CA GLU D 345 31.57 -59.43 -46.00
C GLU D 345 31.39 -58.49 -44.81
N VAL D 346 32.51 -58.00 -44.24
CA VAL D 346 32.43 -57.03 -43.16
C VAL D 346 31.83 -55.71 -43.62
N GLU D 347 32.22 -55.25 -44.82
CA GLU D 347 31.68 -54.02 -45.37
C GLU D 347 30.20 -54.16 -45.72
N SER D 348 29.78 -55.36 -46.13
CA SER D 348 28.37 -55.61 -46.40
C SER D 348 27.54 -55.57 -45.12
N ILE D 349 28.13 -55.98 -43.99
CA ILE D 349 27.49 -55.83 -42.69
C ILE D 349 27.32 -54.35 -42.35
N LYS D 350 28.34 -53.53 -42.63
CA LYS D 350 28.27 -52.09 -42.36
C LYS D 350 27.18 -51.40 -43.17
N LYS D 351 27.03 -51.79 -44.44
CA LYS D 351 25.97 -51.23 -45.28
C LYS D 351 24.59 -51.65 -44.78
N GLN D 352 24.47 -52.89 -44.30
CA GLN D 352 23.18 -53.36 -43.79
C GLN D 352 22.81 -52.69 -42.47
N ILE D 353 23.81 -52.41 -41.62
CA ILE D 353 23.57 -51.65 -40.40
C ILE D 353 23.10 -50.24 -40.73
N ASN D 354 23.71 -49.63 -41.75
CA ASN D 354 23.33 -48.28 -42.17
C ASN D 354 21.91 -48.23 -42.73
N ARG D 355 21.51 -49.24 -43.50
CA ARG D 355 20.17 -49.24 -44.08
C ARG D 355 19.09 -49.41 -43.02
N GLN D 356 19.33 -50.27 -42.02
CA GLN D 356 18.34 -50.44 -40.95
C GLN D 356 18.32 -49.22 -40.03
N ASN D 357 19.42 -48.49 -39.93
CA ASN D 357 19.47 -47.30 -39.08
C ASN D 357 18.65 -46.17 -39.70
N ILE D 358 18.64 -46.07 -41.02
CA ILE D 358 17.77 -45.11 -41.69
C ILE D 358 16.30 -45.49 -41.50
N SER D 359 16.02 -46.80 -41.47
CA SER D 359 14.65 -47.26 -41.25
C SER D 359 14.16 -46.91 -39.84
N ILE D 360 15.02 -47.04 -38.83
CA ILE D 360 14.62 -46.73 -37.45
C ILE D 360 14.36 -45.23 -37.32
N SER D 361 15.13 -44.41 -38.06
CA SER D 361 14.95 -42.96 -38.04
C SER D 361 13.59 -42.54 -38.59
N THR D 362 13.14 -43.14 -39.70
CA THR D 362 11.89 -42.69 -40.29
C THR D 362 10.67 -43.23 -39.54
N LEU D 363 10.74 -44.43 -38.93
CA LEU D 363 9.70 -44.85 -38.00
C LEU D 363 9.69 -44.01 -36.73
N GLU D 364 10.85 -43.50 -36.31
CA GLU D 364 10.86 -42.53 -35.22
C GLU D 364 10.18 -41.23 -35.65
N GLY D 365 10.32 -40.87 -36.93
CA GLY D 365 9.61 -39.72 -37.46
C GLY D 365 8.10 -39.90 -37.49
N HIS D 366 7.65 -41.10 -37.91
CA HIS D 366 6.21 -41.37 -37.93
C HIS D 366 5.62 -41.49 -36.54
N LEU D 367 6.40 -41.94 -35.56
CA LEU D 367 5.89 -41.97 -34.19
C LEU D 367 5.85 -40.60 -33.56
N SER D 368 6.72 -39.69 -34.01
CA SER D 368 6.72 -38.33 -33.49
C SER D 368 5.52 -37.52 -33.98
N SER D 369 4.95 -37.88 -35.12
CA SER D 369 3.73 -37.24 -35.63
C SER D 369 2.58 -38.23 -35.47
N ILE D 370 1.81 -38.08 -34.41
CA ILE D 370 0.72 -39.01 -34.11
C ILE D 370 -0.39 -38.24 -33.39
N MET D 371 -1.63 -38.61 -33.68
CA MET D 371 -2.82 -37.98 -33.13
C MET D 371 -3.48 -38.91 -32.12
N ILE D 372 -4.01 -38.34 -31.05
CA ILE D 372 -4.68 -39.09 -29.99
C ILE D 372 -6.17 -38.77 -30.03
N ALA D 373 -7.00 -39.81 -30.13
CA ALA D 373 -8.45 -39.64 -30.23
C ALA D 373 -9.11 -40.05 -28.92
N ILE D 374 -10.07 -39.24 -28.48
CA ILE D 374 -10.79 -39.44 -27.24
C ILE D 374 -12.27 -39.62 -27.58
N PRO D 375 -12.94 -40.65 -27.05
CA PRO D 375 -14.33 -40.93 -27.48
C PRO D 375 -15.37 -39.94 -26.97
N GLY D 376 -16.64 -40.23 -27.25
CA GLY D 376 -17.74 -39.36 -26.87
C GLY D 376 -18.36 -39.72 -25.54
N LEU D 377 -18.55 -41.02 -25.30
CA LEU D 377 -19.15 -41.51 -24.06
C LEU D 377 -18.21 -42.51 -23.40
N GLY D 378 -18.12 -42.43 -22.08
CA GLY D 378 -17.53 -43.51 -21.30
C GLY D 378 -18.42 -44.74 -21.44
N LYS D 379 -17.81 -45.90 -21.70
CA LYS D 379 -18.60 -47.09 -22.01
C LYS D 379 -19.34 -47.62 -20.79
N ASP D 380 -18.68 -47.60 -19.63
CA ASP D 380 -19.30 -48.09 -18.39
C ASP D 380 -18.61 -47.39 -17.22
N LYS E 324 63.57 -65.36 -53.49
CA LYS E 324 62.19 -65.74 -53.70
C LYS E 324 61.41 -65.73 -52.38
N ILE E 325 62.07 -66.20 -51.31
CA ILE E 325 61.45 -66.18 -49.99
C ILE E 325 61.32 -64.74 -49.49
N HIS E 326 62.33 -63.91 -49.77
CA HIS E 326 62.26 -62.50 -49.40
C HIS E 326 61.18 -61.77 -50.20
N GLU E 327 61.03 -62.10 -51.48
CA GLU E 327 59.95 -61.52 -52.28
C GLU E 327 58.59 -62.00 -51.78
N ASP E 328 58.52 -63.25 -51.32
CA ASP E 328 57.30 -63.77 -50.72
C ASP E 328 56.94 -63.02 -49.44
N ASN E 329 57.95 -62.65 -48.65
CA ASN E 329 57.70 -61.91 -47.41
C ASN E 329 57.15 -60.51 -47.69
N GLN E 330 57.61 -59.86 -48.77
CA GLN E 330 57.08 -58.55 -49.13
C GLN E 330 55.63 -58.64 -49.57
N LYS E 331 55.26 -59.72 -50.25
CA LYS E 331 53.86 -59.95 -50.60
C LYS E 331 53.01 -60.19 -49.36
N ILE E 332 53.56 -60.91 -48.37
CA ILE E 332 52.83 -61.18 -47.13
C ILE E 332 52.62 -59.89 -46.35
N ILE E 333 53.65 -59.06 -46.24
CA ILE E 333 53.56 -57.80 -45.51
C ILE E 333 52.59 -56.84 -46.18
N SER E 334 52.62 -56.76 -47.53
CA SER E 334 51.73 -55.89 -48.26
C SER E 334 50.27 -56.30 -48.13
N LYS E 335 50.00 -57.60 -48.14
CA LYS E 335 48.64 -58.06 -47.90
C LYS E 335 48.23 -57.93 -46.43
N LEU E 336 49.20 -58.00 -45.51
CA LEU E 336 48.88 -57.77 -44.10
CA LEU E 336 48.88 -57.77 -44.10
C LEU E 336 48.50 -56.31 -43.86
N GLU E 337 49.17 -55.37 -44.54
CA GLU E 337 48.80 -53.96 -44.43
C GLU E 337 47.42 -53.69 -45.01
N SER E 338 47.05 -54.42 -46.07
CA SER E 338 45.68 -54.34 -46.59
C SER E 338 44.66 -54.85 -45.59
N LEU E 339 45.04 -55.83 -44.78
CA LEU E 339 44.16 -56.32 -43.73
C LEU E 339 44.12 -55.38 -42.53
N LEU E 340 45.19 -54.63 -42.27
CA LEU E 340 45.20 -53.67 -41.18
C LEU E 340 44.39 -52.41 -41.48
N LEU E 341 43.93 -52.21 -42.71
CA LEU E 341 43.02 -51.11 -43.03
C LEU E 341 41.63 -51.29 -42.45
N LEU E 342 41.30 -52.49 -41.95
CA LEU E 342 39.95 -52.85 -41.53
C LEU E 342 39.64 -52.48 -40.09
N LYS E 343 40.64 -52.08 -39.29
CA LYS E 343 40.39 -51.75 -37.88
C LYS E 343 39.62 -50.44 -37.75
N GLY E 344 39.88 -49.47 -38.63
CA GLY E 344 39.07 -48.26 -38.65
C GLY E 344 37.64 -48.51 -39.07
N GLU E 345 37.43 -49.53 -39.91
CA GLU E 345 36.08 -49.92 -40.29
C GLU E 345 35.32 -50.53 -39.12
N VAL E 346 35.99 -51.32 -38.29
CA VAL E 346 35.36 -51.92 -37.11
C VAL E 346 35.00 -50.84 -36.09
N GLU E 347 35.83 -49.80 -35.98
CA GLU E 347 35.49 -48.65 -35.15
C GLU E 347 34.28 -47.92 -35.72
N SER E 348 34.13 -47.91 -37.04
CA SER E 348 32.94 -47.33 -37.66
C SER E 348 31.69 -48.15 -37.36
N ILE E 349 31.84 -49.48 -37.23
CA ILE E 349 30.72 -50.32 -36.78
C ILE E 349 30.30 -49.94 -35.37
N LYS E 350 31.28 -49.59 -34.51
CA LYS E 350 30.97 -49.22 -33.13
C LYS E 350 30.17 -47.92 -33.06
N LYS E 351 30.49 -46.95 -33.92
CA LYS E 351 29.74 -45.69 -33.93
C LYS E 351 28.32 -45.86 -34.45
N GLN E 352 28.14 -46.71 -35.47
CA GLN E 352 26.79 -46.95 -35.99
C GLN E 352 25.92 -47.69 -34.99
N ILE E 353 26.51 -48.61 -34.23
CA ILE E 353 25.75 -49.33 -33.20
C ILE E 353 25.38 -48.39 -32.05
N ASN E 354 26.28 -47.47 -31.70
CA ASN E 354 25.97 -46.45 -30.69
C ASN E 354 24.85 -45.53 -31.14
N ARG E 355 24.88 -45.11 -32.41
CA ARG E 355 23.80 -44.27 -32.93
C ARG E 355 22.49 -45.05 -33.05
N GLN E 356 22.56 -46.37 -33.21
CA GLN E 356 21.35 -47.18 -33.30
C GLN E 356 20.62 -47.23 -31.96
N ASN E 357 21.36 -47.40 -30.85
CA ASN E 357 20.70 -47.52 -29.55
C ASN E 357 20.20 -46.19 -29.02
N ILE E 358 20.73 -45.06 -29.51
CA ILE E 358 20.11 -43.77 -29.22
C ILE E 358 18.76 -43.66 -29.91
N SER E 359 18.69 -44.15 -31.16
CA SER E 359 17.43 -44.14 -31.89
C SER E 359 16.41 -45.12 -31.30
N ILE E 360 16.87 -46.27 -30.80
CA ILE E 360 15.98 -47.21 -30.12
C ILE E 360 15.48 -46.61 -28.81
N SER E 361 16.36 -45.89 -28.09
CA SER E 361 15.96 -45.28 -26.82
C SER E 361 14.93 -44.17 -27.01
N THR E 362 15.03 -43.43 -28.11
CA THR E 362 14.01 -42.43 -28.44
C THR E 362 12.67 -43.09 -28.73
N LEU E 363 12.70 -44.22 -29.43
CA LEU E 363 11.47 -44.97 -29.71
C LEU E 363 10.86 -45.52 -28.45
N GLU E 364 11.69 -45.99 -27.51
CA GLU E 364 11.19 -46.45 -26.22
C GLU E 364 10.63 -45.30 -25.40
N GLY E 365 11.26 -44.13 -25.48
CA GLY E 365 10.76 -42.97 -24.75
C GLY E 365 9.42 -42.47 -25.27
N HIS E 366 9.23 -42.51 -26.60
CA HIS E 366 7.95 -42.11 -27.18
C HIS E 366 6.84 -43.08 -26.80
N LEU E 367 7.09 -44.38 -26.90
CA LEU E 367 6.05 -45.36 -26.59
C LEU E 367 5.74 -45.41 -25.10
N SER E 368 6.71 -45.09 -24.24
CA SER E 368 6.46 -45.00 -22.80
C SER E 368 5.50 -43.87 -22.48
N SER E 369 5.67 -42.72 -23.14
CA SER E 369 4.80 -41.57 -22.88
C SER E 369 3.39 -41.81 -23.42
N ILE E 370 3.26 -42.51 -24.54
CA ILE E 370 1.93 -42.77 -25.12
C ILE E 370 1.15 -43.77 -24.28
N MET E 371 1.80 -44.86 -23.84
CA MET E 371 1.07 -45.95 -23.19
C MET E 371 0.61 -45.59 -21.79
N ILE E 372 1.24 -44.60 -21.15
CA ILE E 372 0.89 -44.26 -19.78
C ILE E 372 -0.05 -43.05 -19.74
N ALA E 373 0.00 -42.18 -20.74
CA ALA E 373 -0.98 -41.10 -20.84
C ALA E 373 -2.34 -41.62 -21.33
N ILE E 374 -2.36 -42.69 -22.10
CA ILE E 374 -3.58 -43.26 -22.66
C ILE E 374 -3.93 -44.51 -21.85
N PRO E 375 -5.11 -44.56 -21.22
CA PRO E 375 -5.41 -45.66 -20.30
C PRO E 375 -5.76 -46.95 -21.01
N GLY E 376 -5.48 -48.06 -20.34
CA GLY E 376 -5.77 -49.37 -20.88
C GLY E 376 -4.71 -49.97 -21.78
N LEU E 377 -3.57 -49.32 -21.94
CA LEU E 377 -2.52 -49.73 -22.86
C LEU E 377 -1.24 -50.12 -22.14
N GLY E 378 -1.37 -50.62 -20.90
CA GLY E 378 -0.20 -51.00 -20.13
C GLY E 378 0.39 -52.33 -20.57
N LYS E 379 -0.43 -53.20 -21.16
CA LYS E 379 -0.10 -54.61 -21.43
C LYS E 379 0.33 -55.33 -20.14
N ASP E 380 -0.46 -55.10 -19.09
CA ASP E 380 -0.26 -55.68 -17.76
C ASP E 380 1.13 -55.49 -17.12
N PRO E 381 1.55 -54.23 -16.85
CA PRO E 381 2.79 -54.04 -16.10
C PRO E 381 2.54 -53.80 -14.61
N ASN E 382 1.31 -54.11 -14.15
CA ASN E 382 0.80 -53.78 -12.82
C ASN E 382 0.81 -52.27 -12.58
N ASP E 383 -0.11 -51.58 -13.29
CA ASP E 383 -0.43 -50.17 -13.14
C ASP E 383 0.76 -49.26 -13.46
N PRO E 384 1.01 -48.98 -14.74
CA PRO E 384 2.23 -48.25 -15.15
C PRO E 384 2.38 -46.86 -14.56
N THR E 385 1.27 -46.22 -14.14
CA THR E 385 1.38 -44.97 -13.41
C THR E 385 1.86 -45.15 -11.98
N ALA E 386 1.87 -46.38 -11.48
CA ALA E 386 2.29 -46.68 -10.11
C ALA E 386 3.72 -47.21 -10.04
N ASP E 387 4.61 -46.72 -10.88
CA ASP E 387 6.02 -47.10 -10.85
C ASP E 387 6.84 -46.23 -9.90
N VAL E 388 6.19 -45.32 -9.16
CA VAL E 388 6.90 -44.42 -8.28
C VAL E 388 7.39 -45.16 -7.04
N GLU E 389 8.54 -44.73 -6.51
CA GLU E 389 8.99 -45.17 -5.19
C GLU E 389 8.04 -44.66 -4.12
N ILE E 390 7.80 -45.48 -3.09
CA ILE E 390 6.81 -45.17 -2.08
C ILE E 390 7.57 -45.04 -0.76
N ASN E 391 7.97 -43.80 -0.42
CA ASN E 391 8.37 -43.42 0.94
C ASN E 391 8.28 -41.91 1.19
N PRO E 392 7.11 -41.24 1.02
CA PRO E 392 7.06 -39.81 1.33
C PRO E 392 6.65 -39.56 2.79
N ASP E 393 7.42 -40.14 3.71
CA ASP E 393 7.14 -40.31 5.15
C ASP E 393 5.70 -40.73 5.44
N LEU E 394 5.15 -41.60 4.58
CA LEU E 394 3.72 -41.95 4.65
C LEU E 394 3.48 -43.00 5.73
N LYS E 395 4.00 -44.22 5.49
CA LYS E 395 3.93 -45.44 6.29
C LYS E 395 2.61 -45.68 7.06
N PRO E 396 1.46 -45.87 6.38
CA PRO E 396 0.23 -46.17 7.14
C PRO E 396 0.19 -47.61 7.60
N ILE E 397 0.82 -48.49 6.84
CA ILE E 397 0.83 -49.92 7.15
C ILE E 397 1.80 -50.22 8.28
N VAL F 52 -3.32 33.29 -20.12
CA VAL F 52 -2.08 33.28 -19.37
C VAL F 52 -0.97 33.96 -20.14
N SER F 53 -0.39 35.01 -19.54
CA SER F 53 0.72 35.72 -20.16
C SER F 53 2.01 34.89 -20.04
N ALA F 54 3.03 35.33 -20.77
CA ALA F 54 4.31 34.62 -20.76
C ALA F 54 5.06 34.79 -19.46
N ASN F 55 4.85 35.92 -18.76
CA ASN F 55 5.55 36.19 -17.52
C ASN F 55 5.12 35.25 -16.41
N HIS F 56 3.81 35.02 -16.28
CA HIS F 56 3.27 34.11 -15.27
C HIS F 56 3.73 32.67 -15.53
N ALA F 57 3.73 32.26 -16.80
CA ALA F 57 4.19 30.93 -17.16
C ALA F 57 5.68 30.76 -16.89
N SER F 58 6.47 31.82 -17.12
CA SER F 58 7.90 31.77 -16.83
C SER F 58 8.17 31.64 -15.33
N GLN F 59 7.40 32.37 -14.51
CA GLN F 59 7.53 32.26 -13.05
C GLN F 59 7.18 30.86 -12.55
N GLN F 60 6.08 30.31 -13.07
CA GLN F 60 5.66 28.97 -12.63
C GLN F 60 6.64 27.90 -13.12
N LEU F 61 7.22 28.11 -14.31
CA LEU F 61 8.25 27.21 -14.82
C LEU F 61 9.51 27.23 -13.96
N ASP F 62 9.91 28.42 -13.49
CA ASP F 62 11.06 28.50 -12.59
C ASP F 62 10.80 27.80 -11.26
N GLN F 63 9.58 27.94 -10.72
CA GLN F 63 9.21 27.23 -9.50
C GLN F 63 9.25 25.71 -9.69
N LEU F 64 8.74 25.24 -10.84
CA LEU F 64 8.73 23.81 -11.14
C LEU F 64 10.14 23.25 -11.32
N LYS F 65 11.03 24.04 -11.94
CA LYS F 65 12.43 23.64 -12.09
C LYS F 65 13.12 23.55 -10.72
N ALA F 66 12.79 24.48 -9.81
CA ALA F 66 13.35 24.41 -8.45
C ALA F 66 12.89 23.16 -7.71
N VAL F 67 11.62 22.78 -7.87
CA VAL F 67 11.10 21.57 -7.22
C VAL F 67 11.78 20.31 -7.77
N HIS F 68 11.95 20.23 -9.09
CA HIS F 68 12.62 19.07 -9.69
C HIS F 68 14.09 18.98 -9.28
N LEU F 69 14.77 20.13 -9.19
CA LEU F 69 16.16 20.15 -8.73
C LEU F 69 16.27 19.67 -7.29
N ALA F 70 15.33 20.08 -6.43
CA ALA F 70 15.34 19.63 -5.03
C ALA F 70 15.14 18.12 -4.92
N SER F 71 14.22 17.58 -5.73
CA SER F 71 13.99 16.12 -5.71
C SER F 71 15.22 15.35 -6.20
N ALA F 72 15.89 15.87 -7.24
CA ALA F 72 17.12 15.25 -7.73
C ALA F 72 18.22 15.29 -6.68
N VAL F 73 18.34 16.40 -5.95
CA VAL F 73 19.35 16.52 -4.90
C VAL F 73 19.09 15.52 -3.77
N ARG F 74 17.82 15.35 -3.38
CA ARG F 74 17.48 14.39 -2.32
C ARG F 74 17.82 12.96 -2.73
N ASP F 75 17.45 12.57 -3.96
CA ASP F 75 17.75 11.21 -4.43
C ASP F 75 19.25 10.97 -4.55
N LEU F 76 19.99 11.97 -5.04
CA LEU F 76 21.44 11.86 -5.16
C LEU F 76 22.12 11.73 -3.80
N GLU F 77 21.61 12.47 -2.81
CA GLU F 77 22.15 12.39 -1.45
C GLU F 77 21.93 11.00 -0.86
N ARG F 78 20.74 10.42 -1.08
CA ARG F 78 20.48 9.07 -0.60
C ARG F 78 21.39 8.04 -1.26
N ALA F 79 21.60 8.17 -2.58
CA ALA F 79 22.48 7.24 -3.31
C ALA F 79 23.92 7.33 -2.82
N MET F 80 24.42 8.54 -2.64
CA MET F 80 25.82 8.70 -2.24
C MET F 80 26.04 8.31 -0.79
N THR F 81 25.04 8.51 0.08
CA THR F 81 25.13 8.01 1.45
C THR F 81 25.16 6.50 1.48
N THR F 82 24.35 5.85 0.64
CA THR F 82 24.35 4.38 0.54
C THR F 82 25.70 3.87 0.03
N LEU F 83 26.32 4.57 -0.92
CA LEU F 83 27.67 4.21 -1.36
C LEU F 83 28.70 4.38 -0.24
N LYS F 84 28.60 5.46 0.54
CA LYS F 84 29.65 5.74 1.53
C LYS F 84 29.58 4.79 2.73
N LEU F 85 28.38 4.50 3.23
CA LEU F 85 28.24 3.79 4.50
C LEU F 85 28.74 2.34 4.49
N TRP F 86 28.99 1.77 3.31
CA TRP F 86 29.54 0.41 3.24
C TRP F 86 30.84 0.37 2.43
N ALA F 97 43.42 10.19 11.25
CA ALA F 97 43.02 11.51 10.79
C ALA F 97 41.66 11.46 10.08
N LEU F 98 41.10 12.63 9.77
CA LEU F 98 39.81 12.70 9.09
C LEU F 98 39.93 13.36 7.72
N GLY F 99 41.05 13.16 7.03
CA GLY F 99 41.20 13.61 5.66
C GLY F 99 40.18 12.98 4.72
N TYR F 100 39.22 13.79 4.27
CA TYR F 100 38.17 13.33 3.40
C TYR F 100 38.66 13.11 1.97
N SER F 101 37.86 12.39 1.20
CA SER F 101 38.23 11.97 -0.15
C SER F 101 37.11 12.39 -1.12
N VAL F 102 37.15 11.82 -2.33
CA VAL F 102 36.37 12.30 -3.47
C VAL F 102 34.85 12.17 -3.25
N ILE F 103 34.40 11.21 -2.44
CA ILE F 103 32.98 11.15 -2.14
C ILE F 103 32.64 11.77 -0.78
N MET F 104 33.57 11.72 0.18
CA MET F 104 33.35 12.37 1.47
C MET F 104 33.30 13.88 1.33
N PHE F 105 34.03 14.44 0.36
CA PHE F 105 33.81 15.83 -0.03
C PHE F 105 32.41 16.02 -0.60
N MET F 106 32.01 15.07 -1.47
CA MET F 106 30.89 15.24 -2.41
C MET F 106 29.59 15.56 -1.69
N ILE F 107 29.23 14.71 -0.71
CA ILE F 107 27.96 14.81 0.00
C ILE F 107 27.86 16.12 0.77
N THR F 108 29.00 16.67 1.21
CA THR F 108 28.98 17.93 1.95
C THR F 108 28.39 19.05 1.10
N ALA F 109 28.81 19.13 -0.17
CA ALA F 109 28.21 20.10 -1.08
C ALA F 109 26.73 19.79 -1.31
N VAL F 110 26.42 18.50 -1.44
CA VAL F 110 25.03 18.07 -1.57
C VAL F 110 24.25 18.38 -0.30
N LYS F 111 24.91 18.29 0.87
CA LYS F 111 24.24 18.65 2.10
C LYS F 111 23.95 20.15 2.14
N ARG F 112 24.82 20.97 1.56
CA ARG F 112 24.50 22.39 1.44
C ARG F 112 23.35 22.60 0.48
N LEU F 113 23.22 21.73 -0.53
CA LEU F 113 22.06 21.82 -1.41
C LEU F 113 20.81 21.26 -0.75
N ARG F 114 20.96 20.49 0.34
CA ARG F 114 19.77 19.97 1.00
C ARG F 114 19.23 20.97 2.02
N GLU F 115 20.10 21.80 2.59
CA GLU F 115 19.71 22.81 3.57
C GLU F 115 19.47 24.18 2.95
N SER F 116 19.33 24.23 1.62
CA SER F 116 18.93 25.42 0.85
C SER F 116 19.89 26.60 1.03
N LYS F 117 21.19 26.32 0.94
CA LYS F 117 22.21 27.36 0.88
C LYS F 117 23.15 27.07 -0.28
N MET F 118 23.48 28.11 -1.04
CA MET F 118 24.04 27.96 -2.38
C MET F 118 25.56 27.85 -2.37
N LEU F 119 26.09 27.20 -3.41
CA LEU F 119 27.53 27.11 -3.62
C LEU F 119 28.06 28.44 -4.14
N THR F 120 29.14 28.92 -3.53
CA THR F 120 29.63 30.27 -3.73
C THR F 120 31.16 30.21 -3.82
N LEU F 121 31.75 31.15 -4.56
CA LEU F 121 33.20 31.25 -4.68
C LEU F 121 33.88 31.46 -3.32
N SER F 122 33.24 32.21 -2.43
CA SER F 122 33.79 32.43 -1.10
C SER F 122 33.79 31.16 -0.27
N TRP F 123 32.77 30.30 -0.46
CA TRP F 123 32.76 29.00 0.19
C TRP F 123 33.89 28.12 -0.33
N PHE F 124 34.19 28.21 -1.63
CA PHE F 124 35.29 27.44 -2.19
C PHE F 124 36.63 27.93 -1.66
N ASN F 125 36.78 29.25 -1.47
CA ASN F 125 38.01 29.79 -0.89
C ASN F 125 38.18 29.35 0.56
N GLN F 126 37.08 29.35 1.34
CA GLN F 126 37.12 28.84 2.70
C GLN F 126 37.46 27.36 2.74
N ALA F 127 36.88 26.58 1.82
CA ALA F 127 37.14 25.15 1.76
C ALA F 127 38.57 24.85 1.30
N LEU F 128 39.15 25.72 0.48
CA LEU F 128 40.56 25.56 0.14
C LEU F 128 41.45 25.92 1.32
N MET F 129 41.07 26.93 2.10
CA MET F 129 41.90 27.33 3.24
C MET F 129 41.84 26.32 4.38
N VAL F 130 40.73 25.61 4.54
CA VAL F 130 40.68 24.63 5.62
C VAL F 130 41.38 23.32 5.22
N ILE F 131 41.47 23.03 3.92
CA ILE F 131 42.05 21.79 3.43
C ILE F 131 43.47 22.04 2.86
N ALA F 132 44.01 23.24 3.13
CA ALA F 132 45.25 23.69 2.50
C ALA F 132 46.53 22.85 2.72
N PRO F 133 46.82 22.27 3.90
CA PRO F 133 48.07 21.48 4.00
C PRO F 133 48.13 20.23 3.12
N SER F 134 46.99 19.61 2.80
CA SER F 134 46.97 18.40 1.98
C SER F 134 46.59 18.78 0.56
N GLN F 135 47.57 18.68 -0.36
CA GLN F 135 47.34 19.05 -1.76
C GLN F 135 46.52 18.01 -2.50
N GLU F 136 46.69 16.72 -2.15
CA GLU F 136 45.91 15.65 -2.76
C GLU F 136 44.44 15.81 -2.45
N GLU F 137 44.12 16.24 -1.22
CA GLU F 137 42.73 16.44 -0.83
C GLU F 137 42.13 17.67 -1.52
N THR F 138 42.92 18.72 -1.75
CA THR F 138 42.43 19.86 -2.52
C THR F 138 42.15 19.46 -3.97
N MET F 139 43.00 18.59 -4.53
CA MET F 139 42.73 18.03 -5.85
C MET F 139 41.45 17.21 -5.83
N ASN F 140 41.22 16.45 -4.75
CA ASN F 140 40.00 15.65 -4.61
C ASN F 140 38.75 16.53 -4.59
N LEU F 141 38.79 17.65 -3.85
CA LEU F 141 37.61 18.49 -3.77
C LEU F 141 37.36 19.25 -5.08
N LYS F 142 38.43 19.67 -5.77
CA LYS F 142 38.26 20.30 -7.07
C LYS F 142 37.69 19.32 -8.09
N THR F 143 38.16 18.07 -8.08
CA THR F 143 37.58 17.06 -8.96
C THR F 143 36.12 16.77 -8.59
N ALA F 144 35.79 16.77 -7.29
CA ALA F 144 34.41 16.52 -6.86
C ALA F 144 33.46 17.62 -7.32
N MET F 145 33.90 18.88 -7.24
CA MET F 145 33.08 19.95 -7.79
C MET F 145 33.00 19.88 -9.32
N TRP F 146 34.03 19.33 -9.98
CA TRP F 146 33.90 19.10 -11.41
C TRP F 146 32.91 17.98 -11.71
N ILE F 147 32.82 16.96 -10.83
CA ILE F 147 31.81 15.92 -10.97
C ILE F 147 30.42 16.53 -10.88
N LEU F 148 30.21 17.40 -9.88
CA LEU F 148 28.92 18.09 -9.74
C LEU F 148 28.63 19.02 -10.91
N ALA F 149 29.67 19.60 -11.52
CA ALA F 149 29.47 20.38 -12.73
C ALA F 149 28.99 19.50 -13.88
N ASN F 150 29.50 18.27 -13.97
CA ASN F 150 29.04 17.37 -15.01
C ASN F 150 27.64 16.82 -14.75
N LEU F 151 27.28 16.60 -13.47
CA LEU F 151 25.99 15.97 -13.19
C LEU F 151 24.81 16.91 -13.42
N ILE F 152 24.95 18.17 -13.03
CA ILE F 152 23.82 19.10 -13.07
C ILE F 152 23.70 19.68 -14.47
N PRO F 153 22.51 19.66 -15.08
CA PRO F 153 22.33 20.27 -16.40
C PRO F 153 22.51 21.77 -16.36
N ARG F 154 23.01 22.31 -17.49
CA ARG F 154 23.50 23.69 -17.58
C ARG F 154 22.44 24.75 -17.31
N ASP F 155 21.16 24.42 -17.49
CA ASP F 155 20.09 25.35 -17.16
C ASP F 155 20.01 25.62 -15.66
N MET F 156 20.26 24.59 -14.83
CA MET F 156 20.05 24.68 -13.40
C MET F 156 21.30 25.09 -12.62
N LEU F 157 22.44 25.21 -13.30
CA LEU F 157 23.64 25.81 -12.69
C LEU F 157 23.42 27.26 -12.30
N SER F 158 22.49 27.97 -12.95
CA SER F 158 22.09 29.28 -12.47
C SER F 158 21.39 29.21 -11.13
N LEU F 159 20.65 28.13 -10.88
CA LEU F 159 20.00 27.94 -9.59
C LEU F 159 20.96 27.47 -8.51
N THR F 160 21.97 26.66 -8.87
CA THR F 160 22.88 26.14 -7.84
C THR F 160 23.78 27.23 -7.26
N GLY F 161 24.28 28.12 -8.09
CA GLY F 161 25.15 29.16 -7.56
C GLY F 161 26.14 29.62 -8.62
N ASP F 162 27.32 30.01 -8.15
CA ASP F 162 28.34 30.61 -8.99
C ASP F 162 29.51 29.68 -9.31
N LEU F 163 29.75 28.65 -8.49
CA LEU F 163 30.89 27.76 -8.68
C LEU F 163 30.74 26.93 -9.95
N LEU F 164 29.59 26.32 -10.13
CA LEU F 164 29.42 25.34 -11.19
C LEU F 164 29.34 25.96 -12.59
N PRO F 165 28.76 27.16 -12.82
CA PRO F 165 28.99 27.82 -14.12
C PRO F 165 30.44 28.12 -14.44
N SER F 166 31.26 28.41 -13.44
CA SER F 166 32.68 28.60 -13.70
C SER F 166 33.38 27.27 -13.99
N LEU F 167 32.98 26.21 -13.29
CA LEU F 167 33.62 24.91 -13.44
C LEU F 167 33.13 24.12 -14.63
N TRP F 168 32.02 24.53 -15.26
CA TRP F 168 31.56 23.87 -16.48
C TRP F 168 32.51 24.12 -17.64
N GLY F 169 33.14 25.29 -17.68
CA GLY F 169 34.09 25.58 -18.75
C GLY F 169 35.35 24.75 -18.69
N SER F 170 35.85 24.50 -17.48
CA SER F 170 37.08 23.74 -17.31
C SER F 170 36.86 22.26 -17.60
N GLY F 171 37.87 21.62 -18.19
CA GLY F 171 37.77 20.22 -18.55
C GLY F 171 39.11 19.54 -18.44
N LEU F 172 39.05 18.21 -18.35
CA LEU F 172 40.27 17.41 -18.24
C LEU F 172 41.04 17.38 -19.54
N LEU F 173 42.37 17.47 -19.44
CA LEU F 173 43.22 17.41 -20.62
C LEU F 173 43.33 15.99 -21.16
N MET F 174 43.48 15.00 -20.29
CA MET F 174 43.65 13.62 -20.69
C MET F 174 42.86 12.72 -19.75
N LEU F 175 42.43 11.56 -20.26
CA LEU F 175 41.67 10.60 -19.49
C LEU F 175 42.57 9.91 -18.46
N LYS G 65 26.23 -7.22 0.34
CA LYS G 65 26.71 -5.91 -0.09
C LYS G 65 26.22 -5.61 -1.50
N ALA G 66 25.71 -6.64 -2.17
CA ALA G 66 25.06 -6.46 -3.46
C ALA G 66 23.74 -5.73 -3.29
N VAL G 67 23.06 -5.94 -2.16
CA VAL G 67 21.84 -5.19 -1.86
C VAL G 67 22.14 -3.70 -1.67
N HIS G 68 23.32 -3.37 -1.13
CA HIS G 68 23.69 -1.97 -0.97
C HIS G 68 24.04 -1.32 -2.31
N LEU G 69 24.66 -2.07 -3.23
CA LEU G 69 25.01 -1.56 -4.55
C LEU G 69 23.77 -1.31 -5.38
N ALA G 70 22.95 -2.34 -5.57
CA ALA G 70 21.70 -2.32 -6.33
C ALA G 70 20.75 -1.18 -5.95
N SER G 71 20.60 -0.93 -4.65
CA SER G 71 19.70 0.13 -4.20
C SER G 71 20.22 1.51 -4.58
N ALA G 72 21.54 1.71 -4.54
CA ALA G 72 22.11 2.98 -4.95
C ALA G 72 22.01 3.19 -6.46
N VAL G 73 22.02 2.10 -7.24
CA VAL G 73 21.82 2.19 -8.68
C VAL G 73 20.40 2.67 -9.00
N ARG G 74 19.42 2.20 -8.22
CA ARG G 74 18.04 2.68 -8.34
C ARG G 74 17.94 4.17 -8.03
N ASP G 75 18.63 4.61 -6.97
CA ASP G 75 18.53 6.00 -6.54
C ASP G 75 19.29 6.93 -7.48
N LEU G 76 20.42 6.47 -8.03
CA LEU G 76 21.13 7.25 -9.04
C LEU G 76 20.32 7.38 -10.32
N GLU G 77 19.61 6.31 -10.71
CA GLU G 77 18.80 6.34 -11.92
C GLU G 77 17.62 7.30 -11.77
N ARG G 78 17.02 7.35 -10.58
CA ARG G 78 15.96 8.31 -10.30
C ARG G 78 16.48 9.74 -10.33
N ALA G 79 17.68 9.96 -9.77
CA ALA G 79 18.24 11.31 -9.72
C ALA G 79 18.63 11.81 -11.10
N MET G 80 19.27 10.95 -11.92
CA MET G 80 19.70 11.37 -13.24
C MET G 80 18.52 11.57 -14.19
N THR G 81 17.43 10.82 -14.00
CA THR G 81 16.25 11.00 -14.82
C THR G 81 15.58 12.35 -14.53
N THR G 82 15.46 12.71 -13.26
CA THR G 82 14.83 13.97 -12.89
C THR G 82 15.68 15.17 -13.27
N LEU G 83 17.00 15.00 -13.34
CA LEU G 83 17.86 16.05 -13.89
C LEU G 83 17.66 16.18 -15.38
N LYS G 84 17.45 15.06 -16.07
CA LYS G 84 17.43 15.04 -17.54
C LYS G 84 16.18 15.71 -18.10
N LEU G 85 15.05 15.63 -17.38
CA LEU G 85 13.80 16.22 -17.87
C LEU G 85 13.88 17.74 -17.99
N TRP G 86 14.74 18.39 -17.20
CA TRP G 86 14.90 19.83 -17.24
C TRP G 86 16.34 20.14 -17.65
N GLU G 87 16.53 20.32 -18.96
CA GLU G 87 17.85 20.63 -19.51
C GLU G 87 17.64 21.37 -20.82
N SER G 88 18.07 22.62 -20.89
CA SER G 88 18.00 23.39 -22.13
C SER G 88 19.03 22.90 -23.14
N PRO G 89 20.24 22.42 -22.73
CA PRO G 89 20.94 21.59 -23.72
C PRO G 89 20.21 20.30 -24.08
N GLY G 99 22.99 11.93 -30.41
CA GLY G 99 24.11 11.33 -29.73
C GLY G 99 23.99 11.40 -28.22
N TYR G 100 24.40 10.32 -27.55
CA TYR G 100 24.28 10.22 -26.10
C TYR G 100 25.46 10.95 -25.46
N SER G 101 25.17 12.15 -24.95
CA SER G 101 26.15 13.08 -24.43
C SER G 101 26.40 12.83 -22.95
N VAL G 102 27.00 13.81 -22.26
CA VAL G 102 27.17 13.78 -20.82
C VAL G 102 25.80 13.64 -20.15
N ILE G 103 25.74 12.78 -19.11
CA ILE G 103 24.59 12.39 -18.30
C ILE G 103 23.67 11.44 -19.03
N MET G 104 23.35 11.72 -20.31
CA MET G 104 22.49 10.82 -21.07
C MET G 104 23.16 9.46 -21.29
N PHE G 105 24.46 9.47 -21.61
CA PHE G 105 25.25 8.24 -21.66
C PHE G 105 25.37 7.60 -20.28
N MET G 106 25.40 8.42 -19.22
CA MET G 106 25.47 7.87 -17.87
C MET G 106 24.16 7.18 -17.48
N ILE G 107 23.03 7.72 -17.95
CA ILE G 107 21.73 7.06 -17.79
C ILE G 107 21.72 5.73 -18.52
N THR G 108 22.31 5.69 -19.72
CA THR G 108 22.43 4.43 -20.45
C THR G 108 23.26 3.40 -19.69
N ALA G 109 24.37 3.84 -19.09
CA ALA G 109 25.23 2.92 -18.33
C ALA G 109 24.55 2.44 -17.06
N VAL G 110 23.83 3.34 -16.36
CA VAL G 110 23.11 2.93 -15.14
C VAL G 110 21.95 2.00 -15.49
N LYS G 111 21.29 2.23 -16.63
CA LYS G 111 20.26 1.30 -17.10
C LYS G 111 20.84 -0.07 -17.45
N ARG G 112 22.06 -0.10 -17.98
CA ARG G 112 22.74 -1.39 -18.18
C ARG G 112 23.08 -2.05 -16.86
N LEU G 113 23.41 -1.26 -15.83
CA LEU G 113 23.59 -1.82 -14.50
C LEU G 113 22.27 -2.32 -13.90
N ARG G 114 21.15 -1.70 -14.28
CA ARG G 114 19.84 -2.15 -13.83
C ARG G 114 19.47 -3.49 -14.43
N GLU G 115 19.91 -3.75 -15.67
CA GLU G 115 19.58 -4.97 -16.38
C GLU G 115 20.53 -6.13 -16.05
N SER G 116 21.34 -5.99 -15.00
CA SER G 116 22.37 -6.94 -14.55
C SER G 116 23.41 -7.20 -15.63
N LYS G 117 23.65 -6.25 -16.53
CA LYS G 117 24.72 -6.38 -17.51
C LYS G 117 26.03 -5.91 -16.92
N MET G 118 27.09 -6.65 -17.20
CA MET G 118 28.41 -6.36 -16.63
C MET G 118 29.18 -5.43 -17.54
N LEU G 119 29.88 -4.47 -16.95
CA LEU G 119 30.69 -3.52 -17.70
C LEU G 119 31.96 -4.22 -18.17
N THR G 120 32.11 -4.40 -19.48
CA THR G 120 33.21 -5.13 -20.07
C THR G 120 34.02 -4.22 -20.99
N LEU G 121 35.27 -4.63 -21.23
CA LEU G 121 36.15 -3.90 -22.14
C LEU G 121 35.61 -3.93 -23.57
N SER G 122 35.00 -5.04 -23.97
CA SER G 122 34.47 -5.19 -25.32
C SER G 122 33.30 -4.23 -25.56
N TRP G 123 32.47 -4.00 -24.54
CA TRP G 123 31.36 -3.07 -24.68
C TRP G 123 31.84 -1.64 -24.87
N PHE G 124 32.87 -1.23 -24.12
CA PHE G 124 33.40 0.13 -24.26
C PHE G 124 34.13 0.31 -25.59
N ASN G 125 34.86 -0.71 -26.04
CA ASN G 125 35.49 -0.64 -27.35
C ASN G 125 34.45 -0.59 -28.47
N GLN G 126 33.37 -1.37 -28.34
CA GLN G 126 32.27 -1.35 -29.31
C GLN G 126 31.58 0.02 -29.34
N ALA G 127 31.37 0.61 -28.16
CA ALA G 127 30.79 1.95 -28.09
C ALA G 127 31.73 3.00 -28.66
N LEU G 128 33.05 2.78 -28.56
CA LEU G 128 33.99 3.66 -29.24
C LEU G 128 33.89 3.52 -30.76
N MET G 129 33.68 2.30 -31.24
CA MET G 129 33.53 2.09 -32.69
C MET G 129 32.23 2.69 -33.23
N VAL G 130 31.15 2.66 -32.45
CA VAL G 130 29.88 3.22 -32.94
C VAL G 130 29.95 4.74 -33.01
N ILE G 131 30.50 5.38 -31.98
CA ILE G 131 30.49 6.84 -31.88
C ILE G 131 31.82 7.42 -32.38
N ALA G 132 32.54 6.67 -33.21
CA ALA G 132 33.84 7.11 -33.71
C ALA G 132 33.85 8.40 -34.55
N PRO G 133 32.90 8.70 -35.47
CA PRO G 133 32.99 9.98 -36.21
C PRO G 133 32.91 11.24 -35.36
N SER G 134 32.15 11.24 -34.26
CA SER G 134 31.96 12.43 -33.45
C SER G 134 32.94 12.41 -32.29
N GLN G 135 33.99 13.24 -32.39
CA GLN G 135 35.06 13.24 -31.39
C GLN G 135 34.60 13.83 -30.06
N GLU G 136 33.75 14.86 -30.11
CA GLU G 136 33.24 15.49 -28.90
C GLU G 136 32.38 14.52 -28.10
N GLU G 137 31.62 13.67 -28.79
CA GLU G 137 30.82 12.67 -28.10
C GLU G 137 31.67 11.56 -27.51
N THR G 138 32.82 11.26 -28.14
CA THR G 138 33.78 10.35 -27.50
C THR G 138 34.33 10.94 -26.22
N MET G 139 34.63 12.25 -26.22
CA MET G 139 35.05 12.91 -24.99
C MET G 139 33.94 12.89 -23.94
N ASN G 140 32.69 13.08 -24.36
CA ASN G 140 31.56 13.01 -23.43
C ASN G 140 31.41 11.64 -22.81
N LEU G 141 31.53 10.57 -23.60
CA LEU G 141 31.36 9.24 -23.04
C LEU G 141 32.54 8.85 -22.15
N LYS G 142 33.76 9.29 -22.50
CA LYS G 142 34.91 9.04 -21.63
C LYS G 142 34.78 9.78 -20.30
N THR G 143 34.30 11.03 -20.34
CA THR G 143 34.07 11.77 -19.10
C THR G 143 32.98 11.14 -18.25
N ALA G 144 31.90 10.65 -18.88
CA ALA G 144 30.81 10.03 -18.13
C ALA G 144 31.25 8.71 -17.49
N MET G 145 32.05 7.92 -18.21
CA MET G 145 32.62 6.72 -17.59
C MET G 145 33.61 7.07 -16.49
N TRP G 146 34.28 8.22 -16.59
CA TRP G 146 35.14 8.65 -15.49
C TRP G 146 34.33 9.11 -14.29
N ILE G 147 33.15 9.71 -14.51
CA ILE G 147 32.21 10.02 -13.43
C ILE G 147 31.84 8.75 -12.68
N LEU G 148 31.44 7.72 -13.43
CA LEU G 148 31.03 6.46 -12.82
C LEU G 148 32.20 5.72 -12.18
N ALA G 149 33.43 5.97 -12.67
CA ALA G 149 34.60 5.40 -12.02
C ALA G 149 34.89 6.07 -10.69
N ASN G 150 34.82 7.40 -10.64
CA ASN G 150 35.17 8.11 -9.41
C ASN G 150 34.10 8.03 -8.33
N LEU G 151 32.82 7.94 -8.71
CA LEU G 151 31.77 7.97 -7.68
C LEU G 151 31.62 6.65 -6.92
N ILE G 152 32.09 5.54 -7.48
CA ILE G 152 31.86 4.23 -6.88
C ILE G 152 33.07 3.82 -6.06
N PRO G 153 32.88 3.30 -4.83
CA PRO G 153 34.02 2.88 -4.01
C PRO G 153 34.77 1.69 -4.60
N ARG G 154 36.03 1.58 -4.20
CA ARG G 154 36.96 0.62 -4.81
C ARG G 154 36.69 -0.82 -4.39
N ASP G 155 35.99 -1.06 -3.29
CA ASP G 155 35.67 -2.43 -2.90
C ASP G 155 34.61 -3.05 -3.81
N MET G 156 33.60 -2.27 -4.18
CA MET G 156 32.52 -2.71 -5.04
C MET G 156 32.84 -2.49 -6.51
N LEU G 157 34.03 -1.96 -6.80
CA LEU G 157 34.35 -1.42 -8.12
C LEU G 157 34.52 -2.53 -9.14
N SER G 158 35.07 -3.67 -8.73
CA SER G 158 35.13 -4.84 -9.61
C SER G 158 33.77 -5.52 -9.74
N LEU G 159 32.91 -5.37 -8.73
CA LEU G 159 31.55 -5.89 -8.85
C LEU G 159 30.73 -5.09 -9.85
N THR G 160 31.08 -3.82 -10.07
CA THR G 160 30.50 -3.08 -11.19
C THR G 160 30.91 -3.68 -12.53
N GLY G 161 32.20 -3.92 -12.71
CA GLY G 161 32.69 -4.45 -13.97
C GLY G 161 34.18 -4.26 -14.12
N ASP G 162 34.68 -4.61 -15.30
CA ASP G 162 36.11 -4.53 -15.58
C ASP G 162 36.55 -3.16 -16.03
N LEU G 163 35.62 -2.31 -16.50
CA LEU G 163 35.99 -0.99 -17.00
C LEU G 163 36.44 -0.06 -15.88
N LEU G 164 35.73 -0.09 -14.77
CA LEU G 164 35.85 0.93 -13.74
C LEU G 164 37.14 0.90 -12.90
N PRO G 165 37.76 -0.25 -12.57
CA PRO G 165 39.13 -0.16 -12.01
C PRO G 165 40.16 0.42 -12.97
N SER G 166 40.05 0.08 -14.26
CA SER G 166 41.00 0.61 -15.25
C SER G 166 40.79 2.11 -15.44
N LEU G 167 39.54 2.57 -15.37
CA LEU G 167 39.26 4.00 -15.42
C LEU G 167 39.57 4.71 -14.11
N TRP G 168 39.58 3.98 -12.99
CA TRP G 168 40.11 4.51 -11.74
C TRP G 168 41.62 4.71 -11.83
N GLY G 169 42.30 3.86 -12.61
CA GLY G 169 43.72 4.08 -12.85
C GLY G 169 44.00 5.34 -13.64
N SER G 170 43.09 5.73 -14.54
CA SER G 170 43.24 6.95 -15.31
C SER G 170 42.95 8.18 -14.46
N GLY G 171 43.52 9.32 -14.88
CA GLY G 171 43.33 10.57 -14.17
C GLY G 171 43.52 11.75 -15.09
N LEU G 172 43.14 12.92 -14.59
CA LEU G 172 43.24 14.16 -15.35
C LEU G 172 44.63 14.78 -15.20
N LEU G 173 45.12 15.39 -16.28
CA LEU G 173 46.39 16.11 -16.22
C LEU G 173 46.19 17.52 -15.64
N MET G 174 45.11 18.19 -16.01
CA MET G 174 44.88 19.57 -15.61
C MET G 174 43.38 19.78 -15.46
N LEU G 175 42.99 20.72 -14.60
CA LEU G 175 41.60 21.04 -14.35
C LEU G 175 40.90 21.62 -15.58
#